data_6TLY
# 
_entry.id   6TLY 
# 
_audit_conform.dict_name       mmcif_pdbx.dic 
_audit_conform.dict_version    5.392 
_audit_conform.dict_location   http://mmcif.pdb.org/dictionaries/ascii/mmcif_pdbx.dic 
# 
loop_
_database_2.database_id 
_database_2.database_code 
_database_2.pdbx_database_accession 
_database_2.pdbx_DOI 
PDB   6TLY         pdb_00006tly 10.2210/pdb6tly/pdb 
WWPDB D_1292105634 ?            ?                   
# 
loop_
_pdbx_audit_revision_history.ordinal 
_pdbx_audit_revision_history.data_content_type 
_pdbx_audit_revision_history.major_revision 
_pdbx_audit_revision_history.minor_revision 
_pdbx_audit_revision_history.revision_date 
1 'Structure model' 1 0 2019-12-25 
2 'Structure model' 1 1 2021-06-16 
3 'Structure model' 1 2 2024-05-15 
# 
_pdbx_audit_revision_details.ordinal             1 
_pdbx_audit_revision_details.revision_ordinal    1 
_pdbx_audit_revision_details.data_content_type   'Structure model' 
_pdbx_audit_revision_details.provider            repository 
_pdbx_audit_revision_details.type                'Initial release' 
_pdbx_audit_revision_details.description         ? 
_pdbx_audit_revision_details.details             ? 
# 
loop_
_pdbx_audit_revision_group.ordinal 
_pdbx_audit_revision_group.revision_ordinal 
_pdbx_audit_revision_group.data_content_type 
_pdbx_audit_revision_group.group 
1 2 'Structure model' 'Database references' 
2 3 'Structure model' 'Data collection'     
3 3 'Structure model' 'Database references' 
# 
loop_
_pdbx_audit_revision_category.ordinal 
_pdbx_audit_revision_category.revision_ordinal 
_pdbx_audit_revision_category.data_content_type 
_pdbx_audit_revision_category.category 
1 2 'Structure model' citation        
2 2 'Structure model' citation_author 
3 3 'Structure model' chem_comp_atom  
4 3 'Structure model' chem_comp_bond  
5 3 'Structure model' database_2      
# 
loop_
_pdbx_audit_revision_item.ordinal 
_pdbx_audit_revision_item.revision_ordinal 
_pdbx_audit_revision_item.data_content_type 
_pdbx_audit_revision_item.item 
1  2 'Structure model' '_citation.journal_abbrev'            
2  2 'Structure model' '_citation.journal_id_ASTM'           
3  2 'Structure model' '_citation.journal_id_CSD'            
4  2 'Structure model' '_citation.journal_id_ISSN'           
5  2 'Structure model' '_citation.journal_volume'            
6  2 'Structure model' '_citation.pdbx_database_id_DOI'      
7  2 'Structure model' '_citation.pdbx_database_id_PubMed'   
8  2 'Structure model' '_citation.title'                     
9  2 'Structure model' '_citation.year'                      
10 2 'Structure model' '_citation_author.identifier_ORCID'   
11 2 'Structure model' '_citation_author.name'               
12 3 'Structure model' '_database_2.pdbx_DOI'                
13 3 'Structure model' '_database_2.pdbx_database_accession' 
# 
_pdbx_database_status.status_code                     REL 
_pdbx_database_status.status_code_sf                  REL 
_pdbx_database_status.status_code_mr                  ? 
_pdbx_database_status.entry_id                        6TLY 
_pdbx_database_status.recvd_initial_deposition_date   2019-12-03 
_pdbx_database_status.SG_entry                        N 
_pdbx_database_status.deposit_site                    PDBE 
_pdbx_database_status.process_site                    PDBE 
_pdbx_database_status.status_code_cs                  ? 
_pdbx_database_status.methods_development_category    ? 
_pdbx_database_status.pdb_format_compatible           Y 
_pdbx_database_status.status_code_nmr_data            ? 
# 
loop_
_audit_author.name 
_audit_author.pdbx_ordinal 
_audit_author.identifier_ORCID 
'Marciano, G.'  1 0000-0003-2720-652X 
'Nerusheva, O.' 2 0000-0002-8889-1332 
'Ishii, M.'     3 0000-0001-9597-9458 
'Akiyoshi, B.'  4 0000-0001-6010-394X 
# 
_citation.abstract                  ? 
_citation.abstract_id_CAS           ? 
_citation.book_id_ISBN              ? 
_citation.book_publisher            ? 
_citation.book_publisher_city       ? 
_citation.book_title                ? 
_citation.coordinate_linkage        ? 
_citation.country                   US 
_citation.database_id_Medline       ? 
_citation.details                   ? 
_citation.id                        primary 
_citation.journal_abbrev            'J.Cell Biol.' 
_citation.journal_id_ASTM           JCLBA3 
_citation.journal_id_CSD            2019 
_citation.journal_id_ISSN           1540-8140 
_citation.journal_full              ? 
_citation.journal_issue             ? 
_citation.journal_volume            220 
_citation.language                  ? 
_citation.page_first                ? 
_citation.page_last                 ? 
_citation.title                     'Kinetoplastid kinetochore proteins KKT2 and KKT3 have unique centromere localization domains.' 
_citation.year                      2021 
_citation.database_id_CSD           ? 
_citation.pdbx_database_id_DOI      10.1083/jcb.202101022 
_citation.pdbx_database_id_PubMed   34081090 
_citation.unpublished_flag          ? 
# 
loop_
_citation_author.citation_id 
_citation_author.name 
_citation_author.ordinal 
_citation_author.identifier_ORCID 
primary 'Marciano, G.'    1 ? 
primary 'Ishii, M.'       2 ? 
primary 'Nerusheva, O.O.' 3 ? 
primary 'Akiyoshi, B.'    4 ? 
# 
loop_
_entity.id 
_entity.type 
_entity.src_method 
_entity.pdbx_description 
_entity.formula_weight 
_entity.pdbx_number_of_molecules 
_entity.pdbx_ec 
_entity.pdbx_mutation 
_entity.pdbx_fragment 
_entity.details 
1 polymer     man 'Protein kinase, putative' 11272.159 1  ? ? 'central domain' ? 
2 non-polymer syn 'ZINC ION'                 65.409    3  ? ? ?                ? 
3 non-polymer syn 'SULFATE ION'              96.063    2  ? ? ?                ? 
4 non-polymer syn 'CHLORIDE ION'             35.453    1  ? ? ?                ? 
5 water       nat water                      18.015    94 ? ? ?                ? 
# 
_entity_poly.entity_id                      1 
_entity_poly.type                           'polypeptide(L)' 
_entity_poly.nstd_linkage                   no 
_entity_poly.nstd_monomer                   no 
_entity_poly.pdbx_seq_one_letter_code       
;GSSAAPGAIQCMNRHKMERHGKMPAGYKGFDCNVCDQPMLKITEKAYMYRCEKCDYDVCNQCAESRKFKEVHFLCAKCGK
KFPSQTKLQYHSRGCRGPS
;
_entity_poly.pdbx_seq_one_letter_code_can   
;GSSAAPGAIQCMNRHKMERHGKMPAGYKGFDCNVCDQPMLKITEKAYMYRCEKCDYDVCNQCAESRKFKEVHFLCAKCGK
KFPSQTKLQYHSRGCRGPS
;
_entity_poly.pdbx_strand_id                 A 
_entity_poly.pdbx_target_identifier         ? 
# 
loop_
_pdbx_entity_nonpoly.entity_id 
_pdbx_entity_nonpoly.name 
_pdbx_entity_nonpoly.comp_id 
2 'ZINC ION'     ZN  
3 'SULFATE ION'  SO4 
4 'CHLORIDE ION' CL  
5 water          HOH 
# 
loop_
_entity_poly_seq.entity_id 
_entity_poly_seq.num 
_entity_poly_seq.mon_id 
_entity_poly_seq.hetero 
1 1  GLY n 
1 2  SER n 
1 3  SER n 
1 4  ALA n 
1 5  ALA n 
1 6  PRO n 
1 7  GLY n 
1 8  ALA n 
1 9  ILE n 
1 10 GLN n 
1 11 CYS n 
1 12 MET n 
1 13 ASN n 
1 14 ARG n 
1 15 HIS n 
1 16 LYS n 
1 17 MET n 
1 18 GLU n 
1 19 ARG n 
1 20 HIS n 
1 21 GLY n 
1 22 LYS n 
1 23 MET n 
1 24 PRO n 
1 25 ALA n 
1 26 GLY n 
1 27 TYR n 
1 28 LYS n 
1 29 GLY n 
1 30 PHE n 
1 31 ASP n 
1 32 CYS n 
1 33 ASN n 
1 34 VAL n 
1 35 CYS n 
1 36 ASP n 
1 37 GLN n 
1 38 PRO n 
1 39 MET n 
1 40 LEU n 
1 41 LYS n 
1 42 ILE n 
1 43 THR n 
1 44 GLU n 
1 45 LYS n 
1 46 ALA n 
1 47 TYR n 
1 48 MET n 
1 49 TYR n 
1 50 ARG n 
1 51 CYS n 
1 52 GLU n 
1 53 LYS n 
1 54 CYS n 
1 55 ASP n 
1 56 TYR n 
1 57 ASP n 
1 58 VAL n 
1 59 CYS n 
1 60 ASN n 
1 61 GLN n 
1 62 CYS n 
1 63 ALA n 
1 64 GLU n 
1 65 SER n 
1 66 ARG n 
1 67 LYS n 
1 68 PHE n 
1 69 LYS n 
1 70 GLU n 
1 71 VAL n 
1 72 HIS n 
1 73 PHE n 
1 74 LEU n 
1 75 CYS n 
1 76 ALA n 
1 77 LYS n 
1 78 CYS n 
1 79 GLY n 
1 80 LYS n 
1 81 LYS n 
1 82 PHE n 
1 83 PRO n 
1 84 SER n 
1 85 GLN n 
1 86 THR n 
1 87 LYS n 
1 88 LEU n 
1 89 GLN n 
1 90 TYR n 
1 91 HIS n 
1 92 SER n 
1 93 ARG n 
1 94 GLY n 
1 95 CYS n 
1 96 ARG n 
1 97 GLY n 
1 98 PRO n 
1 99 SER n 
# 
_entity_src_gen.entity_id                          1 
_entity_src_gen.pdbx_src_id                        1 
_entity_src_gen.pdbx_alt_source_flag               sample 
_entity_src_gen.pdbx_seq_type                      'Biological sequence' 
_entity_src_gen.pdbx_beg_seq_num                   1 
_entity_src_gen.pdbx_end_seq_num                   99 
_entity_src_gen.gene_src_common_name               ? 
_entity_src_gen.gene_src_genus                     ? 
_entity_src_gen.pdbx_gene_src_gene                 BSAL_50690 
_entity_src_gen.gene_src_species                   ? 
_entity_src_gen.gene_src_strain                    ? 
_entity_src_gen.gene_src_tissue                    ? 
_entity_src_gen.gene_src_tissue_fraction           ? 
_entity_src_gen.gene_src_details                   ? 
_entity_src_gen.pdbx_gene_src_fragment             ? 
_entity_src_gen.pdbx_gene_src_scientific_name      'Bodo saltans' 
_entity_src_gen.pdbx_gene_src_ncbi_taxonomy_id     75058 
_entity_src_gen.pdbx_gene_src_variant              ? 
_entity_src_gen.pdbx_gene_src_cell_line            ? 
_entity_src_gen.pdbx_gene_src_atcc                 ? 
_entity_src_gen.pdbx_gene_src_organ                ? 
_entity_src_gen.pdbx_gene_src_organelle            ? 
_entity_src_gen.pdbx_gene_src_cell                 ? 
_entity_src_gen.pdbx_gene_src_cellular_location    ? 
_entity_src_gen.host_org_common_name               ? 
_entity_src_gen.pdbx_host_org_scientific_name      'Escherichia coli BL21(DE3)' 
_entity_src_gen.pdbx_host_org_ncbi_taxonomy_id     469008 
_entity_src_gen.host_org_genus                     ? 
_entity_src_gen.pdbx_host_org_gene                 ? 
_entity_src_gen.pdbx_host_org_organ                ? 
_entity_src_gen.host_org_species                   ? 
_entity_src_gen.pdbx_host_org_tissue               ? 
_entity_src_gen.pdbx_host_org_tissue_fraction      ? 
_entity_src_gen.pdbx_host_org_strain               ? 
_entity_src_gen.pdbx_host_org_variant              ? 
_entity_src_gen.pdbx_host_org_cell_line            ? 
_entity_src_gen.pdbx_host_org_atcc                 ? 
_entity_src_gen.pdbx_host_org_culture_collection   ? 
_entity_src_gen.pdbx_host_org_cell                 ? 
_entity_src_gen.pdbx_host_org_organelle            ? 
_entity_src_gen.pdbx_host_org_cellular_location    ? 
_entity_src_gen.pdbx_host_org_vector_type          plasmid 
_entity_src_gen.pdbx_host_org_vector               ? 
_entity_src_gen.host_org_details                   ? 
_entity_src_gen.expression_system_id               ? 
_entity_src_gen.plasmid_name                       RSFDuet-1 
_entity_src_gen.plasmid_details                    ? 
_entity_src_gen.pdbx_description                   ? 
# 
loop_
_chem_comp.id 
_chem_comp.type 
_chem_comp.mon_nstd_flag 
_chem_comp.name 
_chem_comp.pdbx_synonyms 
_chem_comp.formula 
_chem_comp.formula_weight 
ALA 'L-peptide linking' y ALANINE         ? 'C3 H7 N O2'     89.093  
ARG 'L-peptide linking' y ARGININE        ? 'C6 H15 N4 O2 1' 175.209 
ASN 'L-peptide linking' y ASPARAGINE      ? 'C4 H8 N2 O3'    132.118 
ASP 'L-peptide linking' y 'ASPARTIC ACID' ? 'C4 H7 N O4'     133.103 
CL  non-polymer         . 'CHLORIDE ION'  ? 'Cl -1'          35.453  
CYS 'L-peptide linking' y CYSTEINE        ? 'C3 H7 N O2 S'   121.158 
GLN 'L-peptide linking' y GLUTAMINE       ? 'C5 H10 N2 O3'   146.144 
GLU 'L-peptide linking' y 'GLUTAMIC ACID' ? 'C5 H9 N O4'     147.129 
GLY 'peptide linking'   y GLYCINE         ? 'C2 H5 N O2'     75.067  
HIS 'L-peptide linking' y HISTIDINE       ? 'C6 H10 N3 O2 1' 156.162 
HOH non-polymer         . WATER           ? 'H2 O'           18.015  
ILE 'L-peptide linking' y ISOLEUCINE      ? 'C6 H13 N O2'    131.173 
LEU 'L-peptide linking' y LEUCINE         ? 'C6 H13 N O2'    131.173 
LYS 'L-peptide linking' y LYSINE          ? 'C6 H15 N2 O2 1' 147.195 
MET 'L-peptide linking' y METHIONINE      ? 'C5 H11 N O2 S'  149.211 
PHE 'L-peptide linking' y PHENYLALANINE   ? 'C9 H11 N O2'    165.189 
PRO 'L-peptide linking' y PROLINE         ? 'C5 H9 N O2'     115.130 
SER 'L-peptide linking' y SERINE          ? 'C3 H7 N O3'     105.093 
SO4 non-polymer         . 'SULFATE ION'   ? 'O4 S -2'        96.063  
THR 'L-peptide linking' y THREONINE       ? 'C4 H9 N O3'     119.119 
TYR 'L-peptide linking' y TYROSINE        ? 'C9 H11 N O3'    181.189 
VAL 'L-peptide linking' y VALINE          ? 'C5 H11 N O2'    117.146 
ZN  non-polymer         . 'ZINC ION'      ? 'Zn 2'           65.409  
# 
loop_
_pdbx_poly_seq_scheme.asym_id 
_pdbx_poly_seq_scheme.entity_id 
_pdbx_poly_seq_scheme.seq_id 
_pdbx_poly_seq_scheme.mon_id 
_pdbx_poly_seq_scheme.ndb_seq_num 
_pdbx_poly_seq_scheme.pdb_seq_num 
_pdbx_poly_seq_scheme.auth_seq_num 
_pdbx_poly_seq_scheme.pdb_mon_id 
_pdbx_poly_seq_scheme.auth_mon_id 
_pdbx_poly_seq_scheme.pdb_strand_id 
_pdbx_poly_seq_scheme.pdb_ins_code 
_pdbx_poly_seq_scheme.hetero 
A 1 1  GLY 1  570 570 GLY GLY A . n 
A 1 2  SER 2  571 571 SER SER A . n 
A 1 3  SER 3  572 572 SER SER A . n 
A 1 4  ALA 4  573 573 ALA ALA A . n 
A 1 5  ALA 5  574 574 ALA ALA A . n 
A 1 6  PRO 6  575 575 PRO PRO A . n 
A 1 7  GLY 7  576 576 GLY GLY A . n 
A 1 8  ALA 8  577 577 ALA ALA A . n 
A 1 9  ILE 9  578 578 ILE ILE A . n 
A 1 10 GLN 10 579 579 GLN GLN A . n 
A 1 11 CYS 11 580 580 CYS CYS A . n 
A 1 12 MET 12 581 581 MET MET A . n 
A 1 13 ASN 13 582 582 ASN ASN A . n 
A 1 14 ARG 14 583 583 ARG ARG A . n 
A 1 15 HIS 15 584 584 HIS HIS A . n 
A 1 16 LYS 16 585 585 LYS LYS A . n 
A 1 17 MET 17 586 586 MET MET A . n 
A 1 18 GLU 18 587 587 GLU GLU A . n 
A 1 19 ARG 19 588 588 ARG ARG A . n 
A 1 20 HIS 20 589 589 HIS HIS A . n 
A 1 21 GLY 21 590 590 GLY GLY A . n 
A 1 22 LYS 22 591 591 LYS LYS A . n 
A 1 23 MET 23 592 592 MET MET A . n 
A 1 24 PRO 24 593 593 PRO PRO A . n 
A 1 25 ALA 25 594 594 ALA ALA A . n 
A 1 26 GLY 26 595 595 GLY GLY A . n 
A 1 27 TYR 27 596 596 TYR TYR A . n 
A 1 28 LYS 28 597 597 LYS LYS A . n 
A 1 29 GLY 29 598 598 GLY GLY A . n 
A 1 30 PHE 30 599 599 PHE PHE A . n 
A 1 31 ASP 31 600 600 ASP ASP A . n 
A 1 32 CYS 32 601 601 CYS CYS A . n 
A 1 33 ASN 33 602 602 ASN ASN A . n 
A 1 34 VAL 34 603 603 VAL VAL A . n 
A 1 35 CYS 35 604 604 CYS CYS A . n 
A 1 36 ASP 36 605 605 ASP ASP A . n 
A 1 37 GLN 37 606 606 GLN GLN A . n 
A 1 38 PRO 38 607 607 PRO PRO A . n 
A 1 39 MET 39 608 608 MET MET A . n 
A 1 40 LEU 40 609 609 LEU LEU A . n 
A 1 41 LYS 41 610 610 LYS LYS A . n 
A 1 42 ILE 42 611 611 ILE ILE A . n 
A 1 43 THR 43 612 612 THR THR A . n 
A 1 44 GLU 44 613 613 GLU GLU A . n 
A 1 45 LYS 45 614 614 LYS LYS A . n 
A 1 46 ALA 46 615 615 ALA ALA A . n 
A 1 47 TYR 47 616 616 TYR TYR A . n 
A 1 48 MET 48 617 617 MET MET A . n 
A 1 49 TYR 49 618 618 TYR TYR A . n 
A 1 50 ARG 50 619 619 ARG ARG A . n 
A 1 51 CYS 51 620 620 CYS CYS A . n 
A 1 52 GLU 52 621 621 GLU GLU A . n 
A 1 53 LYS 53 622 622 LYS LYS A . n 
A 1 54 CYS 54 623 623 CYS CYS A . n 
A 1 55 ASP 55 624 624 ASP ASP A . n 
A 1 56 TYR 56 625 625 TYR TYR A . n 
A 1 57 ASP 57 626 626 ASP ASP A . n 
A 1 58 VAL 58 627 627 VAL VAL A . n 
A 1 59 CYS 59 628 628 CYS CYS A . n 
A 1 60 ASN 60 629 629 ASN ASN A . n 
A 1 61 GLN 61 630 630 GLN GLN A . n 
A 1 62 CYS 62 631 631 CYS CYS A . n 
A 1 63 ALA 63 632 632 ALA ALA A . n 
A 1 64 GLU 64 633 633 GLU GLU A . n 
A 1 65 SER 65 634 634 SER SER A . n 
A 1 66 ARG 66 635 635 ARG ARG A . n 
A 1 67 LYS 67 636 636 LYS LYS A . n 
A 1 68 PHE 68 637 637 PHE PHE A . n 
A 1 69 LYS 69 638 638 LYS LYS A . n 
A 1 70 GLU 70 639 639 GLU GLU A . n 
A 1 71 VAL 71 640 640 VAL VAL A . n 
A 1 72 HIS 72 641 641 HIS HIS A . n 
A 1 73 PHE 73 642 642 PHE PHE A . n 
A 1 74 LEU 74 643 643 LEU LEU A . n 
A 1 75 CYS 75 644 644 CYS CYS A . n 
A 1 76 ALA 76 645 645 ALA ALA A . n 
A 1 77 LYS 77 646 646 LYS LYS A . n 
A 1 78 CYS 78 647 647 CYS CYS A . n 
A 1 79 GLY 79 648 648 GLY GLY A . n 
A 1 80 LYS 80 649 649 LYS LYS A . n 
A 1 81 LYS 81 650 650 LYS LYS A . n 
A 1 82 PHE 82 651 651 PHE PHE A . n 
A 1 83 PRO 83 652 652 PRO PRO A . n 
A 1 84 SER 84 653 653 SER SER A . n 
A 1 85 GLN 85 654 654 GLN GLN A . n 
A 1 86 THR 86 655 655 THR THR A . n 
A 1 87 LYS 87 656 656 LYS LYS A . n 
A 1 88 LEU 88 657 657 LEU LEU A . n 
A 1 89 GLN 89 658 658 GLN GLN A . n 
A 1 90 TYR 90 659 659 TYR TYR A . n 
A 1 91 HIS 91 660 660 HIS HIS A . n 
A 1 92 SER 92 661 661 SER SER A . n 
A 1 93 ARG 93 662 662 ARG ARG A . n 
A 1 94 GLY 94 663 663 GLY GLY A . n 
A 1 95 CYS 95 664 664 CYS CYS A . n 
A 1 96 ARG 96 665 665 ARG ARG A . n 
A 1 97 GLY 97 666 666 GLY GLY A . n 
A 1 98 PRO 98 667 667 PRO PRO A . n 
A 1 99 SER 99 668 668 SER SER A . n 
# 
loop_
_pdbx_nonpoly_scheme.asym_id 
_pdbx_nonpoly_scheme.entity_id 
_pdbx_nonpoly_scheme.mon_id 
_pdbx_nonpoly_scheme.ndb_seq_num 
_pdbx_nonpoly_scheme.pdb_seq_num 
_pdbx_nonpoly_scheme.auth_seq_num 
_pdbx_nonpoly_scheme.pdb_mon_id 
_pdbx_nonpoly_scheme.auth_mon_id 
_pdbx_nonpoly_scheme.pdb_strand_id 
_pdbx_nonpoly_scheme.pdb_ins_code 
B 2 ZN  1  701 1   ZN  ZN  A . 
C 2 ZN  1  702 2   ZN  ZN  A . 
D 2 ZN  1  703 3   ZN  ZN  A . 
E 3 SO4 1  704 4   SO4 SO4 A . 
F 3 SO4 1  705 5   SO4 SO4 A . 
G 4 CL  1  706 13  CL  CL  A . 
H 5 HOH 1  801 123 HOH HOH A . 
H 5 HOH 2  802 29  HOH HOH A . 
H 5 HOH 3  803 63  HOH HOH A . 
H 5 HOH 4  804 91  HOH HOH A . 
H 5 HOH 5  805 2   HOH HOH A . 
H 5 HOH 6  806 39  HOH HOH A . 
H 5 HOH 7  807 54  HOH HOH A . 
H 5 HOH 8  808 92  HOH HOH A . 
H 5 HOH 9  809 88  HOH HOH A . 
H 5 HOH 10 810 47  HOH HOH A . 
H 5 HOH 11 811 68  HOH HOH A . 
H 5 HOH 12 812 16  HOH HOH A . 
H 5 HOH 13 813 76  HOH HOH A . 
H 5 HOH 14 814 9   HOH HOH A . 
H 5 HOH 15 815 34  HOH HOH A . 
H 5 HOH 16 816 110 HOH HOH A . 
H 5 HOH 17 817 77  HOH HOH A . 
H 5 HOH 18 818 52  HOH HOH A . 
H 5 HOH 19 819 106 HOH HOH A . 
H 5 HOH 20 820 20  HOH HOH A . 
H 5 HOH 21 821 83  HOH HOH A . 
H 5 HOH 22 822 6   HOH HOH A . 
H 5 HOH 23 823 21  HOH HOH A . 
H 5 HOH 24 824 42  HOH HOH A . 
H 5 HOH 25 825 17  HOH HOH A . 
H 5 HOH 26 826 4   HOH HOH A . 
H 5 HOH 27 827 25  HOH HOH A . 
H 5 HOH 28 828 36  HOH HOH A . 
H 5 HOH 29 829 66  HOH HOH A . 
H 5 HOH 30 830 105 HOH HOH A . 
H 5 HOH 31 831 38  HOH HOH A . 
H 5 HOH 32 832 84  HOH HOH A . 
H 5 HOH 33 833 19  HOH HOH A . 
H 5 HOH 34 834 15  HOH HOH A . 
H 5 HOH 35 835 26  HOH HOH A . 
H 5 HOH 36 836 5   HOH HOH A . 
H 5 HOH 37 837 61  HOH HOH A . 
H 5 HOH 38 838 65  HOH HOH A . 
H 5 HOH 39 839 24  HOH HOH A . 
H 5 HOH 40 840 111 HOH HOH A . 
H 5 HOH 41 841 11  HOH HOH A . 
H 5 HOH 42 842 37  HOH HOH A . 
H 5 HOH 43 843 18  HOH HOH A . 
H 5 HOH 44 844 72  HOH HOH A . 
H 5 HOH 45 845 30  HOH HOH A . 
H 5 HOH 46 846 119 HOH HOH A . 
H 5 HOH 47 847 112 HOH HOH A . 
H 5 HOH 48 848 23  HOH HOH A . 
H 5 HOH 49 849 67  HOH HOH A . 
H 5 HOH 50 850 33  HOH HOH A . 
H 5 HOH 51 851 41  HOH HOH A . 
H 5 HOH 52 852 70  HOH HOH A . 
H 5 HOH 53 853 32  HOH HOH A . 
H 5 HOH 54 854 14  HOH HOH A . 
H 5 HOH 55 855 82  HOH HOH A . 
H 5 HOH 56 856 13  HOH HOH A . 
H 5 HOH 57 857 28  HOH HOH A . 
H 5 HOH 58 858 22  HOH HOH A . 
H 5 HOH 59 859 113 HOH HOH A . 
H 5 HOH 60 860 12  HOH HOH A . 
H 5 HOH 61 861 124 HOH HOH A . 
H 5 HOH 62 862 8   HOH HOH A . 
H 5 HOH 63 863 73  HOH HOH A . 
H 5 HOH 64 864 1   HOH HOH A . 
H 5 HOH 65 865 79  HOH HOH A . 
H 5 HOH 66 866 96  HOH HOH A . 
H 5 HOH 67 867 56  HOH HOH A . 
H 5 HOH 68 868 58  HOH HOH A . 
H 5 HOH 69 869 101 HOH HOH A . 
H 5 HOH 70 870 99  HOH HOH A . 
H 5 HOH 71 871 97  HOH HOH A . 
H 5 HOH 72 872 3   HOH HOH A . 
H 5 HOH 73 873 78  HOH HOH A . 
H 5 HOH 74 874 116 HOH HOH A . 
H 5 HOH 75 875 49  HOH HOH A . 
H 5 HOH 76 876 7   HOH HOH A . 
H 5 HOH 77 877 40  HOH HOH A . 
H 5 HOH 78 878 108 HOH HOH A . 
H 5 HOH 79 879 90  HOH HOH A . 
H 5 HOH 80 880 71  HOH HOH A . 
H 5 HOH 81 881 107 HOH HOH A . 
H 5 HOH 82 882 120 HOH HOH A . 
H 5 HOH 83 883 31  HOH HOH A . 
H 5 HOH 84 884 74  HOH HOH A . 
H 5 HOH 85 885 62  HOH HOH A . 
H 5 HOH 86 886 87  HOH HOH A . 
H 5 HOH 87 887 121 HOH HOH A . 
H 5 HOH 88 888 86  HOH HOH A . 
H 5 HOH 89 889 69  HOH HOH A . 
H 5 HOH 90 890 98  HOH HOH A . 
H 5 HOH 91 891 122 HOH HOH A . 
H 5 HOH 92 892 85  HOH HOH A . 
H 5 HOH 93 893 27  HOH HOH A . 
H 5 HOH 94 894 10  HOH HOH A . 
# 
loop_
_pdbx_unobs_or_zero_occ_atoms.id 
_pdbx_unobs_or_zero_occ_atoms.PDB_model_num 
_pdbx_unobs_or_zero_occ_atoms.polymer_flag 
_pdbx_unobs_or_zero_occ_atoms.occupancy_flag 
_pdbx_unobs_or_zero_occ_atoms.auth_asym_id 
_pdbx_unobs_or_zero_occ_atoms.auth_comp_id 
_pdbx_unobs_or_zero_occ_atoms.auth_seq_id 
_pdbx_unobs_or_zero_occ_atoms.PDB_ins_code 
_pdbx_unobs_or_zero_occ_atoms.auth_atom_id 
_pdbx_unobs_or_zero_occ_atoms.label_alt_id 
_pdbx_unobs_or_zero_occ_atoms.label_asym_id 
_pdbx_unobs_or_zero_occ_atoms.label_comp_id 
_pdbx_unobs_or_zero_occ_atoms.label_seq_id 
_pdbx_unobs_or_zero_occ_atoms.label_atom_id 
1  1 Y 1 A GLN 579 ? CG  ? A GLN 10 CG  
2  1 Y 1 A GLN 579 ? CD  ? A GLN 10 CD  
3  1 Y 1 A GLN 579 ? OE1 ? A GLN 10 OE1 
4  1 Y 1 A GLN 579 ? NE2 ? A GLN 10 NE2 
5  1 Y 1 A LYS 591 ? CG  ? A LYS 22 CG  
6  1 Y 1 A LYS 591 ? CD  ? A LYS 22 CD  
7  1 Y 1 A LYS 591 ? CE  ? A LYS 22 CE  
8  1 Y 1 A LYS 591 ? NZ  ? A LYS 22 NZ  
9  1 Y 1 A LYS 597 ? CG  ? A LYS 28 CG  
10 1 Y 1 A LYS 597 ? CD  ? A LYS 28 CD  
11 1 Y 1 A LYS 597 ? CE  ? A LYS 28 CE  
12 1 Y 1 A LYS 597 ? NZ  ? A LYS 28 NZ  
13 1 Y 1 A GLU 613 ? CG  ? A GLU 44 CG  
14 1 Y 1 A GLU 613 ? CD  ? A GLU 44 CD  
15 1 Y 1 A GLU 613 ? OE1 ? A GLU 44 OE1 
16 1 Y 1 A GLU 613 ? OE2 ? A GLU 44 OE2 
# 
loop_
_software.citation_id 
_software.classification 
_software.compiler_name 
_software.compiler_version 
_software.contact_author 
_software.contact_author_email 
_software.date 
_software.description 
_software.dependencies 
_software.hardware 
_software.language 
_software.location 
_software.mods 
_software.name 
_software.os 
_software.os_version 
_software.type 
_software.version 
_software.pdbx_ordinal 
? 'data scaling'    ? ? ? ? ? ? ? ? ? ? ? Aimless     ? ? ? .                     1 
? refinement        ? ? ? ? ? ? ? ? ? ? ? BUSTER      ? ? ? '2.10.3 (3-OCT-2019)' 2 
? 'data extraction' ? ? ? ? ? ? ? ? ? ? ? PDB_EXTRACT ? ? ? 3.25                  3 
? 'data reduction'  ? ? ? ? ? ? ? ? ? ? ? DIALS       ? ? ? .                     4 
? phasing           ? ? ? ? ? ? ? ? ? ? ? CRANK2      ? ? ? .                     5 
# 
_cell.angle_alpha                  90.000 
_cell.angle_alpha_esd              ? 
_cell.angle_beta                   90.000 
_cell.angle_beta_esd               ? 
_cell.angle_gamma                  90.000 
_cell.angle_gamma_esd              ? 
_cell.entry_id                     6TLY 
_cell.details                      ? 
_cell.formula_units_Z              ? 
_cell.length_a                     38.961 
_cell.length_a_esd                 ? 
_cell.length_b                     53.512 
_cell.length_b_esd                 ? 
_cell.length_c                     83.294 
_cell.length_c_esd                 ? 
_cell.volume                       ? 
_cell.volume_esd                   ? 
_cell.Z_PDB                        8 
_cell.reciprocal_angle_alpha       ? 
_cell.reciprocal_angle_beta        ? 
_cell.reciprocal_angle_gamma       ? 
_cell.reciprocal_angle_alpha_esd   ? 
_cell.reciprocal_angle_beta_esd    ? 
_cell.reciprocal_angle_gamma_esd   ? 
_cell.reciprocal_length_a          ? 
_cell.reciprocal_length_b          ? 
_cell.reciprocal_length_c          ? 
_cell.reciprocal_length_a_esd      ? 
_cell.reciprocal_length_b_esd      ? 
_cell.reciprocal_length_c_esd      ? 
_cell.pdbx_unique_axis             ? 
# 
_symmetry.entry_id                         6TLY 
_symmetry.cell_setting                     ? 
_symmetry.Int_Tables_number                23 
_symmetry.space_group_name_Hall            ? 
_symmetry.space_group_name_H-M             'I 2 2 2' 
_symmetry.pdbx_full_space_group_name_H-M   ? 
# 
_exptl.absorpt_coefficient_mu     ? 
_exptl.absorpt_correction_T_max   ? 
_exptl.absorpt_correction_T_min   ? 
_exptl.absorpt_correction_type    ? 
_exptl.absorpt_process_details    ? 
_exptl.entry_id                   6TLY 
_exptl.crystals_number            1 
_exptl.details                    ? 
_exptl.method                     'X-RAY DIFFRACTION' 
_exptl.method_details             ? 
# 
_exptl_crystal.colour                      ? 
_exptl_crystal.density_diffrn              ? 
_exptl_crystal.density_Matthews            1.93 
_exptl_crystal.density_method              ? 
_exptl_crystal.density_percent_sol         36.13 
_exptl_crystal.description                 ? 
_exptl_crystal.F_000                       ? 
_exptl_crystal.id                          1 
_exptl_crystal.preparation                 ? 
_exptl_crystal.size_max                    ? 
_exptl_crystal.size_mid                    ? 
_exptl_crystal.size_min                    ? 
_exptl_crystal.size_rad                    ? 
_exptl_crystal.colour_lustre               ? 
_exptl_crystal.colour_modifier             ? 
_exptl_crystal.colour_primary              ? 
_exptl_crystal.density_meas                ? 
_exptl_crystal.density_meas_esd            ? 
_exptl_crystal.density_meas_gt             ? 
_exptl_crystal.density_meas_lt             ? 
_exptl_crystal.density_meas_temp           ? 
_exptl_crystal.density_meas_temp_esd       ? 
_exptl_crystal.density_meas_temp_gt        ? 
_exptl_crystal.density_meas_temp_lt        ? 
_exptl_crystal.pdbx_crystal_image_url      ? 
_exptl_crystal.pdbx_crystal_image_format   ? 
_exptl_crystal.pdbx_mosaicity              ? 
_exptl_crystal.pdbx_mosaicity_esd          ? 
# 
_exptl_crystal_grow.apparatus       ? 
_exptl_crystal_grow.atmosphere      ? 
_exptl_crystal_grow.crystal_id      1 
_exptl_crystal_grow.details         ? 
_exptl_crystal_grow.method          'VAPOR DIFFUSION, SITTING DROP' 
_exptl_crystal_grow.method_ref      ? 
_exptl_crystal_grow.pH              8 
_exptl_crystal_grow.pressure        ? 
_exptl_crystal_grow.pressure_esd    ? 
_exptl_crystal_grow.seeding         ? 
_exptl_crystal_grow.seeding_ref     ? 
_exptl_crystal_grow.temp            277 
_exptl_crystal_grow.temp_details    ? 
_exptl_crystal_grow.temp_esd        ? 
_exptl_crystal_grow.time            ? 
_exptl_crystal_grow.pdbx_details    '40% PEG 400, 0.2 mM (NH4)2SO4, 100 mM Tris-HCL pH 8' 
_exptl_crystal_grow.pdbx_pH_range   ? 
# 
_diffrn.ambient_environment              ? 
_diffrn.ambient_temp                     100 
_diffrn.ambient_temp_details             ? 
_diffrn.ambient_temp_esd                 ? 
_diffrn.crystal_id                       1 
_diffrn.crystal_support                  ? 
_diffrn.crystal_treatment                ? 
_diffrn.details                          ? 
_diffrn.id                               1 
_diffrn.ambient_pressure                 ? 
_diffrn.ambient_pressure_esd             ? 
_diffrn.ambient_pressure_gt              ? 
_diffrn.ambient_pressure_lt              ? 
_diffrn.ambient_temp_gt                  ? 
_diffrn.ambient_temp_lt                  ? 
_diffrn.pdbx_serial_crystal_experiment   N 
# 
_diffrn_detector.details                      ? 
_diffrn_detector.detector                     PIXEL 
_diffrn_detector.diffrn_id                    1 
_diffrn_detector.type                         'DECTRIS EIGER2 XE 16M' 
_diffrn_detector.area_resol_mean              ? 
_diffrn_detector.dtime                        ? 
_diffrn_detector.pdbx_frames_total            ? 
_diffrn_detector.pdbx_collection_time_total   ? 
_diffrn_detector.pdbx_collection_date         2018-09-15 
_diffrn_detector.pdbx_frequency               ? 
# 
_diffrn_radiation.collimation                      ? 
_diffrn_radiation.diffrn_id                        1 
_diffrn_radiation.filter_edge                      ? 
_diffrn_radiation.inhomogeneity                    ? 
_diffrn_radiation.monochromator                    ? 
_diffrn_radiation.polarisn_norm                    ? 
_diffrn_radiation.polarisn_ratio                   ? 
_diffrn_radiation.probe                            ? 
_diffrn_radiation.type                             ? 
_diffrn_radiation.xray_symbol                      ? 
_diffrn_radiation.wavelength_id                    1 
_diffrn_radiation.pdbx_monochromatic_or_laue_m_l   M 
_diffrn_radiation.pdbx_wavelength_list             ? 
_diffrn_radiation.pdbx_wavelength                  ? 
_diffrn_radiation.pdbx_diffrn_protocol             'SINGLE WAVELENGTH' 
_diffrn_radiation.pdbx_analyzer                    ? 
_diffrn_radiation.pdbx_scattering_type             x-ray 
# 
_diffrn_radiation_wavelength.id           1 
_diffrn_radiation_wavelength.wavelength   1.28297 
_diffrn_radiation_wavelength.wt           1.0 
# 
_diffrn_source.current                     ? 
_diffrn_source.details                     ? 
_diffrn_source.diffrn_id                   1 
_diffrn_source.power                       ? 
_diffrn_source.size                        ? 
_diffrn_source.source                      SYNCHROTRON 
_diffrn_source.target                      ? 
_diffrn_source.type                        'DIAMOND BEAMLINE I04' 
_diffrn_source.voltage                     ? 
_diffrn_source.take-off_angle              ? 
_diffrn_source.pdbx_wavelength_list        1.28297 
_diffrn_source.pdbx_wavelength             ? 
_diffrn_source.pdbx_synchrotron_beamline   I04 
_diffrn_source.pdbx_synchrotron_site       Diamond 
# 
_reflns.B_iso_Wilson_estimate            29.180 
_reflns.entry_id                         6TLY 
_reflns.data_reduction_details           ? 
_reflns.data_reduction_method            ? 
_reflns.d_resolution_high                1.800 
_reflns.d_resolution_low                 45.020 
_reflns.details                          ? 
_reflns.limit_h_max                      ? 
_reflns.limit_h_min                      ? 
_reflns.limit_k_max                      ? 
_reflns.limit_k_min                      ? 
_reflns.limit_l_max                      ? 
_reflns.limit_l_min                      ? 
_reflns.number_all                       ? 
_reflns.number_obs                       8158 
_reflns.observed_criterion               ? 
_reflns.observed_criterion_F_max         ? 
_reflns.observed_criterion_F_min         ? 
_reflns.observed_criterion_I_max         ? 
_reflns.observed_criterion_I_min         ? 
_reflns.observed_criterion_sigma_F       ? 
_reflns.observed_criterion_sigma_I       ? 
_reflns.percent_possible_obs             97.100 
_reflns.R_free_details                   ? 
_reflns.Rmerge_F_all                     ? 
_reflns.Rmerge_F_obs                     ? 
_reflns.Friedel_coverage                 ? 
_reflns.number_gt                        ? 
_reflns.threshold_expression             ? 
_reflns.pdbx_redundancy                  4.600 
_reflns.pdbx_Rmerge_I_obs                0.102 
_reflns.pdbx_Rmerge_I_all                ? 
_reflns.pdbx_Rsym_value                  ? 
_reflns.pdbx_netI_over_av_sigmaI         ? 
_reflns.pdbx_netI_over_sigmaI            8.7 
_reflns.pdbx_res_netI_over_av_sigmaI_2   ? 
_reflns.pdbx_res_netI_over_sigmaI_2      ? 
_reflns.pdbx_chi_squared                 ? 
_reflns.pdbx_scaling_rejects             ? 
_reflns.pdbx_d_res_high_opt              ? 
_reflns.pdbx_d_res_low_opt               ? 
_reflns.pdbx_d_res_opt_method            ? 
_reflns.phase_calculation_details        ? 
_reflns.pdbx_Rrim_I_all                  ? 
_reflns.pdbx_Rpim_I_all                  0.05 
_reflns.pdbx_d_opt                       ? 
_reflns.pdbx_number_measured_all         ? 
_reflns.pdbx_diffrn_id                   1 
_reflns.pdbx_ordinal                     1 
_reflns.pdbx_CC_half                     0.99 
_reflns.pdbx_CC_star                     ? 
_reflns.pdbx_R_split                     ? 
# 
loop_
_reflns_shell.d_res_high 
_reflns_shell.d_res_low 
_reflns_shell.meanI_over_sigI_all 
_reflns_shell.meanI_over_sigI_obs 
_reflns_shell.number_measured_all 
_reflns_shell.number_measured_obs 
_reflns_shell.number_possible 
_reflns_shell.number_unique_all 
_reflns_shell.number_unique_obs 
_reflns_shell.percent_possible_all 
_reflns_shell.percent_possible_obs 
_reflns_shell.Rmerge_F_all 
_reflns_shell.Rmerge_F_obs 
_reflns_shell.Rmerge_I_all 
_reflns_shell.Rmerge_I_obs 
_reflns_shell.meanI_over_sigI_gt 
_reflns_shell.meanI_over_uI_all 
_reflns_shell.meanI_over_uI_gt 
_reflns_shell.number_measured_gt 
_reflns_shell.number_unique_gt 
_reflns_shell.percent_possible_gt 
_reflns_shell.Rmerge_F_gt 
_reflns_shell.Rmerge_I_gt 
_reflns_shell.pdbx_redundancy 
_reflns_shell.pdbx_Rsym_value 
_reflns_shell.pdbx_chi_squared 
_reflns_shell.pdbx_netI_over_sigmaI_all 
_reflns_shell.pdbx_netI_over_sigmaI_obs 
_reflns_shell.pdbx_Rrim_I_all 
_reflns_shell.pdbx_Rpim_I_all 
_reflns_shell.pdbx_rejects 
_reflns_shell.pdbx_ordinal 
_reflns_shell.pdbx_diffrn_id 
_reflns_shell.pdbx_CC_half 
_reflns_shell.pdbx_CC_star 
_reflns_shell.pdbx_R_split 
1.800 1.83  ? ? ? ? ? ? 334 77.9 ? ? ? ? 0.52  ? ? ? ? ? ? ? ? 2.800 ? ? ? ? ? 0.33  ? 1 1 0.78 ? ? 
4.88  45.04 ? ? ? ? ? ? 459 97.9 ? ? ? ? 0.072 ? ? ? ? ? ? ? ? 4.200 ? ? ? ? ? 0.035 ? 2 1 0.99 ? ? 
# 
_refine.aniso_B[1][1]                            -0.0501 
_refine.aniso_B[1][2]                            0.0000 
_refine.aniso_B[1][3]                            0.0000 
_refine.aniso_B[2][2]                            6.5119 
_refine.aniso_B[2][3]                            0.0000 
_refine.aniso_B[3][3]                            -6.4618 
_refine.B_iso_max                                88.720 
_refine.B_iso_mean                               32.0400 
_refine.B_iso_min                                18.800 
_refine.correlation_coeff_Fo_to_Fc               0.9490 
_refine.correlation_coeff_Fo_to_Fc_free          0.9270 
_refine.details                                  ? 
_refine.diff_density_max                         ? 
_refine.diff_density_max_esd                     ? 
_refine.diff_density_min                         ? 
_refine.diff_density_min_esd                     ? 
_refine.diff_density_rms                         ? 
_refine.diff_density_rms_esd                     ? 
_refine.entry_id                                 6TLY 
_refine.pdbx_refine_id                           'X-RAY DIFFRACTION' 
_refine.ls_abs_structure_details                 ? 
_refine.ls_abs_structure_Flack                   ? 
_refine.ls_abs_structure_Flack_esd               ? 
_refine.ls_abs_structure_Rogers                  ? 
_refine.ls_abs_structure_Rogers_esd              ? 
_refine.ls_d_res_high                            1.8000 
_refine.ls_d_res_low                             35.0000 
_refine.ls_extinction_coef                       ? 
_refine.ls_extinction_coef_esd                   ? 
_refine.ls_extinction_expression                 ? 
_refine.ls_extinction_method                     ? 
_refine.ls_goodness_of_fit_all                   ? 
_refine.ls_goodness_of_fit_all_esd               ? 
_refine.ls_goodness_of_fit_obs                   ? 
_refine.ls_goodness_of_fit_obs_esd               ? 
_refine.ls_hydrogen_treatment                    ? 
_refine.ls_matrix_type                           ? 
_refine.ls_number_constraints                    ? 
_refine.ls_number_parameters                     ? 
_refine.ls_number_reflns_all                     ? 
_refine.ls_number_reflns_obs                     8151 
_refine.ls_number_reflns_R_free                  403 
_refine.ls_number_reflns_R_work                  ? 
_refine.ls_number_restraints                     ? 
_refine.ls_percent_reflns_obs                    96.9000 
_refine.ls_percent_reflns_R_free                 4.9400 
_refine.ls_R_factor_all                          ? 
_refine.ls_R_factor_obs                          0.1963 
_refine.ls_R_factor_R_free                       0.2249 
_refine.ls_R_factor_R_free_error                 ? 
_refine.ls_R_factor_R_free_error_details         ? 
_refine.ls_R_factor_R_work                       0.1948 
_refine.ls_R_Fsqd_factor_obs                     ? 
_refine.ls_R_I_factor_obs                        ? 
_refine.ls_redundancy_reflns_all                 ? 
_refine.ls_redundancy_reflns_obs                 ? 
_refine.ls_restrained_S_all                      ? 
_refine.ls_restrained_S_obs                      ? 
_refine.ls_shift_over_esd_max                    ? 
_refine.ls_shift_over_esd_mean                   ? 
_refine.ls_structure_factor_coef                 ? 
_refine.ls_weighting_details                     ? 
_refine.ls_weighting_scheme                      ? 
_refine.ls_wR_factor_all                         ? 
_refine.ls_wR_factor_obs                         ? 
_refine.ls_wR_factor_R_free                      ? 
_refine.ls_wR_factor_R_work                      ? 
_refine.occupancy_max                            ? 
_refine.occupancy_min                            ? 
_refine.solvent_model_details                    ? 
_refine.solvent_model_param_bsol                 ? 
_refine.solvent_model_param_ksol                 ? 
_refine.pdbx_R_complete                          ? 
_refine.ls_R_factor_gt                           ? 
_refine.ls_goodness_of_fit_gt                    ? 
_refine.ls_goodness_of_fit_ref                   ? 
_refine.ls_shift_over_su_max                     ? 
_refine.ls_shift_over_su_max_lt                  ? 
_refine.ls_shift_over_su_mean                    ? 
_refine.ls_shift_over_su_mean_lt                 ? 
_refine.pdbx_ls_sigma_I                          ? 
_refine.pdbx_ls_sigma_F                          0.000 
_refine.pdbx_ls_sigma_Fsqd                       ? 
_refine.pdbx_data_cutoff_high_absF               ? 
_refine.pdbx_data_cutoff_high_rms_absF           ? 
_refine.pdbx_data_cutoff_low_absF                ? 
_refine.pdbx_isotropic_thermal_model             ? 
_refine.pdbx_ls_cross_valid_method               THROUGHOUT 
_refine.pdbx_method_to_determine_struct          SAD 
_refine.pdbx_starting_model                      ? 
_refine.pdbx_stereochemistry_target_values       ? 
_refine.pdbx_R_Free_selection_details            RANDOM 
_refine.pdbx_stereochem_target_val_spec_case     ? 
_refine.pdbx_overall_ESU_R                       ? 
_refine.pdbx_overall_ESU_R_Free                  ? 
_refine.pdbx_solvent_vdw_probe_radii             ? 
_refine.pdbx_solvent_ion_probe_radii             ? 
_refine.pdbx_solvent_shrinkage_radii             ? 
_refine.pdbx_real_space_R                        ? 
_refine.pdbx_density_correlation                 ? 
_refine.pdbx_pd_number_of_powder_patterns        ? 
_refine.pdbx_pd_number_of_points                 ? 
_refine.pdbx_pd_meas_number_of_points            ? 
_refine.pdbx_pd_proc_ls_prof_R_factor            ? 
_refine.pdbx_pd_proc_ls_prof_wR_factor           ? 
_refine.pdbx_pd_Marquardt_correlation_coeff      ? 
_refine.pdbx_pd_Fsqrd_R_factor                   ? 
_refine.pdbx_pd_ls_matrix_band_width             ? 
_refine.pdbx_overall_phase_error                 ? 
_refine.pdbx_overall_SU_R_free_Cruickshank_DPI   0.1330 
_refine.pdbx_overall_SU_R_free_Blow_DPI          0.1430 
_refine.pdbx_overall_SU_R_Blow_DPI               0.1760 
_refine.pdbx_TLS_residual_ADP_flag               ? 
_refine.pdbx_diffrn_id                           1 
_refine.overall_SU_B                             ? 
_refine.overall_SU_ML                            ? 
_refine.overall_SU_R_Cruickshank_DPI             0.1520 
_refine.overall_SU_R_free                        ? 
_refine.overall_FOM_free_R_set                   ? 
_refine.overall_FOM_work_R_set                   ? 
_refine.pdbx_average_fsc_overall                 ? 
_refine.pdbx_average_fsc_work                    ? 
_refine.pdbx_average_fsc_free                    ? 
# 
_refine_analyze.entry_id                        6TLY 
_refine_analyze.pdbx_refine_id                  'X-RAY DIFFRACTION' 
_refine_analyze.Luzzati_coordinate_error_free   ? 
_refine_analyze.Luzzati_coordinate_error_obs    0.250 
_refine_analyze.Luzzati_d_res_low_free          ? 
_refine_analyze.Luzzati_d_res_low_obs           ? 
_refine_analyze.Luzzati_sigma_a_free            ? 
_refine_analyze.Luzzati_sigma_a_free_details    ? 
_refine_analyze.Luzzati_sigma_a_obs             ? 
_refine_analyze.Luzzati_sigma_a_obs_details     ? 
_refine_analyze.number_disordered_residues      ? 
_refine_analyze.occupancy_sum_hydrogen          ? 
_refine_analyze.occupancy_sum_non_hydrogen      ? 
_refine_analyze.RG_d_res_high                   ? 
_refine_analyze.RG_d_res_low                    ? 
_refine_analyze.RG_free                         ? 
_refine_analyze.RG_work                         ? 
_refine_analyze.RG_free_work_ratio              ? 
_refine_analyze.pdbx_Luzzati_d_res_high_obs     ? 
# 
_refine_hist.pdbx_refine_id                   'X-RAY DIFFRACTION' 
_refine_hist.cycle_id                         final 
_refine_hist.details                          ? 
_refine_hist.d_res_high                       1.8000 
_refine_hist.d_res_low                        35.0000 
_refine_hist.number_atoms_solvent             94 
_refine_hist.number_atoms_total               869 
_refine_hist.number_reflns_all                ? 
_refine_hist.number_reflns_obs                ? 
_refine_hist.number_reflns_R_free             ? 
_refine_hist.number_reflns_R_work             ? 
_refine_hist.R_factor_all                     ? 
_refine_hist.R_factor_obs                     ? 
_refine_hist.R_factor_R_free                  ? 
_refine_hist.R_factor_R_work                  ? 
_refine_hist.pdbx_number_residues_total       105 
_refine_hist.pdbx_B_iso_mean_ligand           ? 
_refine_hist.pdbx_B_iso_mean_solvent          44.44 
_refine_hist.pdbx_number_atoms_protein        775 
_refine_hist.pdbx_number_atoms_nucleic_acid   0 
_refine_hist.pdbx_number_atoms_ligand         0 
_refine_hist.pdbx_number_atoms_lipid          ? 
_refine_hist.pdbx_number_atoms_carb           ? 
_refine_hist.pdbx_pseudo_atom_details         ? 
# 
loop_
_refine_ls_restr.pdbx_refine_id 
_refine_ls_restr.criterion 
_refine_ls_restr.dev_ideal 
_refine_ls_restr.dev_ideal_target 
_refine_ls_restr.number 
_refine_ls_restr.rejects 
_refine_ls_restr.type 
_refine_ls_restr.weight 
_refine_ls_restr.pdbx_restraint_function 
'X-RAY DIFFRACTION' ? ?      ? 286  ? t_dihedral_angle_d        2.000  SINUSOIDAL   
'X-RAY DIFFRACTION' ? ?      ? ?    ? t_trig_c_planes           ?      ?            
'X-RAY DIFFRACTION' ? ?      ? 136  ? t_gen_planes              5.000  HARMONIC     
'X-RAY DIFFRACTION' ? ?      ? 809  ? t_it                      10.000 HARMONIC     
'X-RAY DIFFRACTION' ? ?      ? ?    ? t_nbd                     ?      ?            
'X-RAY DIFFRACTION' ? ?      ? ?    ? t_improper_torsion        ?      ?            
'X-RAY DIFFRACTION' ? ?      ? ?    ? t_pseud_angle             ?      ?            
'X-RAY DIFFRACTION' ? ?      ? 97   ? t_chiral_improper_torsion 5.000  SEMIHARMONIC 
'X-RAY DIFFRACTION' ? ?      ? ?    ? t_sum_occupancies         ?      ?            
'X-RAY DIFFRACTION' ? ?      ? ?    ? t_utility_distance        ?      ?            
'X-RAY DIFFRACTION' ? ?      ? ?    ? t_utility_angle           ?      ?            
'X-RAY DIFFRACTION' ? ?      ? ?    ? t_utility_torsion         ?      ?            
'X-RAY DIFFRACTION' ? ?      ? 719  ? t_ideal_dist_contact      4.000  SEMIHARMONIC 
'X-RAY DIFFRACTION' ? 0.008  ? 809  ? t_bond_d                  2.000  HARMONIC     
'X-RAY DIFFRACTION' ? 0.960  ? 1068 ? t_angle_deg               2.000  HARMONIC     
'X-RAY DIFFRACTION' ? 3.550  ? ?    ? t_omega_torsion           ?      ?            
'X-RAY DIFFRACTION' ? 16.940 ? ?    ? t_other_torsion           ?      ?            
# 
_refine_ls_shell.pdbx_refine_id                   'X-RAY DIFFRACTION' 
_refine_ls_shell.d_res_high                       1.8000 
_refine_ls_shell.d_res_low                        2.0000 
_refine_ls_shell.number_reflns_all                408 
_refine_ls_shell.number_reflns_obs                ? 
_refine_ls_shell.number_reflns_R_free             18 
_refine_ls_shell.number_reflns_R_work             390 
_refine_ls_shell.percent_reflns_obs               77.4400 
_refine_ls_shell.percent_reflns_R_free            4.4100 
_refine_ls_shell.R_factor_all                     0.2419 
_refine_ls_shell.R_factor_obs                     ? 
_refine_ls_shell.R_factor_R_free                  0.2336 
_refine_ls_shell.R_factor_R_free_error            0.0000 
_refine_ls_shell.R_factor_R_work                  0.2423 
_refine_ls_shell.redundancy_reflns_all            ? 
_refine_ls_shell.redundancy_reflns_obs            ? 
_refine_ls_shell.wR_factor_all                    ? 
_refine_ls_shell.wR_factor_obs                    ? 
_refine_ls_shell.wR_factor_R_free                 ? 
_refine_ls_shell.wR_factor_R_work                 ? 
_refine_ls_shell.pdbx_R_complete                  ? 
_refine_ls_shell.pdbx_total_number_of_bins_used   20 
_refine_ls_shell.pdbx_phase_error                 ? 
_refine_ls_shell.pdbx_fsc_work                    ? 
_refine_ls_shell.pdbx_fsc_free                    ? 
# 
_struct.entry_id                     6TLY 
_struct.title                        'Crystal structure of the unconventional kinetochore protein Bodo saltans KKT2 central domain' 
_struct.pdbx_model_details           ? 
_struct.pdbx_formula_weight          ? 
_struct.pdbx_formula_weight_method   ? 
_struct.pdbx_model_type_details      ? 
_struct.pdbx_CASP_flag               N 
# 
_struct_keywords.entry_id        6TLY 
_struct_keywords.text            'kinetochore, zinc finger, kinetoplastid, KKT2, CELL CYCLE' 
_struct_keywords.pdbx_keywords   'CELL CYCLE' 
# 
loop_
_struct_asym.id 
_struct_asym.pdbx_blank_PDB_chainid_flag 
_struct_asym.pdbx_modified 
_struct_asym.entity_id 
_struct_asym.details 
A N N 1 ? 
B N N 2 ? 
C N N 2 ? 
D N N 2 ? 
E N N 3 ? 
F N N 3 ? 
G N N 4 ? 
H N N 5 ? 
# 
_struct_ref.id                         1 
_struct_ref.db_name                    UNP 
_struct_ref.db_code                    A0A0S4IKF4_BODSA 
_struct_ref.pdbx_db_accession          A0A0S4IKF4 
_struct_ref.pdbx_db_isoform            ? 
_struct_ref.entity_id                  1 
_struct_ref.pdbx_seq_one_letter_code   
;SAAPGAIQCMNRHKMERHGKMPAGYKGFDCNVCDQPMLKITEKAYMYRCEKCDYDVCNQCAESRKFKEVHFLCAKCGKKF
PSQTKLQYHSRGCRGPS
;
_struct_ref.pdbx_align_begin           572 
# 
_struct_ref_seq.align_id                      1 
_struct_ref_seq.ref_id                        1 
_struct_ref_seq.pdbx_PDB_id_code              6TLY 
_struct_ref_seq.pdbx_strand_id                A 
_struct_ref_seq.seq_align_beg                 3 
_struct_ref_seq.pdbx_seq_align_beg_ins_code   ? 
_struct_ref_seq.seq_align_end                 99 
_struct_ref_seq.pdbx_seq_align_end_ins_code   ? 
_struct_ref_seq.pdbx_db_accession             A0A0S4IKF4 
_struct_ref_seq.db_align_beg                  572 
_struct_ref_seq.pdbx_db_align_beg_ins_code    ? 
_struct_ref_seq.db_align_end                  668 
_struct_ref_seq.pdbx_db_align_end_ins_code    ? 
_struct_ref_seq.pdbx_auth_seq_align_beg       572 
_struct_ref_seq.pdbx_auth_seq_align_end       668 
# 
loop_
_struct_ref_seq_dif.align_id 
_struct_ref_seq_dif.pdbx_pdb_id_code 
_struct_ref_seq_dif.mon_id 
_struct_ref_seq_dif.pdbx_pdb_strand_id 
_struct_ref_seq_dif.seq_num 
_struct_ref_seq_dif.pdbx_pdb_ins_code 
_struct_ref_seq_dif.pdbx_seq_db_name 
_struct_ref_seq_dif.pdbx_seq_db_accession_code 
_struct_ref_seq_dif.db_mon_id 
_struct_ref_seq_dif.pdbx_seq_db_seq_num 
_struct_ref_seq_dif.details 
_struct_ref_seq_dif.pdbx_auth_seq_num 
_struct_ref_seq_dif.pdbx_ordinal 
1 6TLY GLY A 1 ? UNP A0A0S4IKF4 ? ? 'expression tag' 570 1 
1 6TLY SER A 2 ? UNP A0A0S4IKF4 ? ? 'expression tag' 571 2 
# 
_pdbx_struct_assembly.id                   1 
_pdbx_struct_assembly.details              author_and_software_defined_assembly 
_pdbx_struct_assembly.method_details       PISA 
_pdbx_struct_assembly.oligomeric_details   monomeric 
_pdbx_struct_assembly.oligomeric_count     1 
# 
loop_
_pdbx_struct_assembly_prop.biol_id 
_pdbx_struct_assembly_prop.type 
_pdbx_struct_assembly_prop.value 
_pdbx_struct_assembly_prop.details 
1 'ABSA (A^2)' 360  ? 
1 MORE         -23  ? 
1 'SSA (A^2)'  6810 ? 
# 
_pdbx_struct_assembly_gen.assembly_id       1 
_pdbx_struct_assembly_gen.oper_expression   1 
_pdbx_struct_assembly_gen.asym_id_list      A,B,C,D,E,F,G,H 
# 
_pdbx_struct_assembly_auth_evidence.id                     1 
_pdbx_struct_assembly_auth_evidence.assembly_id            1 
_pdbx_struct_assembly_auth_evidence.experimental_support   none 
_pdbx_struct_assembly_auth_evidence.details                ? 
# 
_pdbx_struct_oper_list.id                   1 
_pdbx_struct_oper_list.type                 'identity operation' 
_pdbx_struct_oper_list.name                 1_555 
_pdbx_struct_oper_list.symmetry_operation   x,y,z 
_pdbx_struct_oper_list.matrix[1][1]         1.0000000000 
_pdbx_struct_oper_list.matrix[1][2]         0.0000000000 
_pdbx_struct_oper_list.matrix[1][3]         0.0000000000 
_pdbx_struct_oper_list.vector[1]            0.0000000000 
_pdbx_struct_oper_list.matrix[2][1]         0.0000000000 
_pdbx_struct_oper_list.matrix[2][2]         1.0000000000 
_pdbx_struct_oper_list.matrix[2][3]         0.0000000000 
_pdbx_struct_oper_list.vector[2]            0.0000000000 
_pdbx_struct_oper_list.matrix[3][1]         0.0000000000 
_pdbx_struct_oper_list.matrix[3][2]         0.0000000000 
_pdbx_struct_oper_list.matrix[3][3]         1.0000000000 
_pdbx_struct_oper_list.vector[3]            0.0000000000 
# 
loop_
_struct_conf.conf_type_id 
_struct_conf.id 
_struct_conf.pdbx_PDB_helix_id 
_struct_conf.beg_label_comp_id 
_struct_conf.beg_label_asym_id 
_struct_conf.beg_label_seq_id 
_struct_conf.pdbx_beg_PDB_ins_code 
_struct_conf.end_label_comp_id 
_struct_conf.end_label_asym_id 
_struct_conf.end_label_seq_id 
_struct_conf.pdbx_end_PDB_ins_code 
_struct_conf.beg_auth_comp_id 
_struct_conf.beg_auth_asym_id 
_struct_conf.beg_auth_seq_id 
_struct_conf.end_auth_comp_id 
_struct_conf.end_auth_asym_id 
_struct_conf.end_auth_seq_id 
_struct_conf.pdbx_PDB_helix_class 
_struct_conf.details 
_struct_conf.pdbx_PDB_helix_length 
HELX_P HELX_P1 AA1 ASN A 60 ? ARG A 66 ? ASN A 629 ARG A 635 1 ? 7  
HELX_P HELX_P2 AA2 SER A 84 ? GLY A 94 ? SER A 653 GLY A 663 1 ? 11 
# 
_struct_conf_type.id          HELX_P 
_struct_conf_type.criteria    ? 
_struct_conf_type.reference   ? 
# 
loop_
_struct_conn.id 
_struct_conn.conn_type_id 
_struct_conn.pdbx_leaving_atom_flag 
_struct_conn.pdbx_PDB_id 
_struct_conn.ptnr1_label_asym_id 
_struct_conn.ptnr1_label_comp_id 
_struct_conn.ptnr1_label_seq_id 
_struct_conn.ptnr1_label_atom_id 
_struct_conn.pdbx_ptnr1_label_alt_id 
_struct_conn.pdbx_ptnr1_PDB_ins_code 
_struct_conn.pdbx_ptnr1_standard_comp_id 
_struct_conn.ptnr1_symmetry 
_struct_conn.ptnr2_label_asym_id 
_struct_conn.ptnr2_label_comp_id 
_struct_conn.ptnr2_label_seq_id 
_struct_conn.ptnr2_label_atom_id 
_struct_conn.pdbx_ptnr2_label_alt_id 
_struct_conn.pdbx_ptnr2_PDB_ins_code 
_struct_conn.ptnr1_auth_asym_id 
_struct_conn.ptnr1_auth_comp_id 
_struct_conn.ptnr1_auth_seq_id 
_struct_conn.ptnr2_auth_asym_id 
_struct_conn.ptnr2_auth_comp_id 
_struct_conn.ptnr2_auth_seq_id 
_struct_conn.ptnr2_symmetry 
_struct_conn.pdbx_ptnr3_label_atom_id 
_struct_conn.pdbx_ptnr3_label_seq_id 
_struct_conn.pdbx_ptnr3_label_comp_id 
_struct_conn.pdbx_ptnr3_label_asym_id 
_struct_conn.pdbx_ptnr3_label_alt_id 
_struct_conn.pdbx_ptnr3_PDB_ins_code 
_struct_conn.details 
_struct_conn.pdbx_dist_value 
_struct_conn.pdbx_value_order 
_struct_conn.pdbx_role 
metalc1  metalc ? ? A CYS 11 SG  ? ? ? 1_555 B ZN . ZN ? ? A CYS 580 A ZN 701 1_555 ? ? ? ? ? ? ? 2.456 ? ? 
metalc2  metalc ? ? A HIS 15 ND1 ? ? ? 1_555 B ZN . ZN ? ? A HIS 584 A ZN 701 1_555 ? ? ? ? ? ? ? 2.070 ? ? 
metalc3  metalc ? ? A CYS 32 SG  ? ? ? 1_555 C ZN . ZN ? ? A CYS 601 A ZN 702 1_555 ? ? ? ? ? ? ? 2.374 ? ? 
metalc4  metalc ? ? A CYS 35 SG  ? ? ? 1_555 C ZN . ZN ? ? A CYS 604 A ZN 702 1_555 ? ? ? ? ? ? ? 2.344 ? ? 
metalc5  metalc ? ? A CYS 51 SG  ? ? ? 1_555 B ZN . ZN ? ? A CYS 620 A ZN 701 1_555 ? ? ? ? ? ? ? 2.400 ? ? 
metalc6  metalc ? ? A CYS 54 SG  ? ? ? 1_555 B ZN . ZN ? ? A CYS 623 A ZN 701 1_555 ? ? ? ? ? ? ? 2.356 ? ? 
metalc7  metalc ? ? A CYS 59 SG  ? ? ? 1_555 C ZN . ZN ? ? A CYS 628 A ZN 702 1_555 ? ? ? ? ? ? ? 2.339 ? ? 
metalc8  metalc ? ? A CYS 62 SG  ? ? ? 1_555 C ZN . ZN ? ? A CYS 631 A ZN 702 1_555 ? ? ? ? ? ? ? 2.314 ? ? 
metalc9  metalc ? ? A CYS 75 SG  ? ? ? 1_555 D ZN . ZN ? ? A CYS 644 A ZN 703 1_555 ? ? ? ? ? ? ? 2.381 ? ? 
metalc10 metalc ? ? A CYS 78 SG  ? ? ? 1_555 D ZN . ZN ? ? A CYS 647 A ZN 703 1_555 ? ? ? ? ? ? ? 2.319 ? ? 
metalc11 metalc ? ? A HIS 91 NE2 ? ? ? 1_555 D ZN . ZN ? ? A HIS 660 A ZN 703 1_555 ? ? ? ? ? ? ? 1.944 ? ? 
metalc12 metalc ? ? A CYS 95 SG  ? ? ? 1_555 D ZN . ZN ? ? A CYS 664 A ZN 703 1_555 ? ? ? ? ? ? ? 2.338 ? ? 
# 
_struct_conn_type.id          metalc 
_struct_conn_type.criteria    ? 
_struct_conn_type.reference   ? 
# 
loop_
_pdbx_struct_conn_angle.id 
_pdbx_struct_conn_angle.ptnr1_label_atom_id 
_pdbx_struct_conn_angle.ptnr1_label_alt_id 
_pdbx_struct_conn_angle.ptnr1_label_asym_id 
_pdbx_struct_conn_angle.ptnr1_label_comp_id 
_pdbx_struct_conn_angle.ptnr1_label_seq_id 
_pdbx_struct_conn_angle.ptnr1_auth_atom_id 
_pdbx_struct_conn_angle.ptnr1_auth_asym_id 
_pdbx_struct_conn_angle.ptnr1_auth_comp_id 
_pdbx_struct_conn_angle.ptnr1_auth_seq_id 
_pdbx_struct_conn_angle.ptnr1_PDB_ins_code 
_pdbx_struct_conn_angle.ptnr1_symmetry 
_pdbx_struct_conn_angle.ptnr2_label_atom_id 
_pdbx_struct_conn_angle.ptnr2_label_alt_id 
_pdbx_struct_conn_angle.ptnr2_label_asym_id 
_pdbx_struct_conn_angle.ptnr2_label_comp_id 
_pdbx_struct_conn_angle.ptnr2_label_seq_id 
_pdbx_struct_conn_angle.ptnr2_auth_atom_id 
_pdbx_struct_conn_angle.ptnr2_auth_asym_id 
_pdbx_struct_conn_angle.ptnr2_auth_comp_id 
_pdbx_struct_conn_angle.ptnr2_auth_seq_id 
_pdbx_struct_conn_angle.ptnr2_PDB_ins_code 
_pdbx_struct_conn_angle.ptnr2_symmetry 
_pdbx_struct_conn_angle.ptnr3_label_atom_id 
_pdbx_struct_conn_angle.ptnr3_label_alt_id 
_pdbx_struct_conn_angle.ptnr3_label_asym_id 
_pdbx_struct_conn_angle.ptnr3_label_comp_id 
_pdbx_struct_conn_angle.ptnr3_label_seq_id 
_pdbx_struct_conn_angle.ptnr3_auth_atom_id 
_pdbx_struct_conn_angle.ptnr3_auth_asym_id 
_pdbx_struct_conn_angle.ptnr3_auth_comp_id 
_pdbx_struct_conn_angle.ptnr3_auth_seq_id 
_pdbx_struct_conn_angle.ptnr3_PDB_ins_code 
_pdbx_struct_conn_angle.ptnr3_symmetry 
_pdbx_struct_conn_angle.value 
_pdbx_struct_conn_angle.value_esd 
1  SG  ? A CYS 11 ? A CYS 580 ? 1_555 ZN ? B ZN . ? A ZN 701 ? 1_555 ND1 ? A HIS 15 ? A HIS 584 ? 1_555 94.6  ? 
2  SG  ? A CYS 11 ? A CYS 580 ? 1_555 ZN ? B ZN . ? A ZN 701 ? 1_555 SG  ? A CYS 51 ? A CYS 620 ? 1_555 122.3 ? 
3  ND1 ? A HIS 15 ? A HIS 584 ? 1_555 ZN ? B ZN . ? A ZN 701 ? 1_555 SG  ? A CYS 51 ? A CYS 620 ? 1_555 112.1 ? 
4  SG  ? A CYS 11 ? A CYS 580 ? 1_555 ZN ? B ZN . ? A ZN 701 ? 1_555 SG  ? A CYS 54 ? A CYS 623 ? 1_555 110.6 ? 
5  ND1 ? A HIS 15 ? A HIS 584 ? 1_555 ZN ? B ZN . ? A ZN 701 ? 1_555 SG  ? A CYS 54 ? A CYS 623 ? 1_555 102.4 ? 
6  SG  ? A CYS 51 ? A CYS 620 ? 1_555 ZN ? B ZN . ? A ZN 701 ? 1_555 SG  ? A CYS 54 ? A CYS 623 ? 1_555 111.9 ? 
7  SG  ? A CYS 32 ? A CYS 601 ? 1_555 ZN ? C ZN . ? A ZN 702 ? 1_555 SG  ? A CYS 35 ? A CYS 604 ? 1_555 105.7 ? 
8  SG  ? A CYS 32 ? A CYS 601 ? 1_555 ZN ? C ZN . ? A ZN 702 ? 1_555 SG  ? A CYS 59 ? A CYS 628 ? 1_555 112.9 ? 
9  SG  ? A CYS 35 ? A CYS 604 ? 1_555 ZN ? C ZN . ? A ZN 702 ? 1_555 SG  ? A CYS 59 ? A CYS 628 ? 1_555 115.0 ? 
10 SG  ? A CYS 32 ? A CYS 601 ? 1_555 ZN ? C ZN . ? A ZN 702 ? 1_555 SG  ? A CYS 62 ? A CYS 631 ? 1_555 111.1 ? 
11 SG  ? A CYS 35 ? A CYS 604 ? 1_555 ZN ? C ZN . ? A ZN 702 ? 1_555 SG  ? A CYS 62 ? A CYS 631 ? 1_555 104.0 ? 
12 SG  ? A CYS 59 ? A CYS 628 ? 1_555 ZN ? C ZN . ? A ZN 702 ? 1_555 SG  ? A CYS 62 ? A CYS 631 ? 1_555 107.9 ? 
13 SG  ? A CYS 75 ? A CYS 644 ? 1_555 ZN ? D ZN . ? A ZN 703 ? 1_555 SG  ? A CYS 78 ? A CYS 647 ? 1_555 109.6 ? 
14 SG  ? A CYS 75 ? A CYS 644 ? 1_555 ZN ? D ZN . ? A ZN 703 ? 1_555 NE2 ? A HIS 91 ? A HIS 660 ? 1_555 108.0 ? 
15 SG  ? A CYS 78 ? A CYS 647 ? 1_555 ZN ? D ZN . ? A ZN 703 ? 1_555 NE2 ? A HIS 91 ? A HIS 660 ? 1_555 99.8  ? 
16 SG  ? A CYS 75 ? A CYS 644 ? 1_555 ZN ? D ZN . ? A ZN 703 ? 1_555 SG  ? A CYS 95 ? A CYS 664 ? 1_555 112.6 ? 
17 SG  ? A CYS 78 ? A CYS 647 ? 1_555 ZN ? D ZN . ? A ZN 703 ? 1_555 SG  ? A CYS 95 ? A CYS 664 ? 1_555 116.1 ? 
18 NE2 ? A HIS 91 ? A HIS 660 ? 1_555 ZN ? D ZN . ? A ZN 703 ? 1_555 SG  ? A CYS 95 ? A CYS 664 ? 1_555 109.6 ? 
# 
loop_
_struct_sheet.id 
_struct_sheet.type 
_struct_sheet.number_strands 
_struct_sheet.details 
AA1 ? 3 ? 
AA2 ? 2 ? 
AA3 ? 2 ? 
# 
loop_
_struct_sheet_order.sheet_id 
_struct_sheet_order.range_id_1 
_struct_sheet_order.range_id_2 
_struct_sheet_order.offset 
_struct_sheet_order.sense 
AA1 1 2 ? anti-parallel 
AA1 2 3 ? anti-parallel 
AA2 1 2 ? anti-parallel 
AA3 1 2 ? anti-parallel 
# 
loop_
_struct_sheet_range.sheet_id 
_struct_sheet_range.id 
_struct_sheet_range.beg_label_comp_id 
_struct_sheet_range.beg_label_asym_id 
_struct_sheet_range.beg_label_seq_id 
_struct_sheet_range.pdbx_beg_PDB_ins_code 
_struct_sheet_range.end_label_comp_id 
_struct_sheet_range.end_label_asym_id 
_struct_sheet_range.end_label_seq_id 
_struct_sheet_range.pdbx_end_PDB_ins_code 
_struct_sheet_range.beg_auth_comp_id 
_struct_sheet_range.beg_auth_asym_id 
_struct_sheet_range.beg_auth_seq_id 
_struct_sheet_range.end_auth_comp_id 
_struct_sheet_range.end_auth_asym_id 
_struct_sheet_range.end_auth_seq_id 
AA1 1 GLU A 18 ? HIS A 20 ? GLU A 587 HIS A 589 
AA1 2 MET A 48 ? CYS A 51 ? MET A 617 CYS A 620 
AA1 3 TYR A 56 ? CYS A 59 ? TYR A 625 CYS A 628 
AA2 1 PHE A 30 ? ASP A 31 ? PHE A 599 ASP A 600 
AA2 2 PRO A 38 ? MET A 39 ? PRO A 607 MET A 608 
AA3 1 PHE A 73 ? LEU A 74 ? PHE A 642 LEU A 643 
AA3 2 LYS A 81 ? PHE A 82 ? LYS A 650 PHE A 651 
# 
loop_
_pdbx_struct_sheet_hbond.sheet_id 
_pdbx_struct_sheet_hbond.range_id_1 
_pdbx_struct_sheet_hbond.range_id_2 
_pdbx_struct_sheet_hbond.range_1_label_atom_id 
_pdbx_struct_sheet_hbond.range_1_label_comp_id 
_pdbx_struct_sheet_hbond.range_1_label_asym_id 
_pdbx_struct_sheet_hbond.range_1_label_seq_id 
_pdbx_struct_sheet_hbond.range_1_PDB_ins_code 
_pdbx_struct_sheet_hbond.range_1_auth_atom_id 
_pdbx_struct_sheet_hbond.range_1_auth_comp_id 
_pdbx_struct_sheet_hbond.range_1_auth_asym_id 
_pdbx_struct_sheet_hbond.range_1_auth_seq_id 
_pdbx_struct_sheet_hbond.range_2_label_atom_id 
_pdbx_struct_sheet_hbond.range_2_label_comp_id 
_pdbx_struct_sheet_hbond.range_2_label_asym_id 
_pdbx_struct_sheet_hbond.range_2_label_seq_id 
_pdbx_struct_sheet_hbond.range_2_PDB_ins_code 
_pdbx_struct_sheet_hbond.range_2_auth_atom_id 
_pdbx_struct_sheet_hbond.range_2_auth_comp_id 
_pdbx_struct_sheet_hbond.range_2_auth_asym_id 
_pdbx_struct_sheet_hbond.range_2_auth_seq_id 
AA1 1 2 N HIS A 20 ? N HIS A 589 O MET A 48 ? O MET A 617 
AA1 2 3 N TYR A 49 ? N TYR A 618 O VAL A 58 ? O VAL A 627 
AA2 1 2 N PHE A 30 ? N PHE A 599 O MET A 39 ? O MET A 608 
AA3 1 2 N PHE A 73 ? N PHE A 642 O PHE A 82 ? O PHE A 651 
# 
loop_
_struct_site.id 
_struct_site.pdbx_evidence_code 
_struct_site.pdbx_auth_asym_id 
_struct_site.pdbx_auth_comp_id 
_struct_site.pdbx_auth_seq_id 
_struct_site.pdbx_auth_ins_code 
_struct_site.pdbx_num_residues 
_struct_site.details 
AC1 Software A ZN  701 ? 4 'binding site for residue ZN A 701'  
AC2 Software A ZN  702 ? 4 'binding site for residue ZN A 702'  
AC3 Software A ZN  703 ? 4 'binding site for residue ZN A 703'  
AC4 Software A SO4 704 ? 9 'binding site for residue SO4 A 704' 
AC5 Software A SO4 705 ? 7 'binding site for residue SO4 A 705' 
AC6 Software A CL  706 ? 2 'binding site for residue CL A 706'  
# 
loop_
_struct_site_gen.id 
_struct_site_gen.site_id 
_struct_site_gen.pdbx_num_res 
_struct_site_gen.label_comp_id 
_struct_site_gen.label_asym_id 
_struct_site_gen.label_seq_id 
_struct_site_gen.pdbx_auth_ins_code 
_struct_site_gen.auth_comp_id 
_struct_site_gen.auth_asym_id 
_struct_site_gen.auth_seq_id 
_struct_site_gen.label_atom_id 
_struct_site_gen.label_alt_id 
_struct_site_gen.symmetry 
_struct_site_gen.details 
1  AC1 4 CYS A 11 ? CYS A 580 . ? 1_555 ? 
2  AC1 4 HIS A 15 ? HIS A 584 . ? 1_555 ? 
3  AC1 4 CYS A 51 ? CYS A 620 . ? 1_555 ? 
4  AC1 4 CYS A 54 ? CYS A 623 . ? 1_555 ? 
5  AC2 4 CYS A 32 ? CYS A 601 . ? 1_555 ? 
6  AC2 4 CYS A 35 ? CYS A 604 . ? 1_555 ? 
7  AC2 4 CYS A 59 ? CYS A 628 . ? 1_555 ? 
8  AC2 4 CYS A 62 ? CYS A 631 . ? 1_555 ? 
9  AC3 4 CYS A 75 ? CYS A 644 . ? 1_555 ? 
10 AC3 4 CYS A 78 ? CYS A 647 . ? 1_555 ? 
11 AC3 4 HIS A 91 ? HIS A 660 . ? 1_555 ? 
12 AC3 4 CYS A 95 ? CYS A 664 . ? 1_555 ? 
13 AC4 9 ALA A 25 ? ALA A 594 . ? 8_455 ? 
14 AC4 9 GLY A 26 ? GLY A 595 . ? 8_455 ? 
15 AC4 9 LYS A 41 ? LYS A 610 . ? 7_555 ? 
16 AC4 9 SER A 84 ? SER A 653 . ? 1_555 ? 
17 AC4 9 GLN A 85 ? GLN A 654 . ? 1_555 ? 
18 AC4 9 THR A 86 ? THR A 655 . ? 1_555 ? 
19 AC4 9 HOH H .  ? HOH A 820 . ? 1_555 ? 
20 AC4 9 HOH H .  ? HOH A 826 . ? 7_555 ? 
21 AC4 9 HOH H .  ? HOH A 828 . ? 7_555 ? 
22 AC5 7 GLY A 1  ? GLY A 570 . ? 1_555 ? 
23 AC5 7 SER A 2  ? SER A 571 . ? 1_555 ? 
24 AC5 7 HIS A 15 ? HIS A 584 . ? 1_555 ? 
25 AC5 7 HIS A 15 ? HIS A 584 . ? 4_565 ? 
26 AC5 7 LYS A 53 ? LYS A 622 . ? 4_565 ? 
27 AC5 7 LYS A 53 ? LYS A 622 . ? 1_555 ? 
28 AC5 7 HOH H .  ? HOH A 801 . ? 1_555 ? 
29 AC6 2 ARG A 14 ? ARG A 583 . ? 1_555 ? 
30 AC6 2 ARG A 14 ? ARG A 583 . ? 2_565 ? 
# 
_pdbx_validate_symm_contact.id                1 
_pdbx_validate_symm_contact.PDB_model_num     1 
_pdbx_validate_symm_contact.auth_atom_id_1    CA 
_pdbx_validate_symm_contact.auth_asym_id_1    A 
_pdbx_validate_symm_contact.auth_comp_id_1    GLY 
_pdbx_validate_symm_contact.auth_seq_id_1     576 
_pdbx_validate_symm_contact.PDB_ins_code_1    ? 
_pdbx_validate_symm_contact.label_alt_id_1    ? 
_pdbx_validate_symm_contact.site_symmetry_1   1_555 
_pdbx_validate_symm_contact.auth_atom_id_2    N 
_pdbx_validate_symm_contact.auth_asym_id_2    A 
_pdbx_validate_symm_contact.auth_comp_id_2    ALA 
_pdbx_validate_symm_contact.auth_seq_id_2     577 
_pdbx_validate_symm_contact.PDB_ins_code_2    ? 
_pdbx_validate_symm_contact.label_alt_id_2    ? 
_pdbx_validate_symm_contact.site_symmetry_2   3_555 
_pdbx_validate_symm_contact.dist              1.31 
# 
loop_
_pdbx_struct_special_symmetry.id 
_pdbx_struct_special_symmetry.PDB_model_num 
_pdbx_struct_special_symmetry.auth_asym_id 
_pdbx_struct_special_symmetry.auth_comp_id 
_pdbx_struct_special_symmetry.auth_seq_id 
_pdbx_struct_special_symmetry.PDB_ins_code 
_pdbx_struct_special_symmetry.label_asym_id 
_pdbx_struct_special_symmetry.label_comp_id 
_pdbx_struct_special_symmetry.label_seq_id 
1 1 A GLY 576 ? A GLY 7 
2 1 A CL  706 ? G CL  . 
3 1 A HOH 837 ? H HOH . 
4 1 A HOH 893 ? H HOH . 
# 
_phasing.method   SAD 
# 
_pdbx_entry_details.entry_id                 6TLY 
_pdbx_entry_details.nonpolymer_details       ? 
_pdbx_entry_details.sequence_details         ? 
_pdbx_entry_details.compound_details         ? 
_pdbx_entry_details.source_details           ? 
_pdbx_entry_details.has_ligand_of_interest   Y 
# 
loop_
_chem_comp_atom.comp_id 
_chem_comp_atom.atom_id 
_chem_comp_atom.type_symbol 
_chem_comp_atom.pdbx_aromatic_flag 
_chem_comp_atom.pdbx_stereo_config 
_chem_comp_atom.pdbx_ordinal 
ALA N    N  N N 1   
ALA CA   C  N S 2   
ALA C    C  N N 3   
ALA O    O  N N 4   
ALA CB   C  N N 5   
ALA OXT  O  N N 6   
ALA H    H  N N 7   
ALA H2   H  N N 8   
ALA HA   H  N N 9   
ALA HB1  H  N N 10  
ALA HB2  H  N N 11  
ALA HB3  H  N N 12  
ALA HXT  H  N N 13  
ARG N    N  N N 14  
ARG CA   C  N S 15  
ARG C    C  N N 16  
ARG O    O  N N 17  
ARG CB   C  N N 18  
ARG CG   C  N N 19  
ARG CD   C  N N 20  
ARG NE   N  N N 21  
ARG CZ   C  N N 22  
ARG NH1  N  N N 23  
ARG NH2  N  N N 24  
ARG OXT  O  N N 25  
ARG H    H  N N 26  
ARG H2   H  N N 27  
ARG HA   H  N N 28  
ARG HB2  H  N N 29  
ARG HB3  H  N N 30  
ARG HG2  H  N N 31  
ARG HG3  H  N N 32  
ARG HD2  H  N N 33  
ARG HD3  H  N N 34  
ARG HE   H  N N 35  
ARG HH11 H  N N 36  
ARG HH12 H  N N 37  
ARG HH21 H  N N 38  
ARG HH22 H  N N 39  
ARG HXT  H  N N 40  
ASN N    N  N N 41  
ASN CA   C  N S 42  
ASN C    C  N N 43  
ASN O    O  N N 44  
ASN CB   C  N N 45  
ASN CG   C  N N 46  
ASN OD1  O  N N 47  
ASN ND2  N  N N 48  
ASN OXT  O  N N 49  
ASN H    H  N N 50  
ASN H2   H  N N 51  
ASN HA   H  N N 52  
ASN HB2  H  N N 53  
ASN HB3  H  N N 54  
ASN HD21 H  N N 55  
ASN HD22 H  N N 56  
ASN HXT  H  N N 57  
ASP N    N  N N 58  
ASP CA   C  N S 59  
ASP C    C  N N 60  
ASP O    O  N N 61  
ASP CB   C  N N 62  
ASP CG   C  N N 63  
ASP OD1  O  N N 64  
ASP OD2  O  N N 65  
ASP OXT  O  N N 66  
ASP H    H  N N 67  
ASP H2   H  N N 68  
ASP HA   H  N N 69  
ASP HB2  H  N N 70  
ASP HB3  H  N N 71  
ASP HD2  H  N N 72  
ASP HXT  H  N N 73  
CL  CL   CL N N 74  
CYS N    N  N N 75  
CYS CA   C  N R 76  
CYS C    C  N N 77  
CYS O    O  N N 78  
CYS CB   C  N N 79  
CYS SG   S  N N 80  
CYS OXT  O  N N 81  
CYS H    H  N N 82  
CYS H2   H  N N 83  
CYS HA   H  N N 84  
CYS HB2  H  N N 85  
CYS HB3  H  N N 86  
CYS HG   H  N N 87  
CYS HXT  H  N N 88  
GLN N    N  N N 89  
GLN CA   C  N S 90  
GLN C    C  N N 91  
GLN O    O  N N 92  
GLN CB   C  N N 93  
GLN CG   C  N N 94  
GLN CD   C  N N 95  
GLN OE1  O  N N 96  
GLN NE2  N  N N 97  
GLN OXT  O  N N 98  
GLN H    H  N N 99  
GLN H2   H  N N 100 
GLN HA   H  N N 101 
GLN HB2  H  N N 102 
GLN HB3  H  N N 103 
GLN HG2  H  N N 104 
GLN HG3  H  N N 105 
GLN HE21 H  N N 106 
GLN HE22 H  N N 107 
GLN HXT  H  N N 108 
GLU N    N  N N 109 
GLU CA   C  N S 110 
GLU C    C  N N 111 
GLU O    O  N N 112 
GLU CB   C  N N 113 
GLU CG   C  N N 114 
GLU CD   C  N N 115 
GLU OE1  O  N N 116 
GLU OE2  O  N N 117 
GLU OXT  O  N N 118 
GLU H    H  N N 119 
GLU H2   H  N N 120 
GLU HA   H  N N 121 
GLU HB2  H  N N 122 
GLU HB3  H  N N 123 
GLU HG2  H  N N 124 
GLU HG3  H  N N 125 
GLU HE2  H  N N 126 
GLU HXT  H  N N 127 
GLY N    N  N N 128 
GLY CA   C  N N 129 
GLY C    C  N N 130 
GLY O    O  N N 131 
GLY OXT  O  N N 132 
GLY H    H  N N 133 
GLY H2   H  N N 134 
GLY HA2  H  N N 135 
GLY HA3  H  N N 136 
GLY HXT  H  N N 137 
HIS N    N  N N 138 
HIS CA   C  N S 139 
HIS C    C  N N 140 
HIS O    O  N N 141 
HIS CB   C  N N 142 
HIS CG   C  Y N 143 
HIS ND1  N  Y N 144 
HIS CD2  C  Y N 145 
HIS CE1  C  Y N 146 
HIS NE2  N  Y N 147 
HIS OXT  O  N N 148 
HIS H    H  N N 149 
HIS H2   H  N N 150 
HIS HA   H  N N 151 
HIS HB2  H  N N 152 
HIS HB3  H  N N 153 
HIS HD1  H  N N 154 
HIS HD2  H  N N 155 
HIS HE1  H  N N 156 
HIS HE2  H  N N 157 
HIS HXT  H  N N 158 
HOH O    O  N N 159 
HOH H1   H  N N 160 
HOH H2   H  N N 161 
ILE N    N  N N 162 
ILE CA   C  N S 163 
ILE C    C  N N 164 
ILE O    O  N N 165 
ILE CB   C  N S 166 
ILE CG1  C  N N 167 
ILE CG2  C  N N 168 
ILE CD1  C  N N 169 
ILE OXT  O  N N 170 
ILE H    H  N N 171 
ILE H2   H  N N 172 
ILE HA   H  N N 173 
ILE HB   H  N N 174 
ILE HG12 H  N N 175 
ILE HG13 H  N N 176 
ILE HG21 H  N N 177 
ILE HG22 H  N N 178 
ILE HG23 H  N N 179 
ILE HD11 H  N N 180 
ILE HD12 H  N N 181 
ILE HD13 H  N N 182 
ILE HXT  H  N N 183 
LEU N    N  N N 184 
LEU CA   C  N S 185 
LEU C    C  N N 186 
LEU O    O  N N 187 
LEU CB   C  N N 188 
LEU CG   C  N N 189 
LEU CD1  C  N N 190 
LEU CD2  C  N N 191 
LEU OXT  O  N N 192 
LEU H    H  N N 193 
LEU H2   H  N N 194 
LEU HA   H  N N 195 
LEU HB2  H  N N 196 
LEU HB3  H  N N 197 
LEU HG   H  N N 198 
LEU HD11 H  N N 199 
LEU HD12 H  N N 200 
LEU HD13 H  N N 201 
LEU HD21 H  N N 202 
LEU HD22 H  N N 203 
LEU HD23 H  N N 204 
LEU HXT  H  N N 205 
LYS N    N  N N 206 
LYS CA   C  N S 207 
LYS C    C  N N 208 
LYS O    O  N N 209 
LYS CB   C  N N 210 
LYS CG   C  N N 211 
LYS CD   C  N N 212 
LYS CE   C  N N 213 
LYS NZ   N  N N 214 
LYS OXT  O  N N 215 
LYS H    H  N N 216 
LYS H2   H  N N 217 
LYS HA   H  N N 218 
LYS HB2  H  N N 219 
LYS HB3  H  N N 220 
LYS HG2  H  N N 221 
LYS HG3  H  N N 222 
LYS HD2  H  N N 223 
LYS HD3  H  N N 224 
LYS HE2  H  N N 225 
LYS HE3  H  N N 226 
LYS HZ1  H  N N 227 
LYS HZ2  H  N N 228 
LYS HZ3  H  N N 229 
LYS HXT  H  N N 230 
MET N    N  N N 231 
MET CA   C  N S 232 
MET C    C  N N 233 
MET O    O  N N 234 
MET CB   C  N N 235 
MET CG   C  N N 236 
MET SD   S  N N 237 
MET CE   C  N N 238 
MET OXT  O  N N 239 
MET H    H  N N 240 
MET H2   H  N N 241 
MET HA   H  N N 242 
MET HB2  H  N N 243 
MET HB3  H  N N 244 
MET HG2  H  N N 245 
MET HG3  H  N N 246 
MET HE1  H  N N 247 
MET HE2  H  N N 248 
MET HE3  H  N N 249 
MET HXT  H  N N 250 
PHE N    N  N N 251 
PHE CA   C  N S 252 
PHE C    C  N N 253 
PHE O    O  N N 254 
PHE CB   C  N N 255 
PHE CG   C  Y N 256 
PHE CD1  C  Y N 257 
PHE CD2  C  Y N 258 
PHE CE1  C  Y N 259 
PHE CE2  C  Y N 260 
PHE CZ   C  Y N 261 
PHE OXT  O  N N 262 
PHE H    H  N N 263 
PHE H2   H  N N 264 
PHE HA   H  N N 265 
PHE HB2  H  N N 266 
PHE HB3  H  N N 267 
PHE HD1  H  N N 268 
PHE HD2  H  N N 269 
PHE HE1  H  N N 270 
PHE HE2  H  N N 271 
PHE HZ   H  N N 272 
PHE HXT  H  N N 273 
PRO N    N  N N 274 
PRO CA   C  N S 275 
PRO C    C  N N 276 
PRO O    O  N N 277 
PRO CB   C  N N 278 
PRO CG   C  N N 279 
PRO CD   C  N N 280 
PRO OXT  O  N N 281 
PRO H    H  N N 282 
PRO HA   H  N N 283 
PRO HB2  H  N N 284 
PRO HB3  H  N N 285 
PRO HG2  H  N N 286 
PRO HG3  H  N N 287 
PRO HD2  H  N N 288 
PRO HD3  H  N N 289 
PRO HXT  H  N N 290 
SER N    N  N N 291 
SER CA   C  N S 292 
SER C    C  N N 293 
SER O    O  N N 294 
SER CB   C  N N 295 
SER OG   O  N N 296 
SER OXT  O  N N 297 
SER H    H  N N 298 
SER H2   H  N N 299 
SER HA   H  N N 300 
SER HB2  H  N N 301 
SER HB3  H  N N 302 
SER HG   H  N N 303 
SER HXT  H  N N 304 
SO4 S    S  N N 305 
SO4 O1   O  N N 306 
SO4 O2   O  N N 307 
SO4 O3   O  N N 308 
SO4 O4   O  N N 309 
THR N    N  N N 310 
THR CA   C  N S 311 
THR C    C  N N 312 
THR O    O  N N 313 
THR CB   C  N R 314 
THR OG1  O  N N 315 
THR CG2  C  N N 316 
THR OXT  O  N N 317 
THR H    H  N N 318 
THR H2   H  N N 319 
THR HA   H  N N 320 
THR HB   H  N N 321 
THR HG1  H  N N 322 
THR HG21 H  N N 323 
THR HG22 H  N N 324 
THR HG23 H  N N 325 
THR HXT  H  N N 326 
TYR N    N  N N 327 
TYR CA   C  N S 328 
TYR C    C  N N 329 
TYR O    O  N N 330 
TYR CB   C  N N 331 
TYR CG   C  Y N 332 
TYR CD1  C  Y N 333 
TYR CD2  C  Y N 334 
TYR CE1  C  Y N 335 
TYR CE2  C  Y N 336 
TYR CZ   C  Y N 337 
TYR OH   O  N N 338 
TYR OXT  O  N N 339 
TYR H    H  N N 340 
TYR H2   H  N N 341 
TYR HA   H  N N 342 
TYR HB2  H  N N 343 
TYR HB3  H  N N 344 
TYR HD1  H  N N 345 
TYR HD2  H  N N 346 
TYR HE1  H  N N 347 
TYR HE2  H  N N 348 
TYR HH   H  N N 349 
TYR HXT  H  N N 350 
VAL N    N  N N 351 
VAL CA   C  N S 352 
VAL C    C  N N 353 
VAL O    O  N N 354 
VAL CB   C  N N 355 
VAL CG1  C  N N 356 
VAL CG2  C  N N 357 
VAL OXT  O  N N 358 
VAL H    H  N N 359 
VAL H2   H  N N 360 
VAL HA   H  N N 361 
VAL HB   H  N N 362 
VAL HG11 H  N N 363 
VAL HG12 H  N N 364 
VAL HG13 H  N N 365 
VAL HG21 H  N N 366 
VAL HG22 H  N N 367 
VAL HG23 H  N N 368 
VAL HXT  H  N N 369 
ZN  ZN   ZN N N 370 
# 
loop_
_chem_comp_bond.comp_id 
_chem_comp_bond.atom_id_1 
_chem_comp_bond.atom_id_2 
_chem_comp_bond.value_order 
_chem_comp_bond.pdbx_aromatic_flag 
_chem_comp_bond.pdbx_stereo_config 
_chem_comp_bond.pdbx_ordinal 
ALA N   CA   sing N N 1   
ALA N   H    sing N N 2   
ALA N   H2   sing N N 3   
ALA CA  C    sing N N 4   
ALA CA  CB   sing N N 5   
ALA CA  HA   sing N N 6   
ALA C   O    doub N N 7   
ALA C   OXT  sing N N 8   
ALA CB  HB1  sing N N 9   
ALA CB  HB2  sing N N 10  
ALA CB  HB3  sing N N 11  
ALA OXT HXT  sing N N 12  
ARG N   CA   sing N N 13  
ARG N   H    sing N N 14  
ARG N   H2   sing N N 15  
ARG CA  C    sing N N 16  
ARG CA  CB   sing N N 17  
ARG CA  HA   sing N N 18  
ARG C   O    doub N N 19  
ARG C   OXT  sing N N 20  
ARG CB  CG   sing N N 21  
ARG CB  HB2  sing N N 22  
ARG CB  HB3  sing N N 23  
ARG CG  CD   sing N N 24  
ARG CG  HG2  sing N N 25  
ARG CG  HG3  sing N N 26  
ARG CD  NE   sing N N 27  
ARG CD  HD2  sing N N 28  
ARG CD  HD3  sing N N 29  
ARG NE  CZ   sing N N 30  
ARG NE  HE   sing N N 31  
ARG CZ  NH1  sing N N 32  
ARG CZ  NH2  doub N N 33  
ARG NH1 HH11 sing N N 34  
ARG NH1 HH12 sing N N 35  
ARG NH2 HH21 sing N N 36  
ARG NH2 HH22 sing N N 37  
ARG OXT HXT  sing N N 38  
ASN N   CA   sing N N 39  
ASN N   H    sing N N 40  
ASN N   H2   sing N N 41  
ASN CA  C    sing N N 42  
ASN CA  CB   sing N N 43  
ASN CA  HA   sing N N 44  
ASN C   O    doub N N 45  
ASN C   OXT  sing N N 46  
ASN CB  CG   sing N N 47  
ASN CB  HB2  sing N N 48  
ASN CB  HB3  sing N N 49  
ASN CG  OD1  doub N N 50  
ASN CG  ND2  sing N N 51  
ASN ND2 HD21 sing N N 52  
ASN ND2 HD22 sing N N 53  
ASN OXT HXT  sing N N 54  
ASP N   CA   sing N N 55  
ASP N   H    sing N N 56  
ASP N   H2   sing N N 57  
ASP CA  C    sing N N 58  
ASP CA  CB   sing N N 59  
ASP CA  HA   sing N N 60  
ASP C   O    doub N N 61  
ASP C   OXT  sing N N 62  
ASP CB  CG   sing N N 63  
ASP CB  HB2  sing N N 64  
ASP CB  HB3  sing N N 65  
ASP CG  OD1  doub N N 66  
ASP CG  OD2  sing N N 67  
ASP OD2 HD2  sing N N 68  
ASP OXT HXT  sing N N 69  
CYS N   CA   sing N N 70  
CYS N   H    sing N N 71  
CYS N   H2   sing N N 72  
CYS CA  C    sing N N 73  
CYS CA  CB   sing N N 74  
CYS CA  HA   sing N N 75  
CYS C   O    doub N N 76  
CYS C   OXT  sing N N 77  
CYS CB  SG   sing N N 78  
CYS CB  HB2  sing N N 79  
CYS CB  HB3  sing N N 80  
CYS SG  HG   sing N N 81  
CYS OXT HXT  sing N N 82  
GLN N   CA   sing N N 83  
GLN N   H    sing N N 84  
GLN N   H2   sing N N 85  
GLN CA  C    sing N N 86  
GLN CA  CB   sing N N 87  
GLN CA  HA   sing N N 88  
GLN C   O    doub N N 89  
GLN C   OXT  sing N N 90  
GLN CB  CG   sing N N 91  
GLN CB  HB2  sing N N 92  
GLN CB  HB3  sing N N 93  
GLN CG  CD   sing N N 94  
GLN CG  HG2  sing N N 95  
GLN CG  HG3  sing N N 96  
GLN CD  OE1  doub N N 97  
GLN CD  NE2  sing N N 98  
GLN NE2 HE21 sing N N 99  
GLN NE2 HE22 sing N N 100 
GLN OXT HXT  sing N N 101 
GLU N   CA   sing N N 102 
GLU N   H    sing N N 103 
GLU N   H2   sing N N 104 
GLU CA  C    sing N N 105 
GLU CA  CB   sing N N 106 
GLU CA  HA   sing N N 107 
GLU C   O    doub N N 108 
GLU C   OXT  sing N N 109 
GLU CB  CG   sing N N 110 
GLU CB  HB2  sing N N 111 
GLU CB  HB3  sing N N 112 
GLU CG  CD   sing N N 113 
GLU CG  HG2  sing N N 114 
GLU CG  HG3  sing N N 115 
GLU CD  OE1  doub N N 116 
GLU CD  OE2  sing N N 117 
GLU OE2 HE2  sing N N 118 
GLU OXT HXT  sing N N 119 
GLY N   CA   sing N N 120 
GLY N   H    sing N N 121 
GLY N   H2   sing N N 122 
GLY CA  C    sing N N 123 
GLY CA  HA2  sing N N 124 
GLY CA  HA3  sing N N 125 
GLY C   O    doub N N 126 
GLY C   OXT  sing N N 127 
GLY OXT HXT  sing N N 128 
HIS N   CA   sing N N 129 
HIS N   H    sing N N 130 
HIS N   H2   sing N N 131 
HIS CA  C    sing N N 132 
HIS CA  CB   sing N N 133 
HIS CA  HA   sing N N 134 
HIS C   O    doub N N 135 
HIS C   OXT  sing N N 136 
HIS CB  CG   sing N N 137 
HIS CB  HB2  sing N N 138 
HIS CB  HB3  sing N N 139 
HIS CG  ND1  sing Y N 140 
HIS CG  CD2  doub Y N 141 
HIS ND1 CE1  doub Y N 142 
HIS ND1 HD1  sing N N 143 
HIS CD2 NE2  sing Y N 144 
HIS CD2 HD2  sing N N 145 
HIS CE1 NE2  sing Y N 146 
HIS CE1 HE1  sing N N 147 
HIS NE2 HE2  sing N N 148 
HIS OXT HXT  sing N N 149 
HOH O   H1   sing N N 150 
HOH O   H2   sing N N 151 
ILE N   CA   sing N N 152 
ILE N   H    sing N N 153 
ILE N   H2   sing N N 154 
ILE CA  C    sing N N 155 
ILE CA  CB   sing N N 156 
ILE CA  HA   sing N N 157 
ILE C   O    doub N N 158 
ILE C   OXT  sing N N 159 
ILE CB  CG1  sing N N 160 
ILE CB  CG2  sing N N 161 
ILE CB  HB   sing N N 162 
ILE CG1 CD1  sing N N 163 
ILE CG1 HG12 sing N N 164 
ILE CG1 HG13 sing N N 165 
ILE CG2 HG21 sing N N 166 
ILE CG2 HG22 sing N N 167 
ILE CG2 HG23 sing N N 168 
ILE CD1 HD11 sing N N 169 
ILE CD1 HD12 sing N N 170 
ILE CD1 HD13 sing N N 171 
ILE OXT HXT  sing N N 172 
LEU N   CA   sing N N 173 
LEU N   H    sing N N 174 
LEU N   H2   sing N N 175 
LEU CA  C    sing N N 176 
LEU CA  CB   sing N N 177 
LEU CA  HA   sing N N 178 
LEU C   O    doub N N 179 
LEU C   OXT  sing N N 180 
LEU CB  CG   sing N N 181 
LEU CB  HB2  sing N N 182 
LEU CB  HB3  sing N N 183 
LEU CG  CD1  sing N N 184 
LEU CG  CD2  sing N N 185 
LEU CG  HG   sing N N 186 
LEU CD1 HD11 sing N N 187 
LEU CD1 HD12 sing N N 188 
LEU CD1 HD13 sing N N 189 
LEU CD2 HD21 sing N N 190 
LEU CD2 HD22 sing N N 191 
LEU CD2 HD23 sing N N 192 
LEU OXT HXT  sing N N 193 
LYS N   CA   sing N N 194 
LYS N   H    sing N N 195 
LYS N   H2   sing N N 196 
LYS CA  C    sing N N 197 
LYS CA  CB   sing N N 198 
LYS CA  HA   sing N N 199 
LYS C   O    doub N N 200 
LYS C   OXT  sing N N 201 
LYS CB  CG   sing N N 202 
LYS CB  HB2  sing N N 203 
LYS CB  HB3  sing N N 204 
LYS CG  CD   sing N N 205 
LYS CG  HG2  sing N N 206 
LYS CG  HG3  sing N N 207 
LYS CD  CE   sing N N 208 
LYS CD  HD2  sing N N 209 
LYS CD  HD3  sing N N 210 
LYS CE  NZ   sing N N 211 
LYS CE  HE2  sing N N 212 
LYS CE  HE3  sing N N 213 
LYS NZ  HZ1  sing N N 214 
LYS NZ  HZ2  sing N N 215 
LYS NZ  HZ3  sing N N 216 
LYS OXT HXT  sing N N 217 
MET N   CA   sing N N 218 
MET N   H    sing N N 219 
MET N   H2   sing N N 220 
MET CA  C    sing N N 221 
MET CA  CB   sing N N 222 
MET CA  HA   sing N N 223 
MET C   O    doub N N 224 
MET C   OXT  sing N N 225 
MET CB  CG   sing N N 226 
MET CB  HB2  sing N N 227 
MET CB  HB3  sing N N 228 
MET CG  SD   sing N N 229 
MET CG  HG2  sing N N 230 
MET CG  HG3  sing N N 231 
MET SD  CE   sing N N 232 
MET CE  HE1  sing N N 233 
MET CE  HE2  sing N N 234 
MET CE  HE3  sing N N 235 
MET OXT HXT  sing N N 236 
PHE N   CA   sing N N 237 
PHE N   H    sing N N 238 
PHE N   H2   sing N N 239 
PHE CA  C    sing N N 240 
PHE CA  CB   sing N N 241 
PHE CA  HA   sing N N 242 
PHE C   O    doub N N 243 
PHE C   OXT  sing N N 244 
PHE CB  CG   sing N N 245 
PHE CB  HB2  sing N N 246 
PHE CB  HB3  sing N N 247 
PHE CG  CD1  doub Y N 248 
PHE CG  CD2  sing Y N 249 
PHE CD1 CE1  sing Y N 250 
PHE CD1 HD1  sing N N 251 
PHE CD2 CE2  doub Y N 252 
PHE CD2 HD2  sing N N 253 
PHE CE1 CZ   doub Y N 254 
PHE CE1 HE1  sing N N 255 
PHE CE2 CZ   sing Y N 256 
PHE CE2 HE2  sing N N 257 
PHE CZ  HZ   sing N N 258 
PHE OXT HXT  sing N N 259 
PRO N   CA   sing N N 260 
PRO N   CD   sing N N 261 
PRO N   H    sing N N 262 
PRO CA  C    sing N N 263 
PRO CA  CB   sing N N 264 
PRO CA  HA   sing N N 265 
PRO C   O    doub N N 266 
PRO C   OXT  sing N N 267 
PRO CB  CG   sing N N 268 
PRO CB  HB2  sing N N 269 
PRO CB  HB3  sing N N 270 
PRO CG  CD   sing N N 271 
PRO CG  HG2  sing N N 272 
PRO CG  HG3  sing N N 273 
PRO CD  HD2  sing N N 274 
PRO CD  HD3  sing N N 275 
PRO OXT HXT  sing N N 276 
SER N   CA   sing N N 277 
SER N   H    sing N N 278 
SER N   H2   sing N N 279 
SER CA  C    sing N N 280 
SER CA  CB   sing N N 281 
SER CA  HA   sing N N 282 
SER C   O    doub N N 283 
SER C   OXT  sing N N 284 
SER CB  OG   sing N N 285 
SER CB  HB2  sing N N 286 
SER CB  HB3  sing N N 287 
SER OG  HG   sing N N 288 
SER OXT HXT  sing N N 289 
SO4 S   O1   doub N N 290 
SO4 S   O2   doub N N 291 
SO4 S   O3   sing N N 292 
SO4 S   O4   sing N N 293 
THR N   CA   sing N N 294 
THR N   H    sing N N 295 
THR N   H2   sing N N 296 
THR CA  C    sing N N 297 
THR CA  CB   sing N N 298 
THR CA  HA   sing N N 299 
THR C   O    doub N N 300 
THR C   OXT  sing N N 301 
THR CB  OG1  sing N N 302 
THR CB  CG2  sing N N 303 
THR CB  HB   sing N N 304 
THR OG1 HG1  sing N N 305 
THR CG2 HG21 sing N N 306 
THR CG2 HG22 sing N N 307 
THR CG2 HG23 sing N N 308 
THR OXT HXT  sing N N 309 
TYR N   CA   sing N N 310 
TYR N   H    sing N N 311 
TYR N   H2   sing N N 312 
TYR CA  C    sing N N 313 
TYR CA  CB   sing N N 314 
TYR CA  HA   sing N N 315 
TYR C   O    doub N N 316 
TYR C   OXT  sing N N 317 
TYR CB  CG   sing N N 318 
TYR CB  HB2  sing N N 319 
TYR CB  HB3  sing N N 320 
TYR CG  CD1  doub Y N 321 
TYR CG  CD2  sing Y N 322 
TYR CD1 CE1  sing Y N 323 
TYR CD1 HD1  sing N N 324 
TYR CD2 CE2  doub Y N 325 
TYR CD2 HD2  sing N N 326 
TYR CE1 CZ   doub Y N 327 
TYR CE1 HE1  sing N N 328 
TYR CE2 CZ   sing Y N 329 
TYR CE2 HE2  sing N N 330 
TYR CZ  OH   sing N N 331 
TYR OH  HH   sing N N 332 
TYR OXT HXT  sing N N 333 
VAL N   CA   sing N N 334 
VAL N   H    sing N N 335 
VAL N   H2   sing N N 336 
VAL CA  C    sing N N 337 
VAL CA  CB   sing N N 338 
VAL CA  HA   sing N N 339 
VAL C   O    doub N N 340 
VAL C   OXT  sing N N 341 
VAL CB  CG1  sing N N 342 
VAL CB  CG2  sing N N 343 
VAL CB  HB   sing N N 344 
VAL CG1 HG11 sing N N 345 
VAL CG1 HG12 sing N N 346 
VAL CG1 HG13 sing N N 347 
VAL CG2 HG21 sing N N 348 
VAL CG2 HG22 sing N N 349 
VAL CG2 HG23 sing N N 350 
VAL OXT HXT  sing N N 351 
# 
_pdbx_audit_support.funding_organization   'Wellcome Trust' 
_pdbx_audit_support.country                'United Kingdom' 
_pdbx_audit_support.grant_number           210622/Z/18/Z 
_pdbx_audit_support.ordinal                1 
# 
_pdbx_entity_instance_feature.ordinal        1 
_pdbx_entity_instance_feature.comp_id        ZN 
_pdbx_entity_instance_feature.asym_id        ? 
_pdbx_entity_instance_feature.seq_num        ? 
_pdbx_entity_instance_feature.auth_comp_id   ZN 
_pdbx_entity_instance_feature.auth_asym_id   ? 
_pdbx_entity_instance_feature.auth_seq_num   ? 
_pdbx_entity_instance_feature.feature_type   'SUBJECT OF INVESTIGATION' 
_pdbx_entity_instance_feature.details        ? 
# 
_atom_sites.entry_id                    6TLY 
_atom_sites.Cartn_transf_matrix[1][1]   ? 
_atom_sites.Cartn_transf_matrix[1][2]   ? 
_atom_sites.Cartn_transf_matrix[1][3]   ? 
_atom_sites.Cartn_transf_matrix[2][1]   ? 
_atom_sites.Cartn_transf_matrix[2][2]   ? 
_atom_sites.Cartn_transf_matrix[2][3]   ? 
_atom_sites.Cartn_transf_matrix[3][1]   ? 
_atom_sites.Cartn_transf_matrix[3][2]   ? 
_atom_sites.Cartn_transf_matrix[3][3]   ? 
_atom_sites.Cartn_transf_vector[1]      ? 
_atom_sites.Cartn_transf_vector[2]      ? 
_atom_sites.Cartn_transf_vector[3]      ? 
_atom_sites.fract_transf_matrix[1][1]   0.00280050 
_atom_sites.fract_transf_matrix[1][2]   -0.00160960 
_atom_sites.fract_transf_matrix[1][3]   0.02546294 
_atom_sites.fract_transf_matrix[2][1]   -0.00842592 
_atom_sites.fract_transf_matrix[2][2]   0.01656238 
_atom_sites.fract_transf_matrix[2][3]   0.00197368 
_atom_sites.fract_transf_matrix[3][1]   -0.01063590 
_atom_sites.fract_transf_matrix[3][2]   -0.00550879 
_atom_sites.fract_transf_matrix[3][3]   0.00082154 
_atom_sites.fract_transf_vector[1]      0.263360 
_atom_sites.fract_transf_vector[2]      0.320647 
_atom_sites.fract_transf_vector[3]      0.125535 
_atom_sites.solution_primary            ? 
_atom_sites.solution_secondary          ? 
_atom_sites.solution_hydrogens          ? 
_atom_sites.special_details             ? 
# 
loop_
_atom_type.symbol 
C  
CL 
N  
O  
S  
ZN 
# 
loop_
_atom_site.group_PDB 
_atom_site.id 
_atom_site.type_symbol 
_atom_site.label_atom_id 
_atom_site.label_alt_id 
_atom_site.label_comp_id 
_atom_site.label_asym_id 
_atom_site.label_entity_id 
_atom_site.label_seq_id 
_atom_site.pdbx_PDB_ins_code 
_atom_site.Cartn_x 
_atom_site.Cartn_y 
_atom_site.Cartn_z 
_atom_site.occupancy 
_atom_site.B_iso_or_equiv 
_atom_site.pdbx_formal_charge 
_atom_site.auth_seq_id 
_atom_site.auth_comp_id 
_atom_site.auth_asym_id 
_atom_site.auth_atom_id 
_atom_site.pdbx_PDB_model_num 
ATOM   1   N  N   . GLY A 1 1  ? 9.333   11.846  4.880   1.00 50.84 ? 570 GLY A N   1 
ATOM   2   C  CA  . GLY A 1 1  ? 10.217  12.426  3.882   1.00 50.91 ? 570 GLY A CA  1 
ATOM   3   C  C   . GLY A 1 1  ? 10.639  11.385  2.874   1.00 50.85 ? 570 GLY A C   1 
ATOM   4   O  O   . GLY A 1 1  ? 11.660  10.720  3.060   1.00 51.06 ? 570 GLY A O   1 
ATOM   5   N  N   . SER A 1 2  ? 9.855   11.232  1.800   1.00 50.17 ? 571 SER A N   1 
ATOM   6   C  CA  . SER A 1 2  ? 10.139  10.220  0.794   1.00 49.81 ? 571 SER A CA  1 
ATOM   7   C  C   . SER A 1 2  ? 9.466   10.521  -0.547  1.00 49.86 ? 571 SER A C   1 
ATOM   8   O  O   . SER A 1 2  ? 8.240   10.542  -0.623  1.00 49.83 ? 571 SER A O   1 
ATOM   9   C  CB  . SER A 1 2  ? 9.641   8.866   1.289   1.00 50.34 ? 571 SER A CB  1 
ATOM   10  O  OG  . SER A 1 2  ? 10.018  7.829   0.403   1.00 51.44 ? 571 SER A OG  1 
ATOM   11  N  N   . SER A 1 3  ? 10.256  10.705  -1.610  1.00 49.69 ? 572 SER A N   1 
ATOM   12  C  CA  . SER A 1 3  ? 9.697   10.892  -2.945  1.00 50.25 ? 572 SER A CA  1 
ATOM   13  C  C   . SER A 1 3  ? 10.435  10.030  -3.951  1.00 50.60 ? 572 SER A C   1 
ATOM   14  O  O   . SER A 1 3  ? 11.539  10.355  -4.368  1.00 50.88 ? 572 SER A O   1 
ATOM   15  C  CB  . SER A 1 3  ? 9.679   12.354  -3.362  1.00 51.84 ? 572 SER A CB  1 
ATOM   16  O  OG  . SER A 1 3  ? 10.927  12.972  -3.116  1.00 54.44 ? 572 SER A OG  1 
ATOM   17  N  N   . ALA A 1 4  ? 9.797   8.934   -4.310  1.00 50.56 ? 573 ALA A N   1 
ATOM   18  C  CA  . ALA A 1 4  ? 10.328  7.933   -5.248  1.00 51.38 ? 573 ALA A CA  1 
ATOM   19  C  C   . ALA A 1 4  ? 10.568  8.565   -6.623  1.00 51.63 ? 573 ALA A C   1 
ATOM   20  O  O   . ALA A 1 4  ? 9.758   9.406   -7.032  1.00 51.61 ? 573 ALA A O   1 
ATOM   21  C  CB  . ALA A 1 4  ? 9.307   6.827   -5.361  1.00 51.80 ? 573 ALA A CB  1 
ATOM   22  N  N   . ALA A 1 5  ? 11.594  8.087   -7.336  1.00 51.48 ? 574 ALA A N   1 
ATOM   23  C  CA  . ALA A 1 5  ? 11.869  8.499   -8.733  1.00 51.84 ? 574 ALA A CA  1 
ATOM   24  C  C   . ALA A 1 5  ? 10.825  7.858   -9.635  1.00 52.09 ? 574 ALA A C   1 
ATOM   25  O  O   . ALA A 1 5  ? 10.340  6.785   -9.267  1.00 52.55 ? 574 ALA A O   1 
ATOM   26  C  CB  . ALA A 1 5  ? 13.227  8.039   -9.189  1.00 51.87 ? 574 ALA A CB  1 
ATOM   27  N  N   . PRO A 1 6  ? 10.465  8.443   -10.794 1.00 51.70 ? 575 PRO A N   1 
ATOM   28  C  CA  . PRO A 1 6  ? 9.492   7.800   -11.667 1.00 51.30 ? 575 PRO A CA  1 
ATOM   29  C  C   . PRO A 1 6  ? 9.900   6.353   -12.005 1.00 50.65 ? 575 PRO A C   1 
ATOM   30  O  O   . PRO A 1 6  ? 11.025  6.122   -12.367 1.00 51.08 ? 575 PRO A O   1 
ATOM   31  C  CB  . PRO A 1 6  ? 9.518   8.720   -12.893 1.00 52.15 ? 575 PRO A CB  1 
ATOM   32  C  CG  . PRO A 1 6  ? 9.864   10.078  -12.342 1.00 52.63 ? 575 PRO A CG  1 
ATOM   33  C  CD  . PRO A 1 6  ? 10.850  9.779   -11.240 1.00 51.18 ? 575 PRO A CD  1 
ATOM   34  N  N   . GLY A 1 7  ? 8.957   5.428   -11.789 0.50 49.52 ? 576 GLY A N   1 
ATOM   35  C  CA  . GLY A 1 7  ? 9.106   3.975   -12.020 0.50 48.68 ? 576 GLY A CA  1 
ATOM   36  C  C   . GLY A 1 7  ? 9.742   3.158   -10.896 0.50 47.25 ? 576 GLY A C   1 
ATOM   37  O  O   . GLY A 1 7  ? 9.886   1.973   -11.138 0.50 47.29 ? 576 GLY A O   1 
ATOM   38  N  N   . ALA A 1 8  ? 10.083  3.734   -9.725  1.00 45.87 ? 577 ALA A N   1 
ATOM   39  C  CA  . ALA A 1 8  ? 10.719  3.036   -8.558  1.00 44.52 ? 577 ALA A CA  1 
ATOM   40  C  C   . ALA A 1 8  ? 9.691   2.240   -7.715  1.00 42.20 ? 577 ALA A C   1 
ATOM   41  O  O   . ALA A 1 8  ? 8.524   2.496   -7.996  1.00 43.05 ? 577 ALA A O   1 
ATOM   42  C  CB  . ALA A 1 8  ? 11.428  4.063   -7.714  1.00 44.66 ? 577 ALA A CB  1 
ATOM   43  N  N   . ILE A 1 9  ? 10.056  1.370   -6.788  1.00 38.89 ? 578 ILE A N   1 
ATOM   44  C  CA  . ILE A 1 9  ? 8.930   0.702   -6.075  1.00 35.71 ? 578 ILE A CA  1 
ATOM   45  C  C   . ILE A 1 9  ? 8.340   1.678   -5.054  1.00 32.05 ? 578 ILE A C   1 
ATOM   46  O  O   . ILE A 1 9  ? 8.872   1.810   -3.967  1.00 32.40 ? 578 ILE A O   1 
ATOM   47  C  CB  . ILE A 1 9  ? 9.298   -0.652  -5.472  1.00 35.84 ? 578 ILE A CB  1 
ATOM   48  C  CG1 . ILE A 1 9  ? 9.796   -1.605  -6.557  1.00 37.04 ? 578 ILE A CG1 1 
ATOM   49  C  CG2 . ILE A 1 9  ? 8.096   -1.213  -4.742  1.00 35.56 ? 578 ILE A CG2 1 
ATOM   50  C  CD1 . ILE A 1 9  ? 10.021  -2.983  -6.073  1.00 38.19 ? 578 ILE A CD1 1 
ATOM   51  N  N   . GLN A 1 10 ? 7.186   2.207   -5.399  1.00 28.26 ? 579 GLN A N   1 
ATOM   52  C  CA  . GLN A 1 10 ? 6.551   3.275   -4.625  1.00 25.86 ? 579 GLN A CA  1 
ATOM   53  C  C   . GLN A 1 10 ? 5.072   2.992   -4.358  1.00 23.54 ? 579 GLN A C   1 
ATOM   54  O  O   . GLN A 1 10 ? 4.457   2.234   -5.061  1.00 23.03 ? 579 GLN A O   1 
ATOM   55  C  CB  . GLN A 1 10 ? 6.709   4.577   -5.411  1.00 26.39 ? 579 GLN A CB  1 
ATOM   56  N  N   . CYS A 1 11 ? 4.528   3.696   -3.375  1.00 22.58 ? 580 CYS A N   1 
ATOM   57  C  CA  . CYS A 1 11 ? 3.086   3.618   -3.074  1.00 22.69 ? 580 CYS A CA  1 
ATOM   58  C  C   . CYS A 1 11 ? 2.317   4.607   -3.967  1.00 22.86 ? 580 CYS A C   1 
ATOM   59  O  O   . CYS A 1 11 ? 2.898   5.234   -4.803  1.00 23.62 ? 580 CYS A O   1 
ATOM   60  C  CB  . CYS A 1 11 ? 2.855   3.971   -1.616  1.00 22.75 ? 580 CYS A CB  1 
ATOM   61  S  SG  . CYS A 1 11 ? 3.135   5.729   -1.346  1.00 23.25 ? 580 CYS A SG  1 
ATOM   62  N  N   . MET A 1 12 ? 1.014   4.739   -3.762  1.00 22.49 ? 581 MET A N   1 
ATOM   63  C  CA  . MET A 1 12 ? 0.221   5.646   -4.601  1.00 23.11 ? 581 MET A CA  1 
ATOM   64  C  C   . MET A 1 12 ? 0.570   7.111   -4.369  1.00 23.22 ? 581 MET A C   1 
ATOM   65  O  O   . MET A 1 12 ? 0.262   7.940   -5.231  1.00 23.51 ? 581 MET A O   1 
ATOM   66  C  CB  . MET A 1 12 ? -1.296  5.480   -4.356  1.00 23.87 ? 581 MET A CB  1 
ATOM   67  C  CG  . MET A 1 12 ? -1.770  4.052   -4.353  1.00 26.64 ? 581 MET A CG  1 
ATOM   68  S  SD  . MET A 1 12 ? -3.542  3.963   -4.010  1.00 26.76 ? 581 MET A SD  1 
ATOM   69  C  CE  . MET A 1 12 ? -4.181  4.165   -5.649  1.00 26.39 ? 581 MET A CE  1 
ATOM   70  N  N   . ASN A 1 13 ? 1.144   7.442   -3.198  1.00 22.01 ? 582 ASN A N   1 
ATOM   71  C  CA  . ASN A 1 13 ? 1.503   8.814   -2.868  1.00 23.21 ? 582 ASN A CA  1 
ATOM   72  C  C   . ASN A 1 13 ? 3.006   9.100   -2.984  1.00 24.96 ? 582 ASN A C   1 
ATOM   73  O  O   . ASN A 1 13 ? 3.522   9.972   -2.291  1.00 25.16 ? 582 ASN A O   1 
ATOM   74  C  CB  . ASN A 1 13 ? 0.952   9.177   -1.497  1.00 23.11 ? 582 ASN A CB  1 
ATOM   75  C  CG  . ASN A 1 13 ? -0.561  9.089   -1.525  1.00 23.68 ? 582 ASN A CG  1 
ATOM   76  O  OD1 . ASN A 1 13 ? -1.220  9.832   -2.260  1.00 23.21 ? 582 ASN A OD1 1 
ATOM   77  N  ND2 . ASN A 1 13 ? -1.149  8.160   -0.775  1.00 22.87 ? 582 ASN A ND2 1 
ATOM   78  N  N   . ARG A 1 14 ? 3.683   8.335   -3.847  1.00 25.50 ? 583 ARG A N   1 
ATOM   79  C  CA  . ARG A 1 14 ? 5.086   8.429   -4.235  1.00 27.02 ? 583 ARG A CA  1 
ATOM   80  C  C   . ARG A 1 14 ? 6.117   8.281   -3.097  1.00 26.90 ? 583 ARG A C   1 
ATOM   81  O  O   . ARG A 1 14 ? 7.199   8.835   -3.221  1.00 28.27 ? 583 ARG A O   1 
ATOM   82  C  CB  . ARG A 1 14 ? 5.338   9.720   -5.035  1.00 29.56 ? 583 ARG A CB  1 
ATOM   83  C  CG  . ARG A 1 14 ? 4.463   9.767   -6.278  1.00 35.42 ? 583 ARG A CG  1 
ATOM   84  C  CD  . ARG A 1 14 ? 4.775   10.933  -7.208  1.00 40.61 ? 583 ARG A CD  1 
ATOM   85  N  NE  . ARG A 1 14 ? 3.869   10.948  -8.361  1.00 45.05 ? 583 ARG A NE  1 
ATOM   86  C  CZ  . ARG A 1 14 ? 4.036   10.213  -9.458  1.00 48.83 ? 583 ARG A CZ  1 
ATOM   87  N  NH1 . ARG A 1 14 ? 5.083   9.399   -9.569  1.00 48.50 ? 583 ARG A NH1 1 
ATOM   88  N  NH2 . ARG A 1 14 ? 3.157   10.281  -10.450 1.00 49.23 ? 583 ARG A NH2 1 
ATOM   89  N  N   . HIS A 1 15 ? 5.825   7.479   -2.078  1.00 24.91 ? 584 HIS A N   1 
ATOM   90  C  CA  . HIS A 1 15 ? 6.817   7.183   -1.017  1.00 24.21 ? 584 HIS A CA  1 
ATOM   91  C  C   . HIS A 1 15 ? 7.495   5.862   -1.369  1.00 24.56 ? 584 HIS A C   1 
ATOM   92  O  O   . HIS A 1 15 ? 6.868   5.029   -2.012  1.00 24.15 ? 584 HIS A O   1 
ATOM   93  C  CB  . HIS A 1 15 ? 6.192   7.007   0.370   1.00 24.12 ? 584 HIS A CB  1 
ATOM   94  C  CG  . HIS A 1 15 ? 5.296   8.107   0.807   1.00 26.30 ? 584 HIS A CG  1 
ATOM   95  N  ND1 . HIS A 1 15 ? 3.975   7.924   1.023   1.00 26.29 ? 584 HIS A ND1 1 
ATOM   96  C  CD2 . HIS A 1 15 ? 5.536   9.404   1.058   1.00 28.08 ? 584 HIS A CD2 1 
ATOM   97  C  CE1 . HIS A 1 15 ? 3.432   9.055   1.373   1.00 28.09 ? 584 HIS A CE1 1 
ATOM   98  N  NE2 . HIS A 1 15 ? 4.356   9.977   1.398   1.00 28.66 ? 584 HIS A NE2 1 
ATOM   99  N  N   . LYS A 1 16 ? 8.725   5.682   -0.918  1.00 24.93 ? 585 LYS A N   1 
ATOM   100 C  CA  . LYS A 1 16 ? 9.410   4.394   -1.156  1.00 26.24 ? 585 LYS A CA  1 
ATOM   101 C  C   . LYS A 1 16 ? 8.765   3.335   -0.244  1.00 26.73 ? 585 LYS A C   1 
ATOM   102 O  O   . LYS A 1 16 ? 8.454   3.646   0.875   1.00 28.37 ? 585 LYS A O   1 
ATOM   103 C  CB  . LYS A 1 16 ? 10.919  4.535   -0.930  1.00 29.28 ? 585 LYS A CB  1 
ATOM   104 C  CG  . LYS A 1 16 ? 11.642  3.230   -0.623  1.00 35.23 ? 585 LYS A CG  1 
ATOM   105 C  CD  . LYS A 1 16 ? 13.123  3.209   -0.781  1.00 41.43 ? 585 LYS A CD  1 
ATOM   106 C  CE  . LYS A 1 16 ? 13.695  1.850   -0.431  1.00 46.91 ? 585 LYS A CE  1 
ATOM   107 N  NZ  . LYS A 1 16 ? 15.038  1.637   -1.015  1.00 49.69 ? 585 LYS A NZ  1 
ATOM   108 N  N   . MET A 1 17 ? 8.616   2.116   -0.716  1.00 25.60 ? 586 MET A N   1 
ATOM   109 C  CA  . MET A 1 17 ? 7.986   1.076   0.120   1.00 26.38 ? 586 MET A CA  1 
ATOM   110 C  C   . MET A 1 17 ? 9.021   0.130   0.735   1.00 26.91 ? 586 MET A C   1 
ATOM   111 O  O   . MET A 1 17 ? 10.071  -0.051  0.156   1.00 26.86 ? 586 MET A O   1 
ATOM   112 C  CB  . MET A 1 17 ? 6.959   0.310   -0.700  1.00 26.83 ? 586 MET A CB  1 
ATOM   113 C  CG  . MET A 1 17 ? 5.740   1.143   -0.928  1.00 29.96 ? 586 MET A CG  1 
ATOM   114 S  SD  . MET A 1 17 ? 4.517   0.321   -1.849  1.00 34.79 ? 586 MET A SD  1 
ATOM   115 C  CE  . MET A 1 17 ? 3.753   -0.679  -0.595  1.00 33.45 ? 586 MET A CE  1 
ATOM   116 N  N   . GLU A 1 18 ? 8.698   -0.393  1.913   1.00 26.60 ? 587 GLU A N   1 
ATOM   117 C  CA  . GLU A 1 18 ? 9.581   -1.319  2.649   1.00 27.15 ? 587 GLU A CA  1 
ATOM   118 C  C   . GLU A 1 18 ? 9.233   -2.761  2.259   1.00 26.54 ? 587 GLU A C   1 
ATOM   119 O  O   . GLU A 1 18 ? 8.082   -3.106  2.276   1.00 26.03 ? 587 GLU A O   1 
ATOM   120 C  CB  . GLU A 1 18 ? 9.379   -1.082  4.147   1.00 29.58 ? 587 GLU A CB  1 
ATOM   121 C  CG  . GLU A 1 18 ? 10.367  -1.783  5.058   1.00 37.76 ? 587 GLU A CG  1 
ATOM   122 C  CD  . GLU A 1 18 ? 10.216  -1.486  6.551   1.00 48.00 ? 587 GLU A CD  1 
ATOM   123 O  OE1 . GLU A 1 18 ? 9.707   -0.418  6.889   1.00 49.69 ? 587 GLU A OE1 1 
ATOM   124 O  OE2 . GLU A 1 18 ? 10.586  -2.338  7.373   1.00 50.65 ? 587 GLU A OE2 1 
ATOM   125 N  N   . ARG A 1 19 ? 10.239  -3.552  1.922   1.00 26.27 ? 588 ARG A N   1 
ATOM   126 C  CA  . ARG A 1 19 ? 10.012  -4.979  1.622   1.00 26.78 ? 588 ARG A CA  1 
ATOM   127 C  C   . ARG A 1 19 ? 9.954   -5.738  2.956   1.00 27.32 ? 588 ARG A C   1 
ATOM   128 O  O   . ARG A 1 19 ? 10.807  -5.503  3.807   1.00 27.34 ? 588 ARG A O   1 
ATOM   129 C  CB  . ARG A 1 19 ? 11.121  -5.516  0.719   1.00 28.43 ? 588 ARG A CB  1 
ATOM   130 C  CG  . ARG A 1 19 ? 10.993  -6.987  0.373   1.00 32.61 ? 588 ARG A CG  1 
ATOM   131 C  CD  . ARG A 1 19 ? 12.041  -7.486  -0.605  1.00 38.03 ? 588 ARG A CD  1 
ATOM   132 N  NE  . ARG A 1 19 ? 13.345  -7.302  -0.020  1.00 42.61 ? 588 ARG A NE  1 
ATOM   133 C  CZ  . ARG A 1 19 ? 13.952  -8.162  0.771   1.00 46.56 ? 588 ARG A CZ  1 
ATOM   134 N  NH1 . ARG A 1 19 ? 13.402  -9.328  1.039   1.00 46.98 ? 588 ARG A NH1 1 
ATOM   135 N  NH2 . ARG A 1 19 ? 15.125  -7.856  1.276   1.00 47.36 ? 588 ARG A NH2 1 
ATOM   136 N  N   . HIS A 1 20 ? 8.941   -6.582  3.123   1.00 27.07 ? 589 HIS A N   1 
ATOM   137 C  CA  . HIS A 1 20 ? 8.808   -7.430  4.303   1.00 27.64 ? 589 HIS A CA  1 
ATOM   138 C  C   . HIS A 1 20 ? 8.949   -8.880  3.845   1.00 27.80 ? 589 HIS A C   1 
ATOM   139 O  O   . HIS A 1 20 ? 8.090   -9.418  3.136   1.00 26.71 ? 589 HIS A O   1 
ATOM   140 C  CB  . HIS A 1 20 ? 7.479   -7.189  5.027   1.00 28.60 ? 589 HIS A CB  1 
ATOM   141 C  CG  . HIS A 1 20 ? 7.384   -5.820  5.612   1.00 31.48 ? 589 HIS A CG  1 
ATOM   142 N  ND1 . HIS A 1 20 ? 7.863   -5.546  6.883   1.00 34.13 ? 589 HIS A ND1 1 
ATOM   143 C  CD2 . HIS A 1 20 ? 6.908   -4.676  5.070   1.00 32.80 ? 589 HIS A CD2 1 
ATOM   144 C  CE1 . HIS A 1 20 ? 7.634   -4.255  7.084   1.00 34.54 ? 589 HIS A CE1 1 
ATOM   145 N  NE2 . HIS A 1 20 ? 7.060   -3.690  6.023   1.00 34.04 ? 589 HIS A NE2 1 
ATOM   146 N  N   . GLY A 1 21 ? 10.080  -9.470  4.186   1.00 28.47 ? 590 GLY A N   1 
ATOM   147 C  CA  . GLY A 1 21 ? 10.377  -10.844 3.808   1.00 30.05 ? 590 GLY A CA  1 
ATOM   148 C  C   . GLY A 1 21 ? 10.224  -11.852 4.926   1.00 32.12 ? 590 GLY A C   1 
ATOM   149 O  O   . GLY A 1 21 ? 10.370  -13.051 4.699   1.00 32.83 ? 590 GLY A O   1 
ATOM   150 N  N   . LYS A 1 22 ? 9.896   -11.361 6.109   1.00 33.34 ? 591 LYS A N   1 
ATOM   151 C  CA  . LYS A 1 22 ? 9.677   -12.201 7.302   1.00 35.38 ? 591 LYS A CA  1 
ATOM   152 C  C   . LYS A 1 22 ? 8.318   -11.848 7.904   1.00 37.05 ? 591 LYS A C   1 
ATOM   153 O  O   . LYS A 1 22 ? 7.829   -10.756 7.690   1.00 37.57 ? 591 LYS A O   1 
ATOM   154 C  CB  . LYS A 1 22 ? 10.826  -12.048 8.307   1.00 36.83 ? 591 LYS A CB  1 
ATOM   155 N  N   . MET A 1 23 ? 7.755   -12.771 8.656   1.00 37.80 ? 592 MET A N   1 
ATOM   156 C  CA  . MET A 1 23 ? 6.434   -12.561 9.272   1.00 38.64 ? 592 MET A CA  1 
ATOM   157 C  C   . MET A 1 23 ? 6.537   -12.323 10.769  1.00 38.65 ? 592 MET A C   1 
ATOM   158 O  O   . MET A 1 23 ? 7.161   -13.112 11.463  1.00 39.00 ? 592 MET A O   1 
ATOM   159 C  CB  . MET A 1 23 ? 5.593   -13.814 9.074   1.00 39.93 ? 592 MET A CB  1 
ATOM   160 C  CG  . MET A 1 23 ? 4.506   -13.607 8.092   1.00 42.49 ? 592 MET A CG  1 
ATOM   161 S  SD  . MET A 1 23 ? 3.549   -15.053 8.134   1.00 46.81 ? 592 MET A SD  1 
ATOM   162 C  CE  . MET A 1 23 ? 4.784   -16.300 7.807   1.00 45.04 ? 592 MET A CE  1 
ATOM   163 N  N   . PRO A 1 24 ? 5.872   -11.298 11.322  1.00 37.93 ? 593 PRO A N   1 
ATOM   164 C  CA  . PRO A 1 24 ? 5.859   -11.095 12.762  1.00 37.64 ? 593 PRO A CA  1 
ATOM   165 C  C   . PRO A 1 24 ? 4.799   -12.026 13.360  1.00 37.21 ? 593 PRO A C   1 
ATOM   166 O  O   . PRO A 1 24 ? 4.007   -12.570 12.669  1.00 37.33 ? 593 PRO A O   1 
ATOM   167 C  CB  . PRO A 1 24 ? 5.316   -9.679  12.935  1.00 38.19 ? 593 PRO A CB  1 
ATOM   168 C  CG  . PRO A 1 24 ? 4.439   -9.497  11.730  1.00 38.85 ? 593 PRO A CG  1 
ATOM   169 C  CD  . PRO A 1 24 ? 5.082   -10.298 10.622  1.00 37.48 ? 593 PRO A CD  1 
ATOM   170 N  N   . ALA A 1 25 ? 4.784   -12.119 14.675  1.00 36.83 ? 594 ALA A N   1 
ATOM   171 C  CA  . ALA A 1 25 ? 3.705   -12.876 15.328  1.00 36.85 ? 594 ALA A CA  1 
ATOM   172 C  C   . ALA A 1 25 ? 2.425   -12.038 15.265  1.00 36.47 ? 594 ALA A C   1 
ATOM   173 O  O   . ALA A 1 25 ? 2.497   -10.811 15.176  1.00 36.06 ? 594 ALA A O   1 
ATOM   174 C  CB  . ALA A 1 25 ? 4.080   -13.185 16.741  1.00 37.00 ? 594 ALA A CB  1 
ATOM   175 N  N   . GLY A 1 26 ? 1.276   -12.691 15.325  1.00 35.79 ? 595 GLY A N   1 
ATOM   176 C  CA  . GLY A 1 26 ? -0.002  -12.003 15.211  1.00 36.09 ? 595 GLY A CA  1 
ATOM   177 C  C   . GLY A 1 26 ? -0.279  -11.477 13.811  1.00 36.85 ? 595 GLY A C   1 
ATOM   178 O  O   . GLY A 1 26 ? -1.105  -10.584 13.646  1.00 37.20 ? 595 GLY A O   1 
ATOM   179 N  N   . TYR A 1 27 ? 0.377   -12.031 12.784  1.00 36.63 ? 596 TYR A N   1 
ATOM   180 C  CA  . TYR A 1 27 ? 0.235   -11.543 11.384  1.00 36.73 ? 596 TYR A CA  1 
ATOM   181 C  C   . TYR A 1 27 ? -1.103  -11.983 10.763  1.00 37.59 ? 596 TYR A C   1 
ATOM   182 O  O   . TYR A 1 27 ? -1.264  -13.132 10.474  1.00 38.48 ? 596 TYR A O   1 
ATOM   183 C  CB  . TYR A 1 27 ? 1.456   -11.950 10.555  1.00 36.09 ? 596 TYR A CB  1 
ATOM   184 C  CG  . TYR A 1 27 ? 1.363   -11.620 9.088   1.00 36.69 ? 596 TYR A CG  1 
ATOM   185 C  CD1 . TYR A 1 27 ? 1.687   -10.370 8.599   1.00 37.37 ? 596 TYR A CD1 1 
ATOM   186 C  CD2 . TYR A 1 27 ? 0.932   -12.565 8.187   1.00 38.01 ? 596 TYR A CD2 1 
ATOM   187 C  CE1 . TYR A 1 27 ? 1.583   -10.068 7.254   1.00 38.65 ? 596 TYR A CE1 1 
ATOM   188 C  CE2 . TYR A 1 27 ? 0.818   -12.286 6.841   1.00 39.19 ? 596 TYR A CE2 1 
ATOM   189 C  CZ  . TYR A 1 27 ? 1.148   -11.032 6.366   1.00 40.28 ? 596 TYR A CZ  1 
ATOM   190 O  OH  . TYR A 1 27 ? 1.024   -10.775 5.033   1.00 42.22 ? 596 TYR A OH  1 
ATOM   191 N  N   . LYS A 1 28 ? -2.033  -11.056 10.555  1.00 37.62 ? 597 LYS A N   1 
ATOM   192 C  CA  . LYS A 1 28 ? -3.334  -11.383 9.956   1.00 38.03 ? 597 LYS A CA  1 
ATOM   193 C  C   . LYS A 1 28 ? -3.314  -11.456 8.418   1.00 37.23 ? 597 LYS A C   1 
ATOM   194 O  O   . LYS A 1 28 ? -4.245  -11.982 7.816   1.00 38.48 ? 597 LYS A O   1 
ATOM   195 C  CB  . LYS A 1 28 ? -4.403  -10.372 10.403  1.00 40.78 ? 597 LYS A CB  1 
ATOM   196 N  N   . GLY A 1 29 ? -2.283  -10.918 7.801   1.00 35.41 ? 598 GLY A N   1 
ATOM   197 C  CA  . GLY A 1 29 ? -2.196  -10.899 6.351   1.00 33.84 ? 598 GLY A CA  1 
ATOM   198 C  C   . GLY A 1 29 ? -3.051  -9.801  5.757   1.00 31.39 ? 598 GLY A C   1 
ATOM   199 O  O   . GLY A 1 29 ? -3.616  -8.968  6.479   1.00 31.83 ? 598 GLY A O   1 
ATOM   200 N  N   . PHE A 1 30 ? -3.160  -9.801  4.435   1.00 28.28 ? 599 PHE A N   1 
ATOM   201 C  CA  . PHE A 1 30 ? -3.915  -8.768  3.736   1.00 26.34 ? 599 PHE A CA  1 
ATOM   202 C  C   . PHE A 1 30 ? -4.294  -9.264  2.373   1.00 24.00 ? 599 PHE A C   1 
ATOM   203 O  O   . PHE A 1 30 ? -3.727  -10.241 1.892   1.00 24.03 ? 599 PHE A O   1 
ATOM   204 C  CB  . PHE A 1 30 ? -3.030  -7.505  3.574   1.00 26.05 ? 599 PHE A CB  1 
ATOM   205 C  CG  . PHE A 1 30 ? -1.807  -7.711  2.701   1.00 25.84 ? 599 PHE A CG  1 
ATOM   206 C  CD1 . PHE A 1 30 ? -0.662  -8.288  3.210   1.00 26.51 ? 599 PHE A CD1 1 
ATOM   207 C  CD2 . PHE A 1 30 ? -1.823  -7.362  1.360   1.00 26.81 ? 599 PHE A CD2 1 
ATOM   208 C  CE1 . PHE A 1 30 ? 0.445   -8.488  2.404   1.00 27.03 ? 599 PHE A CE1 1 
ATOM   209 C  CE2 . PHE A 1 30 ? -0.716  -7.580  0.552   1.00 27.05 ? 599 PHE A CE2 1 
ATOM   210 C  CZ  . PHE A 1 30 ? 0.406   -8.136  1.080   1.00 26.73 ? 599 PHE A CZ  1 
ATOM   211 N  N   . ASP A 1 31 ? -5.206  -8.561  1.715   1.00 22.31 ? 600 ASP A N   1 
ATOM   212 C  CA  . ASP A 1 31 ? -5.524  -8.829  0.330   1.00 22.58 ? 600 ASP A CA  1 
ATOM   213 C  C   . ASP A 1 31 ? -4.753  -7.750  -0.428  1.00 22.27 ? 600 ASP A C   1 
ATOM   214 O  O   . ASP A 1 31 ? -4.960  -6.544  -0.168  1.00 21.68 ? 600 ASP A O   1 
ATOM   215 C  CB  . ASP A 1 31 ? -7.028  -8.684  0.094   1.00 25.27 ? 600 ASP A CB  1 
ATOM   216 C  CG  . ASP A 1 31 ? -7.831  -9.765  0.793   1.00 32.96 ? 600 ASP A CG  1 
ATOM   217 O  OD1 . ASP A 1 31 ? -7.380  -10.937 0.793   1.00 32.90 ? 600 ASP A OD1 1 
ATOM   218 O  OD2 . ASP A 1 31 ? -8.910  -9.442  1.344   1.00 37.52 ? 600 ASP A OD2 1 
ATOM   219 N  N   . CYS A 1 32 ? -3.890  -8.133  -1.416  1.00 21.76 ? 601 CYS A N   1 
ATOM   220 C  CA  . CYS A 1 32 ? -3.105  -7.158  -2.189  1.00 21.73 ? 601 CYS A CA  1 
ATOM   221 C  C   . CYS A 1 32 ? -3.919  -5.971  -2.619  1.00 21.06 ? 601 CYS A C   1 
ATOM   222 O  O   . CYS A 1 32 ? -4.995  -6.169  -3.181  1.00 21.44 ? 601 CYS A O   1 
ATOM   223 C  CB  . CYS A 1 32 ? -2.426  -7.796  -3.396  1.00 22.66 ? 601 CYS A CB  1 
ATOM   224 S  SG  . CYS A 1 32 ? -1.442  -6.623  -4.361  1.00 22.89 ? 601 CYS A SG  1 
ATOM   225 N  N   . ASN A 1 33 ? -3.446  -4.762  -2.306  1.00 19.69 ? 602 ASN A N   1 
ATOM   226 C  CA  . ASN A 1 33 ? -4.223  -3.571  -2.624  1.00 19.64 ? 602 ASN A CA  1 
ATOM   227 C  C   . ASN A 1 33 ? -4.341  -3.300  -4.138  1.00 21.25 ? 602 ASN A C   1 
ATOM   228 O  O   . ASN A 1 33 ? -5.180  -2.489  -4.541  1.00 22.34 ? 602 ASN A O   1 
ATOM   229 C  CB  . ASN A 1 33 ? -3.689  -2.388  -1.891  1.00 18.80 ? 602 ASN A CB  1 
ATOM   230 C  CG  . ASN A 1 33 ? -3.772  -2.452  -0.377  1.00 20.54 ? 602 ASN A CG  1 
ATOM   231 O  OD1 . ASN A 1 33 ? -3.390  -1.506  0.288   1.00 21.31 ? 602 ASN A OD1 1 
ATOM   232 N  ND2 . ASN A 1 33 ? -4.280  -3.551  0.218   1.00 20.67 ? 602 ASN A ND2 1 
ATOM   233 N  N   . VAL A 1 34 ? -3.544  -3.988  -4.964  1.00 20.70 ? 603 VAL A N   1 
ATOM   234 C  CA  . VAL A 1 34 ? -3.624  -3.845  -6.420  1.00 22.16 ? 603 VAL A CA  1 
ATOM   235 C  C   . VAL A 1 34 ? -4.390  -5.019  -7.056  1.00 24.00 ? 603 VAL A C   1 
ATOM   236 O  O   . VAL A 1 34 ? -5.378  -4.794  -7.757  1.00 24.95 ? 603 VAL A O   1 
ATOM   237 C  CB  . VAL A 1 34 ? -2.230  -3.667  -7.075  1.00 22.92 ? 603 VAL A CB  1 
ATOM   238 C  CG1 . VAL A 1 34 ? -2.329  -3.665  -8.610  1.00 23.62 ? 603 VAL A CG1 1 
ATOM   239 C  CG2 . VAL A 1 34 ? -1.533  -2.408  -6.575  1.00 23.46 ? 603 VAL A CG2 1 
ATOM   240 N  N   . CYS A 1 35 ? -3.951  -6.271  -6.814  1.00 23.84 ? 604 CYS A N   1 
ATOM   241 C  CA  . CYS A 1 35 ? -4.566  -7.424  -7.484  1.00 24.22 ? 604 CYS A CA  1 
ATOM   242 C  C   . CYS A 1 35 ? -5.600  -8.195  -6.653  1.00 24.18 ? 604 CYS A C   1 
ATOM   243 O  O   . CYS A 1 35 ? -6.132  -9.166  -7.162  1.00 24.52 ? 604 CYS A O   1 
ATOM   244 C  CB  . CYS A 1 35 ? -3.480  -8.368  -7.994  1.00 23.57 ? 604 CYS A CB  1 
ATOM   245 S  SG  . CYS A 1 35 ? -2.666  -9.316  -6.682  1.00 24.70 ? 604 CYS A SG  1 
ATOM   246 N  N   . ASP A 1 36 ? -5.774  -7.872  -5.370  1.00 24.81 ? 605 ASP A N   1 
ATOM   247 C  CA  . ASP A 1 36 ? -6.713  -8.532  -4.458  1.00 26.96 ? 605 ASP A CA  1 
ATOM   248 C  C   . ASP A 1 36 ? -6.329  -9.985  -4.065  1.00 27.00 ? 605 ASP A C   1 
ATOM   249 O  O   . ASP A 1 36 ? -7.116  -10.650 -3.390  1.00 27.34 ? 605 ASP A O   1 
ATOM   250 C  CB  . ASP A 1 36 ? -8.163  -8.474  -5.002  1.00 31.76 ? 605 ASP A CB  1 
ATOM   251 C  CG  . ASP A 1 36 ? -9.208  -8.614  -3.919  1.00 42.48 ? 605 ASP A CG  1 
ATOM   252 O  OD1 . ASP A 1 36 ? -8.926  -8.209  -2.764  1.00 45.41 ? 605 ASP A OD1 1 
ATOM   253 O  OD2 . ASP A 1 36 ? -10.306 -9.154  -4.215  1.00 45.89 ? 605 ASP A OD2 1 
ATOM   254 N  N   . GLN A 1 37 ? -5.138  -10.463 -4.446  1.00 26.54 ? 606 GLN A N   1 
ATOM   255 C  CA  . GLN A 1 37 ? -4.696  -11.821 -4.089  1.00 27.10 ? 606 GLN A CA  1 
ATOM   256 C  C   . GLN A 1 37 ? -4.493  -11.899 -2.557  1.00 26.36 ? 606 GLN A C   1 
ATOM   257 O  O   . GLN A 1 37 ? -3.934  -10.977 -1.970  1.00 26.50 ? 606 GLN A O   1 
ATOM   258 C  CB  . GLN A 1 37 ? -3.404  -12.177 -4.863  1.00 29.42 ? 606 GLN A CB  1 
ATOM   259 C  CG  . GLN A 1 37 ? -2.434  -13.181 -4.228  1.00 35.35 ? 606 GLN A CG  1 
ATOM   260 C  CD  . GLN A 1 37 ? -1.127  -13.270 -4.987  1.00 42.49 ? 606 GLN A CD  1 
ATOM   261 O  OE1 . GLN A 1 37 ? -0.177  -12.505 -4.742  1.00 45.37 ? 606 GLN A OE1 1 
ATOM   262 N  NE2 . GLN A 1 37 ? -1.036  -14.212 -5.924  1.00 43.52 ? 606 GLN A NE2 1 
ATOM   263 N  N   . PRO A 1 38 ? -5.016  -12.950 -1.896  1.00 25.05 ? 607 PRO A N   1 
ATOM   264 C  CA  . PRO A 1 38 ? -4.832  -13.058 -0.443  1.00 24.09 ? 607 PRO A CA  1 
ATOM   265 C  C   . PRO A 1 38 ? -3.382  -13.393 -0.119  1.00 23.64 ? 607 PRO A C   1 
ATOM   266 O  O   . PRO A 1 38 ? -2.776  -14.257 -0.742  1.00 24.25 ? 607 PRO A O   1 
ATOM   267 C  CB  . PRO A 1 38 ? -5.772  -14.204 -0.040  1.00 24.28 ? 607 PRO A CB  1 
ATOM   268 C  CG  . PRO A 1 38 ? -5.885  -15.039 -1.246  1.00 25.01 ? 607 PRO A CG  1 
ATOM   269 C  CD  . PRO A 1 38 ? -5.735  -14.116 -2.450  1.00 23.99 ? 607 PRO A CD  1 
ATOM   270 N  N   . MET A 1 39 ? -2.821  -12.682 0.838   1.00 23.04 ? 608 MET A N   1 
ATOM   271 C  CA  . MET A 1 39 ? -1.441  -12.877 1.259   1.00 23.74 ? 608 MET A CA  1 
ATOM   272 C  C   . MET A 1 39 ? -1.540  -13.175 2.754   1.00 23.64 ? 608 MET A C   1 
ATOM   273 O  O   . MET A 1 39 ? -1.550  -12.272 3.579   1.00 23.19 ? 608 MET A O   1 
ATOM   274 C  CB  . MET A 1 39 ? -0.612  -11.608 0.988   1.00 24.94 ? 608 MET A CB  1 
ATOM   275 C  CG  . MET A 1 39 ? -0.566  -11.225 -0.491  1.00 29.10 ? 608 MET A CG  1 
ATOM   276 S  SD  . MET A 1 39 ? 0.442   -12.365 -1.503  1.00 36.66 ? 608 MET A SD  1 
ATOM   277 C  CE  . MET A 1 39 ? 1.978   -12.195 -0.719  1.00 34.58 ? 608 MET A CE  1 
ATOM   278 N  N   . LEU A 1 40 ? -1.723  -14.447 3.095   1.00 23.92 ? 609 LEU A N   1 
ATOM   279 C  CA  . LEU A 1 40 ? -1.902  -14.873 4.503   1.00 24.54 ? 609 LEU A CA  1 
ATOM   280 C  C   . LEU A 1 40 ? -0.572  -15.302 5.144   1.00 25.58 ? 609 LEU A C   1 
ATOM   281 O  O   . LEU A 1 40 ? -0.512  -15.373 6.354   1.00 25.93 ? 609 LEU A O   1 
ATOM   282 C  CB  . LEU A 1 40 ? -2.932  -16.004 4.546   1.00 25.20 ? 609 LEU A CB  1 
ATOM   283 C  CG  . LEU A 1 40 ? -4.220  -15.749 3.772   1.00 26.86 ? 609 LEU A CG  1 
ATOM   284 C  CD1 . LEU A 1 40 ? -5.085  -16.987 3.722   1.00 27.95 ? 609 LEU A CD1 1 
ATOM   285 C  CD2 . LEU A 1 40 ? -4.982  -14.610 4.393   1.00 27.44 ? 609 LEU A CD2 1 
ATOM   286 N  N   . LYS A 1 41 ? 0.417   -15.658 4.339   1.00 25.05 ? 610 LYS A N   1 
ATOM   287 C  CA  . LYS A 1 41 ? 1.714   -16.098 4.891   1.00 25.30 ? 610 LYS A CA  1 
ATOM   288 C  C   . LYS A 1 41 ? 2.834   -15.507 4.032   1.00 25.68 ? 610 LYS A C   1 
ATOM   289 O  O   . LYS A 1 41 ? 2.710   -15.547 2.810   1.00 26.29 ? 610 LYS A O   1 
ATOM   290 C  CB  . LYS A 1 41 ? 1.713   -17.622 4.948   1.00 25.97 ? 610 LYS A CB  1 
ATOM   291 C  CG  . LYS A 1 41 ? 3.059   -18.293 4.908   1.00 29.73 ? 610 LYS A CG  1 
ATOM   292 C  CD  . LYS A 1 41 ? 2.991   -19.769 5.100   1.00 30.43 ? 610 LYS A CD  1 
ATOM   293 C  CE  . LYS A 1 41 ? 2.304   -20.469 3.959   1.00 31.79 ? 610 LYS A CE  1 
ATOM   294 N  NZ  . LYS A 1 41 ? 2.778   -21.862 3.801   1.00 31.55 ? 610 LYS A NZ  1 
ATOM   295 N  N   . ILE A 1 42 ? 3.885   -15.006 4.674   1.00 24.73 ? 611 ILE A N   1 
ATOM   296 C  CA  . ILE A 1 42 ? 5.037   -14.434 3.923   1.00 25.07 ? 611 ILE A CA  1 
ATOM   297 C  C   . ILE A 1 42 ? 6.087   -15.530 3.748   1.00 25.58 ? 611 ILE A C   1 
ATOM   298 O  O   . ILE A 1 42 ? 6.499   -16.090 4.716   1.00 25.61 ? 611 ILE A O   1 
ATOM   299 C  CB  . ILE A 1 42 ? 5.608   -13.173 4.591   1.00 25.59 ? 611 ILE A CB  1 
ATOM   300 C  CG1 . ILE A 1 42 ? 4.630   -12.001 4.519   1.00 26.32 ? 611 ILE A CG1 1 
ATOM   301 C  CG2 . ILE A 1 42 ? 6.948   -12.830 3.976   1.00 25.94 ? 611 ILE A CG2 1 
ATOM   302 C  CD1 . ILE A 1 42 ? 4.944   -10.888 5.458   1.00 28.29 ? 611 ILE A CD1 1 
ATOM   303 N  N   . THR A 1 43 ? 6.416   -15.822 2.505   1.00 25.91 ? 612 THR A N   1 
ATOM   304 C  CA  . THR A 1 43 ? 7.396   -16.853 2.127   1.00 27.03 ? 612 THR A CA  1 
ATOM   305 C  C   . THR A 1 43 ? 8.409   -16.258 1.087   1.00 28.36 ? 612 THR A C   1 
ATOM   306 O  O   . THR A 1 43 ? 8.246   -15.126 0.648   1.00 27.76 ? 612 THR A O   1 
ATOM   307 C  CB  . THR A 1 43 ? 6.661   -18.090 1.535   1.00 28.04 ? 612 THR A CB  1 
ATOM   308 O  OG1 . THR A 1 43 ? 6.176   -17.794 0.213   1.00 29.17 ? 612 THR A OG1 1 
ATOM   309 C  CG2 . THR A 1 43 ? 5.527   -18.608 2.421   1.00 28.05 ? 612 THR A CG2 1 
ATOM   310 N  N   . GLU A 1 44 ? 9.427   -17.030 0.667   1.00 29.48 ? 613 GLU A N   1 
ATOM   311 C  CA  . GLU A 1 44 ? 10.355  -16.599 -0.378  1.00 31.17 ? 613 GLU A CA  1 
ATOM   312 C  C   . GLU A 1 44 ? 9.627   -16.432 -1.741  1.00 32.24 ? 613 GLU A C   1 
ATOM   313 O  O   . GLU A 1 44 ? 10.087  -15.681 -2.602  1.00 33.40 ? 613 GLU A O   1 
ATOM   314 C  CB  . GLU A 1 44 ? 11.512  -17.628 -0.508  1.00 33.60 ? 613 GLU A CB  1 
ATOM   315 N  N   . LYS A 1 45 ? 8.491   -17.117 -1.940  1.00 31.87 ? 614 LYS A N   1 
ATOM   316 C  CA  . LYS A 1 45 ? 7.736   -17.033 -3.184  1.00 31.88 ? 614 LYS A CA  1 
ATOM   317 C  C   . LYS A 1 45 ? 6.691   -15.909 -3.117  1.00 31.40 ? 614 LYS A C   1 
ATOM   318 O  O   . LYS A 1 45 ? 6.478   -15.220 -4.111  1.00 32.40 ? 614 LYS A O   1 
ATOM   319 C  CB  . LYS A 1 45 ? 7.065   -18.386 -3.472  1.00 34.67 ? 614 LYS A CB  1 
ATOM   320 C  CG  . LYS A 1 45 ? 6.135   -18.411 -4.688  1.00 40.22 ? 614 LYS A CG  1 
ATOM   321 C  CD  . LYS A 1 45 ? 5.184   -19.605 -4.615  1.00 45.51 ? 614 LYS A CD  1 
ATOM   322 C  CE  . LYS A 1 45 ? 4.162   -19.626 -5.729  1.00 50.15 ? 614 LYS A CE  1 
ATOM   323 N  NZ  . LYS A 1 45 ? 4.789   -19.831 -7.070  1.00 52.51 ? 614 LYS A NZ  1 
ATOM   324 N  N   . ALA A 1 46 ? 6.054   -15.710 -1.949  1.00 29.36 ? 615 ALA A N   1 
ATOM   325 C  CA  . ALA A 1 46 ? 5.012   -14.699 -1.804  1.00 28.48 ? 615 ALA A CA  1 
ATOM   326 C  C   . ALA A 1 46 ? 5.299   -13.786 -0.624  1.00 27.56 ? 615 ALA A C   1 
ATOM   327 O  O   . ALA A 1 46 ? 5.066   -14.155 0.530   1.00 27.72 ? 615 ALA A O   1 
ATOM   328 C  CB  . ALA A 1 46 ? 3.654   -15.364 -1.631  1.00 28.74 ? 615 ALA A CB  1 
ATOM   329 N  N   . TYR A 1 47 ? 5.837   -12.607 -0.913  1.00 25.96 ? 616 TYR A N   1 
ATOM   330 C  CA  . TYR A 1 47 ? 6.174   -11.629 0.111   1.00 25.26 ? 616 TYR A CA  1 
ATOM   331 C  C   . TYR A 1 47 ? 5.480   -10.294 -0.189  1.00 24.39 ? 616 TYR A C   1 
ATOM   332 O  O   . TYR A 1 47 ? 4.688   -10.223 -1.134  1.00 24.70 ? 616 TYR A O   1 
ATOM   333 C  CB  . TYR A 1 47 ? 7.699   -11.514 0.363   1.00 25.36 ? 616 TYR A CB  1 
ATOM   334 C  CG  . TYR A 1 47 ? 8.504   -11.275 -0.896  1.00 26.23 ? 616 TYR A CG  1 
ATOM   335 C  CD1 . TYR A 1 47 ? 8.816   -12.320 -1.753  1.00 27.23 ? 616 TYR A CD1 1 
ATOM   336 C  CD2 . TYR A 1 47 ? 8.991   -10.010 -1.204  1.00 27.20 ? 616 TYR A CD2 1 
ATOM   337 C  CE1 . TYR A 1 47 ? 9.550   -12.108 -2.915  1.00 28.69 ? 616 TYR A CE1 1 
ATOM   338 C  CE2 . TYR A 1 47 ? 9.750   -9.788  -2.350  1.00 28.13 ? 616 TYR A CE2 1 
ATOM   339 C  CZ  . TYR A 1 47 ? 10.027  -10.840 -3.205  1.00 29.38 ? 616 TYR A CZ  1 
ATOM   340 O  OH  . TYR A 1 47 ? 10.762  -10.630 -4.348  1.00 30.86 ? 616 TYR A OH  1 
ATOM   341 N  N   . MET A 1 48 ? 5.727   -9.268  0.628   1.00 23.69 ? 617 MET A N   1 
ATOM   342 C  CA  A MET A 1 48 ? 4.997   -8.021  0.519   0.50 24.14 ? 617 MET A CA  1 
ATOM   343 C  CA  B MET A 1 48 ? 5.017   -8.024  0.432   0.50 23.79 ? 617 MET A CA  1 
ATOM   344 C  C   . MET A 1 48 ? 5.858   -6.769  0.615   1.00 23.67 ? 617 MET A C   1 
ATOM   345 O  O   . MET A 1 48 ? 6.979   -6.821  1.106   1.00 24.87 ? 617 MET A O   1 
ATOM   346 C  CB  A MET A 1 48 ? 3.929   -7.987  1.625   0.50 25.53 ? 617 MET A CB  1 
ATOM   347 C  CB  B MET A 1 48 ? 3.787   -8.024  1.330   0.50 24.25 ? 617 MET A CB  1 
ATOM   348 C  CG  A MET A 1 48 ? 4.520   -7.981  3.017   0.50 28.56 ? 617 MET A CG  1 
ATOM   349 C  CG  B MET A 1 48 ? 4.113   -8.024  2.779   0.50 25.59 ? 617 MET A CG  1 
ATOM   350 S  SD  A MET A 1 48 ? 3.366   -7.610  4.357   0.50 35.73 ? 617 MET A SD  1 
ATOM   351 S  SD  B MET A 1 48 ? 4.203   -6.326  3.323   0.50 27.56 ? 617 MET A SD  1 
ATOM   352 C  CE  A MET A 1 48 ? 2.812   -5.998  3.861   0.50 37.02 ? 617 MET A CE  1 
ATOM   353 C  CE  B MET A 1 48 ? 2.993   -6.366  4.685   0.50 26.82 ? 617 MET A CE  1 
ATOM   354 N  N   . TYR A 1 49 ? 5.298   -5.692  0.100   1.00 21.73 ? 618 TYR A N   1 
ATOM   355 C  CA  . TYR A 1 49 ? 5.866   -4.340  0.246   1.00 21.83 ? 618 TYR A CA  1 
ATOM   356 C  C   . TYR A 1 49 ? 4.812   -3.494  0.958   1.00 20.95 ? 618 TYR A C   1 
ATOM   357 O  O   . TYR A 1 49 ? 3.649   -3.648  0.691   1.00 21.08 ? 618 TYR A O   1 
ATOM   358 C  CB  . TYR A 1 49 ? 6.222   -3.782  -1.129  1.00 22.26 ? 618 TYR A CB  1 
ATOM   359 C  CG  . TYR A 1 49 ? 7.403   -4.436  -1.798  1.00 23.82 ? 618 TYR A CG  1 
ATOM   360 C  CD1 . TYR A 1 49 ? 7.274   -5.610  -2.518  1.00 24.54 ? 618 TYR A CD1 1 
ATOM   361 C  CD2 . TYR A 1 49 ? 8.653   -3.856  -1.738  1.00 24.98 ? 618 TYR A CD2 1 
ATOM   362 C  CE1 . TYR A 1 49 ? 8.350   -6.195  -3.157  1.00 25.57 ? 618 TYR A CE1 1 
ATOM   363 C  CE2 . TYR A 1 49 ? 9.743   -4.427  -2.366  1.00 25.77 ? 618 TYR A CE2 1 
ATOM   364 C  CZ  . TYR A 1 49 ? 9.594   -5.598  -3.084  1.00 26.56 ? 618 TYR A CZ  1 
ATOM   365 O  OH  . TYR A 1 49 ? 10.675  -6.152  -3.685  1.00 27.35 ? 618 TYR A OH  1 
ATOM   366 N  N   . ARG A 1 50 ? 5.247   -2.616  1.843   1.00 20.17 ? 619 ARG A N   1 
ATOM   367 C  CA  . ARG A 1 50 ? 4.269   -1.784  2.570   1.00 20.59 ? 619 ARG A CA  1 
ATOM   368 C  C   . ARG A 1 50 ? 4.732   -0.335  2.712   1.00 21.16 ? 619 ARG A C   1 
ATOM   369 O  O   . ARG A 1 50 ? 5.905   -0.092  2.875   1.00 21.30 ? 619 ARG A O   1 
ATOM   370 C  CB  . ARG A 1 50 ? 3.982   -2.383  3.955   1.00 21.02 ? 619 ARG A CB  1 
ATOM   371 C  CG  . ARG A 1 50 ? 2.978   -1.617  4.802   1.00 21.71 ? 619 ARG A CG  1 
ATOM   372 C  CD  . ARG A 1 50 ? 2.640   -2.175  6.165   1.00 23.99 ? 619 ARG A CD  1 
ATOM   373 N  NE  . ARG A 1 50 ? 1.901   -1.293  7.029   1.00 24.12 ? 619 ARG A NE  1 
ATOM   374 C  CZ  . ARG A 1 50 ? 0.630   -0.999  6.895   1.00 26.14 ? 619 ARG A CZ  1 
ATOM   375 N  NH1 . ARG A 1 50 ? -0.074  -1.521  5.912   1.00 25.78 ? 619 ARG A NH1 1 
ATOM   376 N  NH2 . ARG A 1 50 ? 0.059   -0.185  7.746   1.00 24.72 ? 619 ARG A NH2 1 
ATOM   377 N  N   . CYS A 1 51 ? 3.773   0.570   2.587   1.00 20.75 ? 620 CYS A N   1 
ATOM   378 C  CA  . CYS A 1 51 ? 3.985   1.956   3.013   1.00 20.87 ? 620 CYS A CA  1 
ATOM   379 C  C   . CYS A 1 51 ? 3.157   2.172   4.288   1.00 20.70 ? 620 CYS A C   1 
ATOM   380 O  O   . CYS A 1 51 ? 1.948   2.175   4.215   1.00 19.67 ? 620 CYS A O   1 
ATOM   381 C  CB  . CYS A 1 51 ? 3.572   2.975   1.987   1.00 21.35 ? 620 CYS A CB  1 
ATOM   382 S  SG  . CYS A 1 51 ? 3.830   4.614   2.699   1.00 23.73 ? 620 CYS A SG  1 
ATOM   383 N  N   . GLU A 1 52 ? 3.852   2.310   5.410   1.00 21.55 ? 621 GLU A N   1 
ATOM   384 C  CA  . GLU A 1 52 ? 3.217   2.400   6.720   1.00 22.55 ? 621 GLU A CA  1 
ATOM   385 C  C   . GLU A 1 52 ? 2.394   3.664   6.858   1.00 24.30 ? 621 GLU A C   1 
ATOM   386 O  O   . GLU A 1 52 ? 1.259   3.612   7.336   1.00 24.87 ? 621 GLU A O   1 
ATOM   387 C  CB  . GLU A 1 52 ? 4.266   2.316   7.840   1.00 23.91 ? 621 GLU A CB  1 
ATOM   388 C  CG  . GLU A 1 52 ? 3.647   2.242   9.238   1.00 24.62 ? 621 GLU A CG  1 
ATOM   389 C  CD  . GLU A 1 52 ? 2.719   1.060   9.469   1.00 26.55 ? 621 GLU A CD  1 
ATOM   390 O  OE1 . GLU A 1 52 ? 3.162   -0.091  9.256   1.00 26.59 ? 621 GLU A OE1 1 
ATOM   391 O  OE2 . GLU A 1 52 ? 1.555   1.275   9.886   1.00 28.34 ? 621 GLU A OE2 1 
ATOM   392 N  N   . LYS A 1 53 ? 2.918   4.777   6.353   1.00 24.91 ? 622 LYS A N   1 
ATOM   393 C  CA  . LYS A 1 53 ? 2.209   6.052   6.461   1.00 26.56 ? 622 LYS A CA  1 
ATOM   394 C  C   . LYS A 1 53 ? 0.943   6.106   5.594   1.00 26.01 ? 622 LYS A C   1 
ATOM   395 O  O   . LYS A 1 53 ? 0.025   6.852   5.921   1.00 27.04 ? 622 LYS A O   1 
ATOM   396 C  CB  . LYS A 1 53 ? 3.145   7.239   6.212   1.00 30.24 ? 622 LYS A CB  1 
ATOM   397 C  CG  . LYS A 1 53 ? 3.617   7.372   4.787   1.00 37.04 ? 622 LYS A CG  1 
ATOM   398 C  CD  . LYS A 1 53 ? 5.100   7.741   4.708   1.00 44.06 ? 622 LYS A CD  1 
ATOM   399 C  CE  . LYS A 1 53 ? 5.406   9.136   5.184   1.00 48.55 ? 622 LYS A CE  1 
ATOM   400 N  NZ  . LYS A 1 53 ? 6.793   9.551   4.806   1.00 51.31 ? 622 LYS A NZ  1 
ATOM   401 N  N   . CYS A 1 54 ? 0.864   5.302   4.529   1.00 24.11 ? 623 CYS A N   1 
ATOM   402 C  CA  . CYS A 1 54 ? -0.330  5.254   3.682   1.00 23.56 ? 623 CYS A CA  1 
ATOM   403 C  C   . CYS A 1 54 ? -1.234  4.059   3.975   1.00 24.27 ? 623 CYS A C   1 
ATOM   404 O  O   . CYS A 1 54 ? -2.312  3.997   3.382   1.00 25.53 ? 623 CYS A O   1 
ATOM   405 C  CB  . CYS A 1 54 ? 0.060   5.260   2.204   1.00 23.46 ? 623 CYS A CB  1 
ATOM   406 S  SG  . CYS A 1 54 ? 0.755   6.828   1.617   1.00 23.80 ? 623 CYS A SG  1 
ATOM   407 N  N   . ASP A 1 55 ? -0.777  3.061   4.779   1.00 23.89 ? 624 ASP A N   1 
ATOM   408 C  CA  . ASP A 1 55 ? -1.483  1.779   5.036   1.00 23.19 ? 624 ASP A CA  1 
ATOM   409 C  C   . ASP A 1 55 ? -1.741  1.121   3.664   1.00 22.94 ? 624 ASP A C   1 
ATOM   410 O  O   . ASP A 1 55 ? -2.885  0.840   3.301   1.00 23.13 ? 624 ASP A O   1 
ATOM   411 C  CB  . ASP A 1 55 ? -2.805  1.962   5.810   1.00 24.58 ? 624 ASP A CB  1 
ATOM   412 C  CG  . ASP A 1 55 ? -3.483  0.634   6.106   1.00 28.70 ? 624 ASP A CG  1 
ATOM   413 O  OD1 . ASP A 1 55 ? -2.765  -0.358  6.331   1.00 29.23 ? 624 ASP A OD1 1 
ATOM   414 O  OD2 . ASP A 1 55 ? -4.726  0.587   6.090   1.00 31.38 ? 624 ASP A OD2 1 
ATOM   415 N  N   . TYR A 1 56 ? -0.676  1.008   2.885   1.00 21.49 ? 625 TYR A N   1 
ATOM   416 C  CA  . TYR A 1 56 ? -0.718  0.470   1.513   1.00 20.80 ? 625 TYR A CA  1 
ATOM   417 C  C   . TYR A 1 56 ? 0.121   -0.802  1.472   1.00 21.30 ? 625 TYR A C   1 
ATOM   418 O  O   . TYR A 1 56 ? 1.288   -0.724  1.726   1.00 21.91 ? 625 TYR A O   1 
ATOM   419 C  CB  . TYR A 1 56 ? -0.171  1.506   0.542   1.00 20.35 ? 625 TYR A CB  1 
ATOM   420 C  CG  . TYR A 1 56 ? -0.291  1.162   -0.912  1.00 20.00 ? 625 TYR A CG  1 
ATOM   421 C  CD1 . TYR A 1 56 ? -1.521  1.043   -1.520  1.00 20.76 ? 625 TYR A CD1 1 
ATOM   422 C  CD2 . TYR A 1 56 ? 0.831   0.981   -1.688  1.00 20.55 ? 625 TYR A CD2 1 
ATOM   423 C  CE1 . TYR A 1 56 ? -1.640  0.770   -2.869  1.00 21.44 ? 625 TYR A CE1 1 
ATOM   424 C  CE2 . TYR A 1 56 ? 0.732   0.706   -3.037  1.00 21.09 ? 625 TYR A CE2 1 
ATOM   425 C  CZ  . TYR A 1 56 ? -0.504  0.586   -3.632  1.00 21.81 ? 625 TYR A CZ  1 
ATOM   426 O  OH  . TYR A 1 56 ? -0.580  0.330   -4.956  1.00 23.14 ? 625 TYR A OH  1 
ATOM   427 N  N   . ASP A 1 57 ? -0.534  -1.912  1.172   1.00 19.88 ? 626 ASP A N   1 
ATOM   428 C  CA  . ASP A 1 57 ? 0.070   -3.245  1.128   1.00 20.09 ? 626 ASP A CA  1 
ATOM   429 C  C   . ASP A 1 57 ? -0.027  -3.840  -0.248  1.00 20.08 ? 626 ASP A C   1 
ATOM   430 O  O   . ASP A 1 57 ? -1.119  -3.915  -0.790  1.00 20.45 ? 626 ASP A O   1 
ATOM   431 C  CB  . ASP A 1 57 ? -0.729  -4.184  2.039   1.00 22.20 ? 626 ASP A CB  1 
ATOM   432 C  CG  . ASP A 1 57 ? -0.632  -3.818  3.486   1.00 26.66 ? 626 ASP A CG  1 
ATOM   433 O  OD1 . ASP A 1 57 ? 0.474   -3.475  3.925   1.00 26.75 ? 626 ASP A OD1 1 
ATOM   434 O  OD2 . ASP A 1 57 ? -1.683  -3.841  4.176   1.00 28.08 ? 626 ASP A OD2 1 
ATOM   435 N  N   . VAL A 1 58 ? 1.086   -4.228  -0.797  1.00 19.50 ? 627 VAL A N   1 
ATOM   436 C  CA  A VAL A 1 58 ? 1.110   -4.889  -2.141  0.50 19.94 ? 627 VAL A CA  1 
ATOM   437 C  CA  B VAL A 1 58 ? 1.132   -4.870  -2.152  0.50 19.59 ? 627 VAL A CA  1 
ATOM   438 C  C   . VAL A 1 58 ? 1.950   -6.218  -2.160  1.00 20.21 ? 627 VAL A C   1 
ATOM   439 O  O   . VAL A 1 58 ? 3.104   -6.455  -1.528  1.00 20.74 ? 627 VAL A O   1 
ATOM   440 C  CB  A VAL A 1 58 ? 1.604   -3.877  -3.193  0.50 20.95 ? 627 VAL A CB  1 
ATOM   441 C  CB  B VAL A 1 58 ? 1.680   -3.830  -3.154  0.50 19.93 ? 627 VAL A CB  1 
ATOM   442 C  CG1 A VAL A 1 58 ? 3.035   -3.454  -2.958  0.50 20.86 ? 627 VAL A CG1 1 
ATOM   443 C  CG1 B VAL A 1 58 ? 2.010   -4.382  -4.524  0.50 20.50 ? 627 VAL A CG1 1 
ATOM   444 C  CG2 A VAL A 1 58 ? 1.431   -4.369  -4.612  0.50 21.93 ? 627 VAL A CG2 1 
ATOM   445 C  CG2 B VAL A 1 58 ? 0.727   -2.663  -3.316  0.50 19.46 ? 627 VAL A CG2 1 
ATOM   446 N  N   . CYS A 1 59 ? 1.495   -7.174  -2.995  1.00 20.02 ? 628 CYS A N   1 
ATOM   447 C  CA  . CYS A 1 59 ? 2.243   -8.443  -3.140  1.00 20.54 ? 628 CYS A CA  1 
ATOM   448 C  C   . CYS A 1 59 ? 3.552   -8.170  -3.934  1.00 20.98 ? 628 CYS A C   1 
ATOM   449 O  O   . CYS A 1 59 ? 3.659   -7.144  -4.607  1.00 20.49 ? 628 CYS A O   1 
ATOM   450 C  CB  . CYS A 1 59 ? 1.384   -9.528  -3.810  1.00 21.25 ? 628 CYS A CB  1 
ATOM   451 S  SG  . CYS A 1 59 ? 1.132   -9.316  -5.602  1.00 23.60 ? 628 CYS A SG  1 
ATOM   452 N  N   . ASN A 1 60 ? 4.540   -9.091  -3.868  1.00 21.43 ? 629 ASN A N   1 
ATOM   453 C  CA  . ASN A 1 60 ? 5.794   -8.877  -4.576  1.00 22.95 ? 629 ASN A CA  1 
ATOM   454 C  C   . ASN A 1 60 ? 5.586   -8.789  -6.091  1.00 24.26 ? 629 ASN A C   1 
ATOM   455 O  O   . ASN A 1 60 ? 6.306   -8.045  -6.748  1.00 24.27 ? 629 ASN A O   1 
ATOM   456 C  CB  . ASN A 1 60 ? 6.806   -9.961  -4.243  1.00 25.24 ? 629 ASN A CB  1 
ATOM   457 C  CG  . ASN A 1 60 ? 6.289   -11.357 -4.493  1.00 29.38 ? 629 ASN A CG  1 
ATOM   458 O  OD1 . ASN A 1 60 ? 5.380   -11.840 -3.816  1.00 29.63 ? 629 ASN A OD1 1 
ATOM   459 N  ND2 . ASN A 1 60 ? 6.869   -12.048 -5.479  1.00 31.91 ? 629 ASN A ND2 1 
ATOM   460 N  N   . GLN A 1 61 ? 4.608   -9.543  -6.629  1.00 24.70 ? 630 GLN A N   1 
ATOM   461 C  CA  . GLN A 1 61 ? 4.311   -9.587  -8.066  1.00 26.29 ? 630 GLN A CA  1 
ATOM   462 C  C   . GLN A 1 61 ? 3.858   -8.225  -8.574  1.00 26.38 ? 630 GLN A C   1 
ATOM   463 O  O   . GLN A 1 61 ? 4.391   -7.746  -9.572  1.00 27.33 ? 630 GLN A O   1 
ATOM   464 C  CB  . GLN A 1 61 ? 3.238   -10.653 -8.356  1.00 30.07 ? 630 GLN A CB  1 
ATOM   465 C  CG  . GLN A 1 61 ? 3.767   -11.916 -9.021  1.00 37.79 ? 630 GLN A CG  1 
ATOM   466 C  CD  . GLN A 1 61 ? 2.939   -13.154 -8.705  1.00 45.58 ? 630 GLN A CD  1 
ATOM   467 O  OE1 . GLN A 1 61 ? 1.838   -13.083 -8.129  1.00 48.69 ? 630 GLN A OE1 1 
ATOM   468 N  NE2 . GLN A 1 61 ? 3.455   -14.324 -9.079  1.00 46.15 ? 630 GLN A NE2 1 
ATOM   469 N  N   . CYS A 1 62 ? 2.908   -7.587  -7.874  1.00 25.34 ? 631 CYS A N   1 
ATOM   470 C  CA  . CYS A 1 62 ? 2.433   -6.269  -8.287  1.00 25.34 ? 631 CYS A CA  1 
ATOM   471 C  C   . CYS A 1 62 ? 3.525   -5.199  -8.088  1.00 25.70 ? 631 CYS A C   1 
ATOM   472 O  O   . CYS A 1 62 ? 3.736   -4.353  -8.968  1.00 26.05 ? 631 CYS A O   1 
ATOM   473 C  CB  . CYS A 1 62 ? 1.142   -5.893  -7.563  1.00 24.96 ? 631 CYS A CB  1 
ATOM   474 S  SG  . CYS A 1 62 ? -0.314  -6.853  -8.051  1.00 25.01 ? 631 CYS A SG  1 
ATOM   475 N  N   . ALA A 1 63 ? 4.237   -5.251  -6.954  1.00 24.89 ? 632 ALA A N   1 
ATOM   476 C  CA  . ALA A 1 63 ? 5.244   -4.249  -6.642  1.00 25.93 ? 632 ALA A CA  1 
ATOM   477 C  C   . ALA A 1 63 ? 6.419   -4.190  -7.645  1.00 27.28 ? 632 ALA A C   1 
ATOM   478 O  O   . ALA A 1 63 ? 6.720   -3.122  -8.185  1.00 27.67 ? 632 ALA A O   1 
ATOM   479 C  CB  . ALA A 1 63 ? 5.753   -4.438  -5.224  1.00 25.48 ? 632 ALA A CB  1 
ATOM   480 N  N   . GLU A 1 64 ? 6.996   -5.346  -7.953  1.00 27.16 ? 633 GLU A N   1 
ATOM   481 C  CA  . GLU A 1 64 ? 8.148   -5.468  -8.826  1.00 28.15 ? 633 GLU A CA  1 
ATOM   482 C  C   . GLU A 1 64 ? 7.782   -5.247  -10.297 1.00 29.60 ? 633 GLU A C   1 
ATOM   483 O  O   . GLU A 1 64 ? 8.581   -4.653  -11.022 1.00 31.05 ? 633 GLU A O   1 
ATOM   484 C  CB  . GLU A 1 64 ? 8.858   -6.799  -8.550  1.00 28.68 ? 633 GLU A CB  1 
ATOM   485 C  CG  . GLU A 1 64 ? 9.509   -6.763  -7.167  1.00 30.05 ? 633 GLU A CG  1 
ATOM   486 C  CD  . GLU A 1 64 ? 9.934   -8.100  -6.589  1.00 33.76 ? 633 GLU A CD  1 
ATOM   487 O  OE1 . GLU A 1 64 ? 9.885   -9.099  -7.336  1.00 35.20 ? 633 GLU A OE1 1 
ATOM   488 O  OE2 . GLU A 1 64 ? 10.290  -8.159  -5.388  1.00 33.22 ? 633 GLU A OE2 1 
ATOM   489 N  N   . SER A 1 65 ? 6.554   -5.592  -10.708 1.00 29.31 ? 634 SER A N   1 
ATOM   490 C  CA  . SER A 1 65 ? 6.114   -5.312  -12.084 1.00 30.38 ? 634 SER A CA  1 
ATOM   491 C  C   . SER A 1 65 ? 5.536   -3.878  -12.261 1.00 31.03 ? 634 SER A C   1 
ATOM   492 O  O   . SER A 1 65 ? 5.180   -3.499  -13.376 1.00 31.58 ? 634 SER A O   1 
ATOM   493 C  CB  . SER A 1 65 ? 5.115   -6.361  -12.562 1.00 32.47 ? 634 SER A CB  1 
ATOM   494 O  OG  . SER A 1 65 ? 3.823   -6.156  -12.015 1.00 35.90 ? 634 SER A OG  1 
ATOM   495 N  N   . ARG A 1 66 ? 5.461   -3.089  -11.174 1.00 30.63 ? 635 ARG A N   1 
ATOM   496 C  CA  . ARG A 1 66 ? 4.934   -1.731  -11.170 1.00 31.53 ? 635 ARG A CA  1 
ATOM   497 C  C   . ARG A 1 66 ? 3.474   -1.693  -11.576 1.00 32.23 ? 635 ARG A C   1 
ATOM   498 O  O   . ARG A 1 66 ? 3.057   -0.809  -12.319 1.00 32.62 ? 635 ARG A O   1 
ATOM   499 C  CB  . ARG A 1 66 ? 5.789   -0.767  -12.010 1.00 32.70 ? 635 ARG A CB  1 
ATOM   500 C  CG  . ARG A 1 66 ? 6.973   -0.259  -11.234 1.00 35.24 ? 635 ARG A CG  1 
ATOM   501 C  CD  . ARG A 1 66 ? 8.132   -1.216  -11.215 1.00 36.89 ? 635 ARG A CD  1 
ATOM   502 N  NE  . ARG A 1 66 ? 9.313   -0.630  -10.579 1.00 38.91 ? 635 ARG A NE  1 
ATOM   503 C  CZ  . ARG A 1 66 ? 10.377  -1.327  -10.190 1.00 40.38 ? 635 ARG A CZ  1 
ATOM   504 N  NH1 . ARG A 1 66 ? 10.404  -2.644  -10.332 1.00 39.85 ? 635 ARG A NH1 1 
ATOM   505 N  NH2 . ARG A 1 66 ? 11.415  -0.710  -9.637  1.00 40.30 ? 635 ARG A NH2 1 
ATOM   506 N  N   . LYS A 1 67 ? 2.705   -2.685  -11.113 1.00 32.15 ? 636 LYS A N   1 
ATOM   507 C  CA  . LYS A 1 67 ? 1.280   -2.726  -11.377 1.00 32.59 ? 636 LYS A CA  1 
ATOM   508 C  C   . LYS A 1 67 ? 0.626   -1.687  -10.483 1.00 32.24 ? 636 LYS A C   1 
ATOM   509 O  O   . LYS A 1 67 ? 1.034   -1.502  -9.339  1.00 32.85 ? 636 LYS A O   1 
ATOM   510 C  CB  . LYS A 1 67 ? 0.702   -4.112  -11.074 1.00 34.86 ? 636 LYS A CB  1 
ATOM   511 C  CG  . LYS A 1 67 ? 0.694   -5.022  -12.286 1.00 40.64 ? 636 LYS A CG  1 
ATOM   512 C  CD  . LYS A 1 67 ? -0.459  -6.013  -12.218 1.00 46.18 ? 636 LYS A CD  1 
ATOM   513 C  CE  . LYS A 1 67 ? -1.801  -5.318  -12.286 1.00 49.95 ? 636 LYS A CE  1 
ATOM   514 N  NZ  . LYS A 1 67 ? -2.868  -6.140  -11.666 1.00 52.39 ? 636 LYS A NZ  1 
ATOM   515 N  N   . PHE A 1 68 ? -0.376  -1.011  -11.001 1.00 31.72 ? 637 PHE A N   1 
ATOM   516 C  CA  . PHE A 1 68 ? -1.085  0.015   -10.252 1.00 31.67 ? 637 PHE A CA  1 
ATOM   517 C  C   . PHE A 1 68 ? -2.582  -0.235  -10.303 1.00 29.49 ? 637 PHE A C   1 
ATOM   518 O  O   . PHE A 1 68 ? -3.078  -0.879  -11.225 1.00 28.10 ? 637 PHE A O   1 
ATOM   519 C  CB  . PHE A 1 68 ? -0.738  1.436   -10.778 1.00 32.54 ? 637 PHE A CB  1 
ATOM   520 C  CG  . PHE A 1 68 ? -0.973  1.656   -12.261 1.00 33.93 ? 637 PHE A CG  1 
ATOM   521 C  CD1 . PHE A 1 68 ? 0.014   1.369   -13.187 1.00 35.19 ? 637 PHE A CD1 1 
ATOM   522 C  CD2 . PHE A 1 68 ? -2.190  2.122   -12.726 1.00 34.96 ? 637 PHE A CD2 1 
ATOM   523 C  CE1 . PHE A 1 68 ? -0.205  1.559   -14.543 1.00 35.85 ? 637 PHE A CE1 1 
ATOM   524 C  CE2 . PHE A 1 68 ? -2.412  2.297   -14.084 1.00 35.70 ? 637 PHE A CE2 1 
ATOM   525 C  CZ  . PHE A 1 68 ? -1.413  2.034   -14.982 1.00 35.68 ? 637 PHE A CZ  1 
ATOM   526 N  N   . LYS A 1 69 ? -3.289  0.256   -9.284  1.00 28.66 ? 638 LYS A N   1 
ATOM   527 C  CA  . LYS A 1 69 ? -4.738  0.201   -9.189  1.00 28.94 ? 638 LYS A CA  1 
ATOM   528 C  C   . LYS A 1 69 ? -5.281  1.136   -10.277 1.00 27.63 ? 638 LYS A C   1 
ATOM   529 O  O   . LYS A 1 69 ? -4.763  2.240   -10.462 1.00 28.28 ? 638 LYS A O   1 
ATOM   530 C  CB  . LYS A 1 69 ? -5.168  0.717   -7.804  1.00 32.26 ? 638 LYS A CB  1 
ATOM   531 C  CG  . LYS A 1 69 ? -6.567  0.338   -7.377  1.00 38.31 ? 638 LYS A CG  1 
ATOM   532 C  CD  . LYS A 1 69 ? -6.691  -1.118  -7.069  1.00 42.40 ? 638 LYS A CD  1 
ATOM   533 C  CE  . LYS A 1 69 ? -7.975  -1.416  -6.352  1.00 45.78 ? 638 LYS A CE  1 
ATOM   534 N  NZ  . LYS A 1 69 ? -7.959  -2.781  -5.771  1.00 49.16 ? 638 LYS A NZ  1 
ATOM   535 N  N   . GLU A 1 70 ? -6.300  0.691   -11.007 1.00 25.93 ? 639 GLU A N   1 
ATOM   536 C  CA  . GLU A 1 70 ? -6.901  1.499   -12.061 1.00 25.02 ? 639 GLU A CA  1 
ATOM   537 C  C   . GLU A 1 70 ? -7.973  2.470   -11.527 1.00 24.04 ? 639 GLU A C   1 
ATOM   538 O  O   . GLU A 1 70 ? -8.514  3.230   -12.306 1.00 23.95 ? 639 GLU A O   1 
ATOM   539 C  CB  . GLU A 1 70 ? -7.456  0.602   -13.184 1.00 26.49 ? 639 GLU A CB  1 
ATOM   540 C  CG  . GLU A 1 70 ? -6.366  -0.045  -14.018 1.00 30.89 ? 639 GLU A CG  1 
ATOM   541 C  CD  . GLU A 1 70 ? -6.766  -1.362  -14.659 1.00 39.43 ? 639 GLU A CD  1 
ATOM   542 O  OE1 . GLU A 1 70 ? -7.647  -1.353  -15.550 1.00 38.09 ? 639 GLU A OE1 1 
ATOM   543 O  OE2 . GLU A 1 70 ? -6.187  -2.405  -14.279 1.00 43.37 ? 639 GLU A OE2 1 
ATOM   544 N  N   . VAL A 1 71 ? -8.300  2.424   -10.227 1.00 23.21 ? 640 VAL A N   1 
ATOM   545 C  CA  . VAL A 1 71 ? -9.225  3.365   -9.576  1.00 23.58 ? 640 VAL A CA  1 
ATOM   546 C  C   . VAL A 1 71 ? -8.562  3.954   -8.337  1.00 23.99 ? 640 VAL A C   1 
ATOM   547 O  O   . VAL A 1 71 ? -8.099  3.202   -7.484  1.00 25.28 ? 640 VAL A O   1 
ATOM   548 C  CB  . VAL A 1 71 ? -10.627 2.799   -9.239  1.00 24.91 ? 640 VAL A CB  1 
ATOM   549 C  CG1 . VAL A 1 71 ? -11.524 3.914   -8.698  1.00 25.30 ? 640 VAL A CG1 1 
ATOM   550 C  CG2 . VAL A 1 71 ? -11.283 2.164   -10.465 1.00 25.35 ? 640 VAL A CG2 1 
ATOM   551 N  N   . HIS A 1 72 ? -8.511  5.285   -8.228  1.00 23.39 ? 641 HIS A N   1 
ATOM   552 C  CA  . HIS A 1 72 ? -7.912  5.956   -7.081  1.00 23.36 ? 641 HIS A CA  1 
ATOM   553 C  C   . HIS A 1 72 ? -8.996  6.773   -6.361  1.00 22.01 ? 641 HIS A C   1 
ATOM   554 O  O   . HIS A 1 72 ? -9.786  7.439   -7.010  1.00 21.78 ? 641 HIS A O   1 
ATOM   555 C  CB  . HIS A 1 72 ? -6.791  6.907   -7.525  1.00 24.89 ? 641 HIS A CB  1 
ATOM   556 C  CG  . HIS A 1 72 ? -5.582  6.241   -8.122  1.00 27.74 ? 641 HIS A CG  1 
ATOM   557 N  ND1 . HIS A 1 72 ? -4.470  6.980   -8.500  1.00 30.28 ? 641 HIS A ND1 1 
ATOM   558 C  CD2 . HIS A 1 72 ? -5.347  4.939   -8.395  1.00 29.28 ? 641 HIS A CD2 1 
ATOM   559 C  CE1 . HIS A 1 72 ? -3.607  6.108   -8.995  1.00 30.50 ? 641 HIS A CE1 1 
ATOM   560 N  NE2 . HIS A 1 72 ? -4.079  4.868   -8.937  1.00 30.61 ? 641 HIS A NE2 1 
ATOM   561 N  N   . PHE A 1 73 ? -9.022  6.714   -5.020  1.00 20.88 ? 642 PHE A N   1 
ATOM   562 C  CA  . PHE A 1 73 ? -9.949  7.475   -4.182  1.00 20.26 ? 642 PHE A CA  1 
ATOM   563 C  C   . PHE A 1 73 ? -9.114  8.521   -3.436  1.00 20.91 ? 642 PHE A C   1 
ATOM   564 O  O   . PHE A 1 73 ? -8.176  8.168   -2.739  1.00 21.91 ? 642 PHE A O   1 
ATOM   565 C  CB  . PHE A 1 73 ? -10.671 6.558   -3.193  1.00 19.59 ? 642 PHE A CB  1 
ATOM   566 C  CG  . PHE A 1 73 ? -11.525 5.529   -3.898  1.00 21.19 ? 642 PHE A CG  1 
ATOM   567 C  CD1 . PHE A 1 73 ? -10.982 4.327   -4.319  1.00 22.19 ? 642 PHE A CD1 1 
ATOM   568 C  CD2 . PHE A 1 73 ? -12.851 5.795   -4.202  1.00 22.96 ? 642 PHE A CD2 1 
ATOM   569 C  CE1 . PHE A 1 73 ? -11.757 3.393   -5.002  1.00 23.74 ? 642 PHE A CE1 1 
ATOM   570 C  CE2 . PHE A 1 73 ? -13.616 4.873   -4.914  1.00 24.30 ? 642 PHE A CE2 1 
ATOM   571 C  CZ  . PHE A 1 73 ? -13.066 3.671   -5.295  1.00 23.93 ? 642 PHE A CZ  1 
ATOM   572 N  N   . LEU A 1 74 ? -9.454  9.792   -3.581  1.00 20.22 ? 643 LEU A N   1 
ATOM   573 C  CA  . LEU A 1 74 ? -8.674  10.873  -3.000  1.00 21.18 ? 643 LEU A CA  1 
ATOM   574 C  C   . LEU A 1 74 ? -9.387  11.563  -1.849  1.00 21.15 ? 643 LEU A C   1 
ATOM   575 O  O   . LEU A 1 74 ? -10.600 11.807  -1.921  1.00 20.19 ? 643 LEU A O   1 
ATOM   576 C  CB  . LEU A 1 74 ? -8.346  11.908  -4.086  1.00 21.84 ? 643 LEU A CB  1 
ATOM   577 C  CG  . LEU A 1 74 ? -7.175  11.567  -5.018  1.00 24.01 ? 643 LEU A CG  1 
ATOM   578 C  CD1 . LEU A 1 74 ? -7.570  10.557  -6.072  1.00 25.24 ? 643 LEU A CD1 1 
ATOM   579 C  CD2 . LEU A 1 74 ? -6.690  12.820  -5.743  1.00 24.65 ? 643 LEU A CD2 1 
ATOM   580 N  N   . CYS A 1 75 ? -8.612  11.957  -0.838  1.00 21.31 ? 644 CYS A N   1 
ATOM   581 C  CA  . CYS A 1 75 ? -9.143  12.712  0.273   1.00 22.52 ? 644 CYS A CA  1 
ATOM   582 C  C   . CYS A 1 75 ? -9.229  14.167  -0.155  1.00 23.37 ? 644 CYS A C   1 
ATOM   583 O  O   . CYS A 1 75 ? -8.229  14.743  -0.590  1.00 23.39 ? 644 CYS A O   1 
ATOM   584 C  CB  . CYS A 1 75 ? -8.268  12.549  1.514   1.00 23.56 ? 644 CYS A CB  1 
ATOM   585 S  SG  . CYS A 1 75 ? -8.760  13.617  2.888   1.00 25.94 ? 644 CYS A SG  1 
ATOM   586 N  N   . ALA A 1 76 ? -10.416 14.771  -0.031  1.00 23.94 ? 645 ALA A N   1 
ATOM   587 C  CA  . ALA A 1 76 ? -10.590 16.170  -0.401  1.00 25.40 ? 645 ALA A CA  1 
ATOM   588 C  C   . ALA A 1 76 ? -9.804  17.107  0.510   1.00 26.83 ? 645 ALA A C   1 
ATOM   589 O  O   . ALA A 1 76 ? -9.405  18.172  0.070   1.00 27.74 ? 645 ALA A O   1 
ATOM   590 C  CB  . ALA A 1 76 ? -12.071 16.540  -0.361  1.00 25.48 ? 645 ALA A CB  1 
ATOM   591 N  N   . LYS A 1 77 ? -9.578  16.718  1.769   1.00 26.99 ? 646 LYS A N   1 
ATOM   592 C  CA  . LYS A 1 77 ? -8.949  17.597  2.742   1.00 28.32 ? 646 LYS A CA  1 
ATOM   593 C  C   . LYS A 1 77 ? -7.418  17.662  2.673   1.00 28.90 ? 646 LYS A C   1 
ATOM   594 O  O   . LYS A 1 77 ? -6.858  18.724  2.954   1.00 28.54 ? 646 LYS A O   1 
ATOM   595 C  CB  . LYS A 1 77 ? -9.430  17.218  4.145   1.00 30.08 ? 646 LYS A CB  1 
ATOM   596 C  CG  . LYS A 1 77 ? -10.943 17.411  4.251   1.00 34.93 ? 646 LYS A CG  1 
ATOM   597 C  CD  . LYS A 1 77 ? -11.534 16.689  5.432   1.00 39.42 ? 646 LYS A CD  1 
ATOM   598 C  CE  . LYS A 1 77 ? -11.737 15.218  5.171   1.00 41.82 ? 646 LYS A CE  1 
ATOM   599 N  NZ  . LYS A 1 77 ? -12.477 14.583  6.297   1.00 42.30 ? 646 LYS A NZ  1 
ATOM   600 N  N   . CYS A 1 78 ? -6.741  16.568  2.259   1.00 29.11 ? 647 CYS A N   1 
ATOM   601 C  CA  . CYS A 1 78 ? -5.270  16.592  2.190   1.00 29.44 ? 647 CYS A CA  1 
ATOM   602 C  C   . CYS A 1 78 ? -4.683  16.174  0.837   1.00 29.90 ? 647 CYS A C   1 
ATOM   603 O  O   . CYS A 1 78 ? -3.481  16.317  0.629   1.00 30.75 ? 647 CYS A O   1 
ATOM   604 C  CB  . CYS A 1 78 ? -4.664  15.776  3.325   1.00 29.29 ? 647 CYS A CB  1 
ATOM   605 S  SG  . CYS A 1 78 ? -4.949  13.989  3.195   1.00 28.19 ? 647 CYS A SG  1 
ATOM   606 N  N   . GLY A 1 79 ? -5.508  15.620  -0.043  1.00 28.92 ? 648 GLY A N   1 
ATOM   607 C  CA  . GLY A 1 79 ? -5.093  15.178  -1.366  1.00 27.85 ? 648 GLY A CA  1 
ATOM   608 C  C   . GLY A 1 79 ? -4.563  13.753  -1.431  1.00 26.06 ? 648 GLY A C   1 
ATOM   609 O  O   . GLY A 1 79 ? -4.248  13.270  -2.509  1.00 25.31 ? 648 GLY A O   1 
ATOM   610 N  N   . LYS A 1 80 ? -4.420  13.083  -0.295  1.00 25.06 ? 649 LYS A N   1 
ATOM   611 C  CA  . LYS A 1 80 ? -3.875  11.718  -0.237  1.00 25.30 ? 649 LYS A CA  1 
ATOM   612 C  C   . LYS A 1 80 ? -4.731  10.713  -1.033  1.00 23.83 ? 649 LYS A C   1 
ATOM   613 O  O   . LYS A 1 80 ? -5.960  10.762  -0.959  1.00 23.64 ? 649 LYS A O   1 
ATOM   614 C  CB  . LYS A 1 80 ? -3.785  11.290  1.226   1.00 28.18 ? 649 LYS A CB  1 
ATOM   615 C  CG  . LYS A 1 80 ? -2.774  10.214  1.535   1.00 34.78 ? 649 LYS A CG  1 
ATOM   616 C  CD  . LYS A 1 80 ? -2.499  10.229  3.040   1.00 41.42 ? 649 LYS A CD  1 
ATOM   617 C  CE  . LYS A 1 80 ? -1.394  9.283   3.447   1.00 46.82 ? 649 LYS A CE  1 
ATOM   618 N  NZ  . LYS A 1 80 ? -1.549  8.865   4.872   1.00 50.05 ? 649 LYS A NZ  1 
ATOM   619 N  N   . LYS A 1 81 ? -4.070  9.816   -1.780  1.00 22.65 ? 650 LYS A N   1 
ATOM   620 C  CA  . LYS A 1 81 ? -4.682  8.774   -2.608  1.00 22.64 ? 650 LYS A CA  1 
ATOM   621 C  C   . LYS A 1 81 ? -4.742  7.443   -1.867  1.00 21.28 ? 650 LYS A C   1 
ATOM   622 O  O   . LYS A 1 81 ? -3.812  7.089   -1.121  1.00 20.42 ? 650 LYS A O   1 
ATOM   623 C  CB  . LYS A 1 81 ? -3.896  8.578   -3.914  1.00 24.96 ? 650 LYS A CB  1 
ATOM   624 C  CG  . LYS A 1 81 ? -3.802  9.841   -4.771  1.00 29.97 ? 650 LYS A CG  1 
ATOM   625 C  CD  . LYS A 1 81 ? -2.810  9.638   -5.906  1.00 36.18 ? 650 LYS A CD  1 
ATOM   626 C  CE  . LYS A 1 81 ? -2.462  10.944  -6.586  1.00 40.85 ? 650 LYS A CE  1 
ATOM   627 N  NZ  . LYS A 1 81 ? -3.674  11.643  -7.084  1.00 44.67 ? 650 LYS A NZ  1 
ATOM   628 N  N   . PHE A 1 82 ? -5.823  6.687   -2.115  1.00 20.84 ? 651 PHE A N   1 
ATOM   629 C  CA  . PHE A 1 82 ? -6.089  5.384   -1.497  1.00 21.33 ? 651 PHE A CA  1 
ATOM   630 C  C   . PHE A 1 82 ? -6.587  4.376   -2.551  1.00 21.04 ? 651 PHE A C   1 
ATOM   631 O  O   . PHE A 1 82 ? -7.214  4.755   -3.543  1.00 20.95 ? 651 PHE A O   1 
ATOM   632 C  CB  . PHE A 1 82 ? -7.137  5.535   -0.379  1.00 22.02 ? 651 PHE A CB  1 
ATOM   633 C  CG  . PHE A 1 82 ? -6.668  6.472   0.704   1.00 24.28 ? 651 PHE A CG  1 
ATOM   634 C  CD1 . PHE A 1 82 ? -5.813  6.030   1.701   1.00 25.75 ? 651 PHE A CD1 1 
ATOM   635 C  CD2 . PHE A 1 82 ? -7.048  7.801   0.705   1.00 25.16 ? 651 PHE A CD2 1 
ATOM   636 C  CE1 . PHE A 1 82 ? -5.324  6.905   2.658   1.00 26.78 ? 651 PHE A CE1 1 
ATOM   637 C  CE2 . PHE A 1 82 ? -6.570  8.670   1.679   1.00 27.02 ? 651 PHE A CE2 1 
ATOM   638 C  CZ  . PHE A 1 82 ? -5.713  8.218   2.647   1.00 26.49 ? 651 PHE A CZ  1 
ATOM   639 N  N   . PRO A 1 83 ? -6.305  3.077   -2.360  1.00 21.04 ? 652 PRO A N   1 
ATOM   640 C  CA  . PRO A 1 83 ? -6.747  2.086   -3.353  1.00 21.24 ? 652 PRO A CA  1 
ATOM   641 C  C   . PRO A 1 83 ? -8.216  1.670   -3.246  1.00 22.06 ? 652 PRO A C   1 
ATOM   642 O  O   . PRO A 1 83 ? -8.686  0.936   -4.116  1.00 23.25 ? 652 PRO A O   1 
ATOM   643 C  CB  . PRO A 1 83 ? -5.821  0.895   -3.078  1.00 21.40 ? 652 PRO A CB  1 
ATOM   644 C  CG  . PRO A 1 83 ? -5.604  0.960   -1.587  1.00 22.23 ? 652 PRO A CG  1 
ATOM   645 C  CD  . PRO A 1 83 ? -5.537  2.452   -1.266  1.00 21.22 ? 652 PRO A CD  1 
ATOM   646 N  N   . SER A 1 84 ? -8.914  2.058   -2.152  1.00 20.79 ? 653 SER A N   1 
ATOM   647 C  CA  . SER A 1 84 ? -10.314 1.673   -1.934  1.00 20.59 ? 653 SER A CA  1 
ATOM   648 C  C   . SER A 1 84 ? -11.102 2.774   -1.232  1.00 19.70 ? 653 SER A C   1 
ATOM   649 O  O   . SER A 1 84 ? -10.528 3.616   -0.546  1.00 19.30 ? 653 SER A O   1 
ATOM   650 C  CB  . SER A 1 84 ? -10.401 0.399   -1.094  1.00 20.76 ? 653 SER A CB  1 
ATOM   651 O  OG  . SER A 1 84 ? -9.949  0.633   0.231   1.00 22.17 ? 653 SER A OG  1 
ATOM   652 N  N   . GLN A 1 85 ? -12.428 2.718   -1.362  1.00 19.98 ? 654 GLN A N   1 
ATOM   653 C  CA  . GLN A 1 85 ? -13.310 3.650   -0.667  1.00 20.40 ? 654 GLN A CA  1 
ATOM   654 C  C   . GLN A 1 85 ? -13.222 3.371   0.836   1.00 21.24 ? 654 GLN A C   1 
ATOM   655 O  O   . GLN A 1 85 ? -13.207 4.313   1.618   1.00 21.45 ? 654 GLN A O   1 
ATOM   656 C  CB  . GLN A 1 85 ? -14.749 3.500   -1.164  1.00 20.84 ? 654 GLN A CB  1 
ATOM   657 C  CG  . GLN A 1 85 ? -15.744 4.238   -0.286  1.00 22.96 ? 654 GLN A CG  1 
ATOM   658 C  CD  . GLN A 1 85 ? -17.064 4.375   -0.957  1.00 24.26 ? 654 GLN A CD  1 
ATOM   659 O  OE1 . GLN A 1 85 ? -17.341 5.394   -1.567  1.00 24.66 ? 654 GLN A OE1 1 
ATOM   660 N  NE2 . GLN A 1 85 ? -17.888 3.351   -0.861  1.00 23.44 ? 654 GLN A NE2 1 
ATOM   661 N  N   . THR A 1 86 ? -13.129 2.102   1.242   1.00 22.27 ? 655 THR A N   1 
ATOM   662 C  CA  . THR A 1 86 ? -13.034 1.753   2.659   1.00 23.78 ? 655 THR A CA  1 
ATOM   663 C  C   . THR A 1 86 ? -11.801 2.391   3.324   1.00 23.42 ? 655 THR A C   1 
ATOM   664 O  O   . THR A 1 86 ? -11.928 2.947   4.412   1.00 23.22 ? 655 THR A O   1 
ATOM   665 C  CB  . THR A 1 86 ? -13.109 0.226   2.860   1.00 26.87 ? 655 THR A CB  1 
ATOM   666 O  OG1 . THR A 1 86 ? -14.330 -0.255  2.287   1.00 29.33 ? 655 THR A OG1 1 
ATOM   667 C  CG2 . THR A 1 86 ? -13.107 -0.159  4.324   1.00 27.33 ? 655 THR A CG2 1 
ATOM   668 N  N   . LYS A 1 87 ? -10.627 2.352   2.660   1.00 22.84 ? 656 LYS A N   1 
ATOM   669 C  CA  . LYS A 1 87 ? -9.419  2.957   3.232   1.00 22.41 ? 656 LYS A CA  1 
ATOM   670 C  C   . LYS A 1 87 ? -9.500  4.451   3.265   1.00 21.93 ? 656 LYS A C   1 
ATOM   671 O  O   . LYS A 1 87 ? -9.096  5.059   4.255   1.00 21.97 ? 656 LYS A O   1 
ATOM   672 C  CB  . LYS A 1 87 ? -8.146  2.480   2.534   1.00 24.42 ? 656 LYS A CB  1 
ATOM   673 C  CG  . LYS A 1 87 ? -7.837  1.051   2.937   1.00 28.30 ? 656 LYS A CG  1 
ATOM   674 C  CD  . LYS A 1 87 ? -6.540  0.556   2.361   1.00 33.38 ? 656 LYS A CD  1 
ATOM   675 C  CE  . LYS A 1 87 ? -6.158  -0.740  3.026   1.00 35.87 ? 656 LYS A CE  1 
ATOM   676 N  NZ  . LYS A 1 87 ? -4.763  -1.087  2.731   1.00 39.06 ? 656 LYS A NZ  1 
ATOM   677 N  N   . LEU A 1 88 ? -10.096 5.060   2.231   1.00 21.34 ? 657 LEU A N   1 
ATOM   678 C  CA  . LEU A 1 88 ? -10.327 6.509   2.235   1.00 21.11 ? 657 LEU A CA  1 
ATOM   679 C  C   . LEU A 1 88 ? -11.254 6.880   3.406   1.00 21.88 ? 657 LEU A C   1 
ATOM   680 O  O   . LEU A 1 88 ? -10.982 7.852   4.105   1.00 22.05 ? 657 LEU A O   1 
ATOM   681 C  CB  . LEU A 1 88 ? -10.954 6.975   0.898   1.00 20.18 ? 657 LEU A CB  1 
ATOM   682 C  CG  . LEU A 1 88 ? -11.493 8.426   0.873   1.00 20.97 ? 657 LEU A CG  1 
ATOM   683 C  CD1 . LEU A 1 88 ? -10.346 9.417   1.044   1.00 20.54 ? 657 LEU A CD1 1 
ATOM   684 C  CD2 . LEU A 1 88 ? -12.230 8.703   -0.427  1.00 22.14 ? 657 LEU A CD2 1 
ATOM   685 N  N   . GLN A 1 89 ? -12.327 6.106   3.619   1.00 22.24 ? 658 GLN A N   1 
ATOM   686 C  CA  . GLN A 1 89 ? -13.274 6.385   4.698   1.00 23.65 ? 658 GLN A CA  1 
ATOM   687 C  C   . GLN A 1 89 ? -12.629 6.298   6.086   1.00 25.38 ? 658 GLN A C   1 
ATOM   688 O  O   . GLN A 1 89 ? -12.880 7.180   6.901   1.00 25.61 ? 658 GLN A O   1 
ATOM   689 C  CB  . GLN A 1 89 ? -14.509 5.501   4.585   1.00 24.30 ? 658 GLN A CB  1 
ATOM   690 C  CG  . GLN A 1 89 ? -15.408 5.962   3.432   1.00 25.67 ? 658 GLN A CG  1 
ATOM   691 C  CD  . GLN A 1 89 ? -16.518 4.987   3.136   1.00 28.87 ? 658 GLN A CD  1 
ATOM   692 O  OE1 . GLN A 1 89 ? -16.444 3.805   3.486   1.00 30.80 ? 658 GLN A OE1 1 
ATOM   693 N  NE2 . GLN A 1 89 ? -17.563 5.461   2.472   1.00 26.10 ? 658 GLN A NE2 1 
ATOM   694 N  N   . TYR A 1 90 ? -11.745 5.305   6.319   1.00 26.53 ? 659 TYR A N   1 
ATOM   695 C  CA  . TYR A 1 90 ? -11.034 5.197   7.606   1.00 28.96 ? 659 TYR A CA  1 
ATOM   696 C  C   . TYR A 1 90 ? -10.149 6.433   7.800   1.00 28.51 ? 659 TYR A C   1 
ATOM   697 O  O   . TYR A 1 90 ? -10.170 7.025   8.872   1.00 29.40 ? 659 TYR A O   1 
ATOM   698 C  CB  . TYR A 1 90 ? -10.148 3.946   7.685   1.00 30.84 ? 659 TYR A CB  1 
ATOM   699 C  CG  . TYR A 1 90 ? -10.871 2.623   7.649   1.00 34.83 ? 659 TYR A CG  1 
ATOM   700 C  CD1 . TYR A 1 90 ? -12.149 2.492   8.170   1.00 37.25 ? 659 TYR A CD1 1 
ATOM   701 C  CD2 . TYR A 1 90 ? -10.240 1.479   7.180   1.00 37.28 ? 659 TYR A CD2 1 
ATOM   702 C  CE1 . TYR A 1 90 ? -12.805 1.265   8.171   1.00 39.05 ? 659 TYR A CE1 1 
ATOM   703 C  CE2 . TYR A 1 90 ? -10.888 0.254   7.166   1.00 39.16 ? 659 TYR A CE2 1 
ATOM   704 C  CZ  . TYR A 1 90 ? -12.161 0.144   7.686   1.00 40.73 ? 659 TYR A CZ  1 
ATOM   705 O  OH  . TYR A 1 90 ? -12.794 -1.079  7.653   1.00 44.37 ? 659 TYR A OH  1 
ATOM   706 N  N   . HIS A 1 91 ? -9.424  6.861   6.749   1.00 27.03 ? 660 HIS A N   1 
ATOM   707 C  CA  . HIS A 1 91 ? -8.569  8.047   6.812   1.00 26.39 ? 660 HIS A CA  1 
ATOM   708 C  C   . HIS A 1 91 ? -9.385  9.309   7.106   1.00 26.82 ? 660 HIS A C   1 
ATOM   709 O  O   . HIS A 1 91 ? -9.019  10.086  7.984   1.00 26.96 ? 660 HIS A O   1 
ATOM   710 C  CB  . HIS A 1 91 ? -7.812  8.242   5.465   1.00 25.80 ? 660 HIS A CB  1 
ATOM   711 C  CG  . HIS A 1 91 ? -7.140  9.580   5.300   1.00 26.05 ? 660 HIS A CG  1 
ATOM   712 N  ND1 . HIS A 1 91 ? -5.890  9.834   5.840   1.00 27.63 ? 660 HIS A ND1 1 
ATOM   713 C  CD2 . HIS A 1 91 ? -7.570  10.699  4.665   1.00 26.43 ? 660 HIS A CD2 1 
ATOM   714 C  CE1 . HIS A 1 91 ? -5.592  11.076  5.499   1.00 27.80 ? 660 HIS A CE1 1 
ATOM   715 N  NE2 . HIS A 1 91 ? -6.571  11.636  4.785   1.00 27.28 ? 660 HIS A NE2 1 
ATOM   716 N  N   . SER A 1 92 ? -10.440 9.542   6.312   1.00 26.76 ? 661 SER A N   1 
ATOM   717 C  CA  . SER A 1 92 ? -11.282 10.728  6.360   1.00 28.34 ? 661 SER A CA  1 
ATOM   718 C  C   . SER A 1 92 ? -11.906 10.999  7.736   1.00 29.12 ? 661 SER A C   1 
ATOM   719 O  O   . SER A 1 92 ? -12.037 12.157  8.126   1.00 29.04 ? 661 SER A O   1 
ATOM   720 C  CB  . SER A 1 92 ? -12.350 10.660  5.271   1.00 30.98 ? 661 SER A CB  1 
ATOM   721 O  OG  . SER A 1 92 ? -12.904 11.943  5.033   1.00 35.41 ? 661 SER A OG  1 
ATOM   722 N  N   . ARG A 1 93 ? -12.243 9.954   8.482   1.00 29.77 ? 662 ARG A N   1 
ATOM   723 C  CA  . ARG A 1 93 ? -12.814 10.082  9.823   1.00 31.28 ? 662 ARG A CA  1 
ATOM   724 C  C   . ARG A 1 93 ? -11.899 10.910  10.748  1.00 30.92 ? 662 ARG A C   1 
ATOM   725 O  O   . ARG A 1 93 ? -12.383 11.750  11.513  1.00 31.41 ? 662 ARG A O   1 
ATOM   726 C  CB  . ARG A 1 93 ? -13.048 8.683   10.407  1.00 34.51 ? 662 ARG A CB  1 
ATOM   727 C  CG  . ARG A 1 93 ? -13.635 8.686   11.815  1.00 40.38 ? 662 ARG A CG  1 
ATOM   728 C  CD  . ARG A 1 93 ? -15.138 8.475   11.822  1.00 45.51 ? 662 ARG A CD  1 
ATOM   729 N  NE  . ARG A 1 93 ? -15.506 7.210   11.187  1.00 49.88 ? 662 ARG A NE  1 
ATOM   730 C  CZ  . ARG A 1 93 ? -16.743 6.881   10.824  1.00 52.45 ? 662 ARG A CZ  1 
ATOM   731 N  NH1 . ARG A 1 93 ? -17.750 7.721   11.033  1.00 52.34 ? 662 ARG A NH1 1 
ATOM   732 N  NH2 . ARG A 1 93 ? -16.982 5.712   10.243  1.00 52.13 ? 662 ARG A NH2 1 
ATOM   733 N  N   . GLY A 1 94 ? -10.585 10.730  10.588  1.00 29.68 ? 663 GLY A N   1 
ATOM   734 C  CA  . GLY A 1 94 ? -9.585  11.426  11.381  1.00 29.07 ? 663 GLY A CA  1 
ATOM   735 C  C   . GLY A 1 94 ? -8.828  12.526  10.663  1.00 28.20 ? 663 GLY A C   1 
ATOM   736 O  O   . GLY A 1 94 ? -7.871  13.050  11.217  1.00 28.11 ? 663 GLY A O   1 
ATOM   737 N  N   . CYS A 1 95 ? -9.256  12.920  9.458   1.00 27.41 ? 664 CYS A N   1 
ATOM   738 C  CA  . CYS A 1 95 ? -8.565  13.963  8.697   1.00 27.58 ? 664 CYS A CA  1 
ATOM   739 C  C   . CYS A 1 95 ? -9.333  15.253  8.600   1.00 29.19 ? 664 CYS A C   1 
ATOM   740 O  O   . CYS A 1 95 ? -10.463 15.272  8.134   1.00 29.75 ? 664 CYS A O   1 
ATOM   741 C  CB  . CYS A 1 95 ? -8.147  13.476  7.308   1.00 27.51 ? 664 CYS A CB  1 
ATOM   742 S  SG  . CYS A 1 95 ? -7.233  14.711  6.336   1.00 27.84 ? 664 CYS A SG  1 
ATOM   743 N  N   . ARG A 1 96 ? -8.703  16.344  9.007   1.00 30.20 ? 665 ARG A N   1 
ATOM   744 C  CA  . ARG A 1 96 ? -9.226  17.710  8.865   1.00 31.87 ? 665 ARG A CA  1 
ATOM   745 C  C   . ARG A 1 96 ? -8.302  18.591  8.007   1.00 33.25 ? 665 ARG A C   1 
ATOM   746 O  O   . ARG A 1 96 ? -8.497  19.800  7.941   1.00 33.71 ? 665 ARG A O   1 
ATOM   747 C  CB  . ARG A 1 96 ? -9.412  18.379  10.229  1.00 33.26 ? 665 ARG A CB  1 
ATOM   748 C  CG  . ARG A 1 96 ? -10.190 17.521  11.192  1.00 38.43 ? 665 ARG A CG  1 
ATOM   749 C  CD  . ARG A 1 96 ? -11.672 17.831  11.223  1.00 44.89 ? 665 ARG A CD  1 
ATOM   750 N  NE  . ARG A 1 96 ? -12.314 17.100  12.319  1.00 50.15 ? 665 ARG A NE  1 
ATOM   751 C  CZ  . ARG A 1 96 ? -12.317 17.494  13.590  1.00 52.95 ? 665 ARG A CZ  1 
ATOM   752 N  NH1 . ARG A 1 96 ? -11.724 18.629  13.944  1.00 52.39 ? 665 ARG A NH1 1 
ATOM   753 N  NH2 . ARG A 1 96 ? -12.897 16.749  14.519  1.00 53.44 ? 665 ARG A NH2 1 
ATOM   754 N  N   . GLY A 1 97 ? -7.281  17.999  7.405   1.00 33.73 ? 666 GLY A N   1 
ATOM   755 C  CA  . GLY A 1 97 ? -6.311  18.713  6.598   1.00 34.82 ? 666 GLY A CA  1 
ATOM   756 C  C   . GLY A 1 97 ? -4.948  18.061  6.652   1.00 36.29 ? 666 GLY A C   1 
ATOM   757 O  O   . GLY A 1 97 ? -4.749  17.033  7.308   1.00 35.55 ? 666 GLY A O   1 
ATOM   758 N  N   . PRO A 1 98 ? -3.989  18.647  5.933   1.00 38.15 ? 667 PRO A N   1 
ATOM   759 C  CA  . PRO A 1 98 ? -2.642  18.058  5.895   1.00 40.01 ? 667 PRO A CA  1 
ATOM   760 C  C   . PRO A 1 98 ? -1.926  18.009  7.248   1.00 42.06 ? 667 PRO A C   1 
ATOM   761 O  O   . PRO A 1 98 ? -2.079  18.916  8.062   1.00 42.10 ? 667 PRO A O   1 
ATOM   762 C  CB  . PRO A 1 98 ? -1.892  18.954  4.901   1.00 40.63 ? 667 PRO A CB  1 
ATOM   763 C  CG  . PRO A 1 98 ? -2.681  20.229  4.835   1.00 40.56 ? 667 PRO A CG  1 
ATOM   764 C  CD  . PRO A 1 98 ? -4.101  19.845  5.079   1.00 38.17 ? 667 PRO A CD  1 
ATOM   765 N  N   . SER A 1 99 ? -1.149  16.943  7.490   1.00 43.59 ? 668 SER A N   1 
ATOM   766 C  CA  . SER A 1 99 ? -0.412  16.796  8.745   1.00 45.32 ? 668 SER A CA  1 
ATOM   767 C  C   . SER A 1 99 ? 0.815   17.712  8.766   1.00 46.84 ? 668 SER A C   1 
ATOM   768 O  O   . SER A 1 99 ? 1.668   17.613  7.884   1.00 47.64 ? 668 SER A O   1 
ATOM   769 C  CB  . SER A 1 99 ? 0.017   15.349  8.946   1.00 46.65 ? 668 SER A CB  1 
ATOM   770 O  OG  . SER A 1 99 ? -1.084  14.535  9.314   1.00 49.03 ? 668 SER A OG  1 
HETATM 771 ZN ZN  . ZN  B 2 .  ? 2.938   6.133   1.069   0.66 24.49 2 701 ZN  A ZN  1 
HETATM 772 ZN ZN  . ZN  C 2 .  ? -0.768  -8.058  -6.128  0.69 24.18 2 702 ZN  A ZN  1 
HETATM 773 ZN ZN  . ZN  D 2 .  ? -6.893  13.506  4.362   0.56 27.27 2 703 ZN  A ZN  1 
HETATM 774 S  S   . SO4 E 3 .  ? -14.150 -0.627  -1.593  1.00 29.55 ? 704 SO4 A S   1 
HETATM 775 O  O1  . SO4 E 3 .  ? -14.034 -0.105  -0.256  1.00 29.22 ? 704 SO4 A O1  1 
HETATM 776 O  O2  . SO4 E 3 .  ? -13.642 0.360   -2.572  1.00 29.34 ? 704 SO4 A O2  1 
HETATM 777 O  O3  . SO4 E 3 .  ? -13.377 -1.866  -1.758  1.00 29.46 ? 704 SO4 A O3  1 
HETATM 778 O  O4  . SO4 E 3 .  ? -15.562 -0.961  -1.783  1.00 29.51 ? 704 SO4 A O4  1 
HETATM 779 S  S   . SO4 F 3 .  ? 6.217   13.005  2.909   0.50 44.15 ? 705 SO4 A S   1 
HETATM 780 O  O1  . SO4 F 3 .  ? 6.851   14.016  3.762   0.50 44.18 ? 705 SO4 A O1  1 
HETATM 781 O  O2  . SO4 F 3 .  ? 7.230   12.071  2.417   0.50 43.77 ? 705 SO4 A O2  1 
HETATM 782 O  O3  . SO4 F 3 .  ? 5.573   13.629  1.755   0.50 44.02 ? 705 SO4 A O3  1 
HETATM 783 O  O4  . SO4 F 3 .  ? 5.217   12.278  3.700   0.50 44.04 ? 705 SO4 A O4  1 
HETATM 784 CL CL  . CL  G 4 .  ? 0.372   12.163  -9.615  0.50 64.01 ? 706 CL  A CL  1 
HETATM 785 O  O   . HOH H 5 .  ? 7.994   14.277  5.796   1.00 66.16 ? 801 HOH A O   1 
HETATM 786 O  O   . HOH H 5 .  ? -3.959  3.057   1.707   1.00 34.79 ? 802 HOH A O   1 
HETATM 787 O  O   . HOH H 5 .  ? 7.535   9.015   -8.184  1.00 35.46 ? 803 HOH A O   1 
HETATM 788 O  O   . HOH H 5 .  ? -6.598  2.098   6.899   1.00 49.40 ? 804 HOH A O   1 
HETATM 789 O  O   . HOH H 5 .  ? -0.406  11.799  -3.690  1.00 32.64 ? 805 HOH A O   1 
HETATM 790 O  O   . HOH H 5 .  ? 8.771   -15.733 5.870   1.00 39.74 ? 806 HOH A O   1 
HETATM 791 O  O   . HOH H 5 .  ? 8.840   -11.479 -7.462  1.00 48.68 ? 807 HOH A O   1 
HETATM 792 O  O   . HOH H 5 .  ? -3.195  -2.349  7.957   1.00 47.15 ? 808 HOH A O   1 
HETATM 793 O  O   . HOH H 5 .  ? -4.533  -6.537  6.782   1.00 37.84 ? 809 HOH A O   1 
HETATM 794 O  O   . HOH H 5 .  ? -3.861  20.809  8.466   1.00 38.48 ? 810 HOH A O   1 
HETATM 795 O  O   . HOH H 5 .  ? 1.553   -0.056  -6.455  1.00 42.19 ? 811 HOH A O   1 
HETATM 796 O  O   . HOH H 5 .  ? 5.653   -0.986  9.008   1.00 36.39 ? 812 HOH A O   1 
HETATM 797 O  O   . HOH H 5 .  ? -6.863  -0.839  6.815   1.00 46.28 ? 813 HOH A O   1 
HETATM 798 O  O   . HOH H 5 .  ? -9.560  -1.736  1.421   1.00 37.77 ? 814 HOH A O   1 
HETATM 799 O  O   . HOH H 5 .  ? -7.957  0.738   -17.196 1.00 31.16 ? 815 HOH A O   1 
HETATM 800 O  O   . HOH H 5 .  ? -7.504  -5.479  -2.530  1.00 50.27 ? 816 HOH A O   1 
HETATM 801 O  O   . HOH H 5 .  ? -11.650 -3.110  6.278   1.00 58.29 ? 817 HOH A O   1 
HETATM 802 O  O   . HOH H 5 .  ? -12.361 12.853  2.536   1.00 46.33 ? 818 HOH A O   1 
HETATM 803 O  O   . HOH H 5 .  ? -3.997  8.025   6.594   1.00 45.68 ? 819 HOH A O   1 
HETATM 804 O  O   . HOH H 5 .  ? -11.487 -2.946  -0.117  1.00 38.92 ? 820 HOH A O   1 
HETATM 805 O  O   . HOH H 5 .  ? -6.480  -11.876 3.190   1.00 40.93 ? 821 HOH A O   1 
HETATM 806 O  O   . HOH H 5 .  ? -7.261  -5.131  0.233   1.00 33.94 ? 822 HOH A O   1 
HETATM 807 O  O   . HOH H 5 .  ? -6.758  10.013  9.517   1.00 34.98 ? 823 HOH A O   1 
HETATM 808 O  O   . HOH H 5 .  ? 6.134   11.755  -1.876  1.00 42.35 ? 824 HOH A O   1 
HETATM 809 O  O   . HOH H 5 .  ? 5.522   -0.726  -7.626  1.00 28.47 ? 825 HOH A O   1 
HETATM 810 O  O   . HOH H 5 .  ? 5.338   -22.224 2.886   1.00 28.84 ? 826 HOH A O   1 
HETATM 811 O  O   . HOH H 5 .  ? -5.266  12.237  11.549  1.00 43.64 ? 827 HOH A O   1 
HETATM 812 O  O   . HOH H 5 .  ? 3.844   -19.047 -0.540  1.00 39.55 ? 828 HOH A O   1 
HETATM 813 O  O   . HOH H 5 .  ? -3.037  13.773  -8.713  1.00 45.38 ? 829 HOH A O   1 
HETATM 814 O  O   . HOH H 5 .  ? 11.742  -12.896 -5.573  1.00 60.40 ? 830 HOH A O   1 
HETATM 815 O  O   . HOH H 5 .  ? -8.946  7.829   11.211  1.00 46.41 ? 831 HOH A O   1 
HETATM 816 O  O   . HOH H 5 .  ? -11.067 -7.771  -1.076  1.00 58.70 ? 832 HOH A O   1 
HETATM 817 O  O   . HOH H 5 .  ? -6.692  4.534   5.535   1.00 35.49 ? 833 HOH A O   1 
HETATM 818 O  O   . HOH H 5 .  ? 6.705   -0.962  6.463   1.00 36.76 ? 834 HOH A O   1 
HETATM 819 O  O   . HOH H 5 .  ? -2.807  4.722   -0.037  1.00 21.88 ? 835 HOH A O   1 
HETATM 820 O  O   . HOH H 5 .  ? -4.308  -3.802  3.222   1.00 24.70 ? 836 HOH A O   1 
HETATM 821 O  O   . HOH H 5 .  ? -4.420  9.681   -9.245  0.50 88.72 ? 837 HOH A O   1 
HETATM 822 O  O   . HOH H 5 .  ? 3.547   0.261   -14.872 1.00 45.51 ? 838 HOH A O   1 
HETATM 823 O  O   . HOH H 5 .  ? -0.160  -17.552 8.104   1.00 46.51 ? 839 HOH A O   1 
HETATM 824 O  O   . HOH H 5 .  ? -5.728  -4.143  -10.489 1.00 44.87 ? 840 HOH A O   1 
HETATM 825 O  O   . HOH H 5 .  ? -2.356  -14.845 8.494   1.00 35.87 ? 841 HOH A O   1 
HETATM 826 O  O   . HOH H 5 .  ? -16.739 1.243   2.206   1.00 37.74 ? 842 HOH A O   1 
HETATM 827 O  O   . HOH H 5 .  ? -2.049  1.669   -7.121  1.00 29.62 ? 843 HOH A O   1 
HETATM 828 O  O   . HOH H 5 .  ? 12.560  -14.555 -3.545  1.00 52.25 ? 844 HOH A O   1 
HETATM 829 O  O   . HOH H 5 .  ? -0.381  6.985   -7.882  1.00 37.69 ? 845 HOH A O   1 
HETATM 830 O  O   . HOH H 5 .  ? -15.059 4.357   8.561   1.00 46.62 ? 846 HOH A O   1 
HETATM 831 O  O   . HOH H 5 .  ? -15.187 12.483  11.692  1.00 42.30 ? 847 HOH A O   1 
HETATM 832 O  O   . HOH H 5 .  ? 12.962  -2.524  1.827   1.00 38.96 ? 848 HOH A O   1 
HETATM 833 O  O   . HOH H 5 .  ? 3.827   -0.571  -5.537  1.00 41.42 ? 849 HOH A O   1 
HETATM 834 O  O   . HOH H 5 .  ? 12.615  -8.593  5.346   1.00 46.52 ? 850 HOH A O   1 
HETATM 835 O  O   . HOH H 5 .  ? -6.553  -6.376  3.114   1.00 47.96 ? 851 HOH A O   1 
HETATM 836 O  O   . HOH H 5 .  ? 1.005   3.552   11.638  1.00 45.17 ? 852 HOH A O   1 
HETATM 837 O  O   . HOH H 5 .  ? -6.815  19.519  -0.151  1.00 48.22 ? 853 HOH A O   1 
HETATM 838 O  O   . HOH H 5 .  ? 6.687   1.575   5.397   1.00 33.21 ? 854 HOH A O   1 
HETATM 839 O  O   . HOH H 5 .  ? -8.170  20.903  4.407   1.00 58.12 ? 855 HOH A O   1 
HETATM 840 O  O   . HOH H 5 .  ? 10.673  -13.637 1.844   1.00 41.73 ? 856 HOH A O   1 
HETATM 841 O  O   . HOH H 5 .  ? 2.891   -12.931 -4.925  1.00 50.10 ? 857 HOH A O   1 
HETATM 842 O  O   . HOH H 5 .  ? 6.900   4.679   3.154   1.00 31.47 ? 858 HOH A O   1 
HETATM 843 O  O   . HOH H 5 .  ? 0.914   10.642  -6.255  1.00 48.36 ? 859 HOH A O   1 
HETATM 844 O  O   . HOH H 5 .  ? 1.462   -23.602 5.812   1.00 39.38 ? 860 HOH A O   1 
HETATM 845 O  O   . HOH H 5 .  ? 11.448  -0.895  -2.355  1.00 55.80 ? 861 HOH A O   1 
HETATM 846 O  O   . HOH H 5 .  ? -7.785  -2.144  -2.852  1.00 29.67 ? 862 HOH A O   1 
HETATM 847 O  O   . HOH H 5 .  ? 13.169  -4.507  -3.962  1.00 52.10 ? 863 HOH A O   1 
HETATM 848 O  O   . HOH H 5 .  ? -0.214  4.653   -1.026  1.00 24.51 ? 864 HOH A O   1 
HETATM 849 O  O   . HOH H 5 .  ? -2.286  -9.095  -11.702 1.00 53.43 ? 865 HOH A O   1 
HETATM 850 O  O   . HOH H 5 .  ? -11.154 -0.562  -5.020  1.00 51.59 ? 866 HOH A O   1 
HETATM 851 O  O   . HOH H 5 .  ? -7.156  -12.015 -7.117  1.00 43.77 ? 867 HOH A O   1 
HETATM 852 O  O   . HOH H 5 .  ? 5.965   4.799   5.983   1.00 38.33 ? 868 HOH A O   1 
HETATM 853 O  O   . HOH H 5 .  ? 13.723  12.900  3.890   1.00 44.21 ? 869 HOH A O   1 
HETATM 854 O  O   . HOH H 5 .  ? 2.193   2.693   -7.158  1.00 43.20 ? 870 HOH A O   1 
HETATM 855 O  O   . HOH H 5 .  ? -7.909  -2.004  -11.009 1.00 46.53 ? 871 HOH A O   1 
HETATM 856 O  O   . HOH H 5 .  ? 6.785   -10.959 16.829  1.00 43.44 ? 872 HOH A O   1 
HETATM 857 O  O   . HOH H 5 .  ? -7.502  -8.926  -10.018 1.00 57.64 ? 873 HOH A O   1 
HETATM 858 O  O   . HOH H 5 .  ? -4.029  5.515   5.673   1.00 46.99 ? 874 HOH A O   1 
HETATM 859 O  O   . HOH H 5 .  ? 9.902   -8.255  7.681   1.00 43.09 ? 875 HOH A O   1 
HETATM 860 O  O   . HOH H 5 .  ? -7.241  -2.120  -0.076  1.00 36.51 ? 876 HOH A O   1 
HETATM 861 O  O   . HOH H 5 .  ? -5.062  -15.072 8.723   1.00 46.18 ? 877 HOH A O   1 
HETATM 862 O  O   . HOH H 5 .  ? 1.979   12.506  -0.659  1.00 51.86 ? 878 HOH A O   1 
HETATM 863 O  O   . HOH H 5 .  ? 11.001  3.203   3.368   1.00 45.39 ? 879 HOH A O   1 
HETATM 864 O  O   . HOH H 5 .  ? 13.957  -8.979  -3.965  1.00 60.73 ? 880 HOH A O   1 
HETATM 865 O  O   . HOH H 5 .  ? -2.570  11.056  7.606   1.00 56.90 ? 881 HOH A O   1 
HETATM 866 O  O   . HOH H 5 .  ? -16.000 2.490   6.865   1.00 50.62 ? 882 HOH A O   1 
HETATM 867 O  O   . HOH H 5 .  ? 0.533   -9.161  -10.290 1.00 39.57 ? 883 HOH A O   1 
HETATM 868 O  O   . HOH H 5 .  ? 9.667   -14.476 -6.284  1.00 54.03 ? 884 HOH A O   1 
HETATM 869 O  O   . HOH H 5 .  ? -4.600  20.675  0.534   1.00 52.47 ? 885 HOH A O   1 
HETATM 870 O  O   . HOH H 5 .  ? -10.891 -12.272 -0.416  1.00 44.63 ? 886 HOH A O   1 
HETATM 871 O  O   . HOH H 5 .  ? 1.129   21.587  7.563   1.00 59.05 ? 887 HOH A O   1 
HETATM 872 O  O   . HOH H 5 .  ? -12.464 20.148  1.815   1.00 54.55 ? 888 HOH A O   1 
HETATM 873 O  O   . HOH H 5 .  ? -0.224  3.988   -7.979  1.00 40.88 ? 889 HOH A O   1 
HETATM 874 O  O   . HOH H 5 .  ? -15.006 13.483  16.131  1.00 55.47 ? 890 HOH A O   1 
HETATM 875 O  O   . HOH H 5 .  ? 5.929   -20.692 -11.049 1.00 54.01 ? 891 HOH A O   1 
HETATM 876 O  O   . HOH H 5 .  ? -12.897 -10.767 -0.054  1.00 48.09 ? 892 HOH A O   1 
HETATM 877 O  O   . HOH H 5 .  ? 0.578   -20.080 7.756   0.50 45.11 ? 893 HOH A O   1 
HETATM 878 O  O   . HOH H 5 .  ? -9.576  -2.639  3.820   1.00 42.51 ? 894 HOH A O   1 
# 
